data_2GXG
# 
_entry.id   2GXG 
# 
_audit_conform.dict_name       mmcif_pdbx.dic 
_audit_conform.dict_version    5.388 
_audit_conform.dict_location   http://mmcif.pdb.org/dictionaries/ascii/mmcif_pdbx.dic 
# 
loop_
_database_2.database_id 
_database_2.database_code 
_database_2.pdbx_database_accession 
_database_2.pdbx_DOI 
PDB   2GXG         pdb_00002gxg 10.2210/pdb2gxg/pdb 
RCSB  RCSB037667   ?            ?                   
WWPDB D_1000037667 ?            ?                   
# 
loop_
_pdbx_audit_revision_history.ordinal 
_pdbx_audit_revision_history.data_content_type 
_pdbx_audit_revision_history.major_revision 
_pdbx_audit_revision_history.minor_revision 
_pdbx_audit_revision_history.revision_date 
1 'Structure model' 1 0 2007-03-20 
2 'Structure model' 1 1 2008-05-01 
3 'Structure model' 1 2 2011-07-13 
4 'Structure model' 1 3 2017-10-18 
5 'Structure model' 1 4 2024-03-13 
# 
_pdbx_audit_revision_details.ordinal             1 
_pdbx_audit_revision_details.revision_ordinal    1 
_pdbx_audit_revision_details.data_content_type   'Structure model' 
_pdbx_audit_revision_details.provider            repository 
_pdbx_audit_revision_details.type                'Initial release' 
_pdbx_audit_revision_details.description         ? 
_pdbx_audit_revision_details.details             ? 
# 
loop_
_pdbx_audit_revision_group.ordinal 
_pdbx_audit_revision_group.revision_ordinal 
_pdbx_audit_revision_group.data_content_type 
_pdbx_audit_revision_group.group 
1 2 'Structure model' 'Version format compliance' 
2 3 'Structure model' 'Derived calculations'      
3 3 'Structure model' 'Version format compliance' 
4 4 'Structure model' 'Refinement description'    
5 5 'Structure model' 'Data collection'           
6 5 'Structure model' 'Database references'       
# 
loop_
_pdbx_audit_revision_category.ordinal 
_pdbx_audit_revision_category.revision_ordinal 
_pdbx_audit_revision_category.data_content_type 
_pdbx_audit_revision_category.category 
1 4 'Structure model' software       
2 5 'Structure model' chem_comp_atom 
3 5 'Structure model' chem_comp_bond 
4 5 'Structure model' database_2     
# 
loop_
_pdbx_audit_revision_item.ordinal 
_pdbx_audit_revision_item.revision_ordinal 
_pdbx_audit_revision_item.data_content_type 
_pdbx_audit_revision_item.item 
1  4 'Structure model' '_software.classification'            
2  4 'Structure model' '_software.contact_author'            
3  4 'Structure model' '_software.contact_author_email'      
4  4 'Structure model' '_software.date'                      
5  4 'Structure model' '_software.language'                  
6  4 'Structure model' '_software.location'                  
7  4 'Structure model' '_software.name'                      
8  4 'Structure model' '_software.type'                      
9  4 'Structure model' '_software.version'                   
10 5 'Structure model' '_database_2.pdbx_DOI'                
11 5 'Structure model' '_database_2.pdbx_database_accession' 
# 
_pdbx_database_status.entry_id                        2GXG 
_pdbx_database_status.deposit_site                    RCSB 
_pdbx_database_status.process_site                    PDBJ 
_pdbx_database_status.recvd_initial_deposition_date   2006-05-08 
_pdbx_database_status.status_code                     REL 
_pdbx_database_status.status_code_sf                  REL 
_pdbx_database_status.status_code_mr                  ? 
_pdbx_database_status.SG_entry                        ? 
_pdbx_database_status.pdb_format_compatible           Y 
_pdbx_database_status.status_code_cs                  ? 
_pdbx_database_status.methods_development_category    ? 
_pdbx_database_status.status_code_nmr_data            ? 
# 
loop_
_audit_author.name 
_audit_author.pdbx_ordinal 
'Miyazono, K.'     1 
'Tsujimura, M.'    2 
'Kawarabayasi, Y.' 3 
'Tanokura, M.'     4 
# 
_citation.id                        primary 
_citation.title                     
;Crystal structure of archaeal homolog of multi drug resistance repressor protein, EmrR, from hyperthermophilic archaea Sulfolobus tokodaii strain7
;
_citation.journal_abbrev            'To be Published' 
_citation.journal_volume            ? 
_citation.page_first                ? 
_citation.page_last                 ? 
_citation.year                      ? 
_citation.journal_id_ASTM           ? 
_citation.country                   ? 
_citation.journal_id_ISSN           ? 
_citation.journal_id_CSD            0353 
_citation.book_publisher            ? 
_citation.pdbx_database_id_PubMed   ? 
_citation.pdbx_database_id_DOI      ? 
# 
loop_
_citation_author.citation_id 
_citation_author.name 
_citation_author.ordinal 
_citation_author.identifier_ORCID 
primary 'Miyazono, K.'     1 ? 
primary 'Tsujimura, M.'    2 ? 
primary 'Kawarabayasi, Y.' 3 ? 
primary 'Tanokura, M.'     4 ? 
# 
loop_
_entity.id 
_entity.type 
_entity.src_method 
_entity.pdbx_description 
_entity.formula_weight 
_entity.pdbx_number_of_molecules 
_entity.pdbx_ec 
_entity.pdbx_mutation 
_entity.pdbx_fragment 
_entity.details 
1 polymer man '146aa long hypothetical transcriptional regulator' 16879.564 1   ? ? ? ? 
2 water   nat water                                               18.015    124 ? ? ? ? 
# 
_entity_name_com.entity_id   1 
_entity_name_com.name        'TRANSCRIPTIONAL REPRESSOR PROTEIN' 
# 
_entity_poly.entity_id                      1 
_entity_poly.type                           'polypeptide(L)' 
_entity_poly.nstd_linkage                   no 
_entity_poly.nstd_monomer                   no 
_entity_poly.pdbx_seq_one_letter_code       
;MLESNENRIQIMSTIAKIYRAMSRELNRRLGELNLSYLDFLVLRATSDGPKTMAYLANRYFVTQSAITASVDKLEEMGLV
VRVRDREDRRKILIEITEKGLETFNKGIEIYKKLANEVTGDLSEDEVILVLDKISKILKRIEEISQ
;
_entity_poly.pdbx_seq_one_letter_code_can   
;MLESNENRIQIMSTIAKIYRAMSRELNRRLGELNLSYLDFLVLRATSDGPKTMAYLANRYFVTQSAITASVDKLEEMGLV
VRVRDREDRRKILIEITEKGLETFNKGIEIYKKLANEVTGDLSEDEVILVLDKISKILKRIEEISQ
;
_entity_poly.pdbx_strand_id                 A 
_entity_poly.pdbx_target_identifier         ? 
# 
_pdbx_entity_nonpoly.entity_id   2 
_pdbx_entity_nonpoly.name        water 
_pdbx_entity_nonpoly.comp_id     HOH 
# 
loop_
_entity_poly_seq.entity_id 
_entity_poly_seq.num 
_entity_poly_seq.mon_id 
_entity_poly_seq.hetero 
1 1   MET n 
1 2   LEU n 
1 3   GLU n 
1 4   SER n 
1 5   ASN n 
1 6   GLU n 
1 7   ASN n 
1 8   ARG n 
1 9   ILE n 
1 10  GLN n 
1 11  ILE n 
1 12  MET n 
1 13  SER n 
1 14  THR n 
1 15  ILE n 
1 16  ALA n 
1 17  LYS n 
1 18  ILE n 
1 19  TYR n 
1 20  ARG n 
1 21  ALA n 
1 22  MET n 
1 23  SER n 
1 24  ARG n 
1 25  GLU n 
1 26  LEU n 
1 27  ASN n 
1 28  ARG n 
1 29  ARG n 
1 30  LEU n 
1 31  GLY n 
1 32  GLU n 
1 33  LEU n 
1 34  ASN n 
1 35  LEU n 
1 36  SER n 
1 37  TYR n 
1 38  LEU n 
1 39  ASP n 
1 40  PHE n 
1 41  LEU n 
1 42  VAL n 
1 43  LEU n 
1 44  ARG n 
1 45  ALA n 
1 46  THR n 
1 47  SER n 
1 48  ASP n 
1 49  GLY n 
1 50  PRO n 
1 51  LYS n 
1 52  THR n 
1 53  MET n 
1 54  ALA n 
1 55  TYR n 
1 56  LEU n 
1 57  ALA n 
1 58  ASN n 
1 59  ARG n 
1 60  TYR n 
1 61  PHE n 
1 62  VAL n 
1 63  THR n 
1 64  GLN n 
1 65  SER n 
1 66  ALA n 
1 67  ILE n 
1 68  THR n 
1 69  ALA n 
1 70  SER n 
1 71  VAL n 
1 72  ASP n 
1 73  LYS n 
1 74  LEU n 
1 75  GLU n 
1 76  GLU n 
1 77  MET n 
1 78  GLY n 
1 79  LEU n 
1 80  VAL n 
1 81  VAL n 
1 82  ARG n 
1 83  VAL n 
1 84  ARG n 
1 85  ASP n 
1 86  ARG n 
1 87  GLU n 
1 88  ASP n 
1 89  ARG n 
1 90  ARG n 
1 91  LYS n 
1 92  ILE n 
1 93  LEU n 
1 94  ILE n 
1 95  GLU n 
1 96  ILE n 
1 97  THR n 
1 98  GLU n 
1 99  LYS n 
1 100 GLY n 
1 101 LEU n 
1 102 GLU n 
1 103 THR n 
1 104 PHE n 
1 105 ASN n 
1 106 LYS n 
1 107 GLY n 
1 108 ILE n 
1 109 GLU n 
1 110 ILE n 
1 111 TYR n 
1 112 LYS n 
1 113 LYS n 
1 114 LEU n 
1 115 ALA n 
1 116 ASN n 
1 117 GLU n 
1 118 VAL n 
1 119 THR n 
1 120 GLY n 
1 121 ASP n 
1 122 LEU n 
1 123 SER n 
1 124 GLU n 
1 125 ASP n 
1 126 GLU n 
1 127 VAL n 
1 128 ILE n 
1 129 LEU n 
1 130 VAL n 
1 131 LEU n 
1 132 ASP n 
1 133 LYS n 
1 134 ILE n 
1 135 SER n 
1 136 LYS n 
1 137 ILE n 
1 138 LEU n 
1 139 LYS n 
1 140 ARG n 
1 141 ILE n 
1 142 GLU n 
1 143 GLU n 
1 144 ILE n 
1 145 SER n 
1 146 GLN n 
# 
_entity_src_gen.entity_id                          1 
_entity_src_gen.pdbx_src_id                        1 
_entity_src_gen.pdbx_alt_source_flag               sample 
_entity_src_gen.pdbx_seq_type                      ? 
_entity_src_gen.pdbx_beg_seq_num                   ? 
_entity_src_gen.pdbx_end_seq_num                   ? 
_entity_src_gen.gene_src_common_name               ? 
_entity_src_gen.gene_src_genus                     Sulfolobus 
_entity_src_gen.pdbx_gene_src_gene                 ? 
_entity_src_gen.gene_src_species                   ? 
_entity_src_gen.gene_src_strain                    strain7 
_entity_src_gen.gene_src_tissue                    ? 
_entity_src_gen.gene_src_tissue_fraction           ? 
_entity_src_gen.gene_src_details                   ? 
_entity_src_gen.pdbx_gene_src_fragment             ? 
_entity_src_gen.pdbx_gene_src_scientific_name      'Sulfolobus tokodaii' 
_entity_src_gen.pdbx_gene_src_ncbi_taxonomy_id     111955 
_entity_src_gen.pdbx_gene_src_variant              ? 
_entity_src_gen.pdbx_gene_src_cell_line            ? 
_entity_src_gen.pdbx_gene_src_atcc                 ? 
_entity_src_gen.pdbx_gene_src_organ                ? 
_entity_src_gen.pdbx_gene_src_organelle            ? 
_entity_src_gen.pdbx_gene_src_cell                 ? 
_entity_src_gen.pdbx_gene_src_cellular_location    ? 
_entity_src_gen.host_org_common_name               ? 
_entity_src_gen.pdbx_host_org_scientific_name      'Escherichia coli' 
_entity_src_gen.pdbx_host_org_ncbi_taxonomy_id     562 
_entity_src_gen.host_org_genus                     Escherichia 
_entity_src_gen.pdbx_host_org_gene                 ? 
_entity_src_gen.pdbx_host_org_organ                ? 
_entity_src_gen.host_org_species                   ? 
_entity_src_gen.pdbx_host_org_tissue               ? 
_entity_src_gen.pdbx_host_org_tissue_fraction      ? 
_entity_src_gen.pdbx_host_org_strain               ? 
_entity_src_gen.pdbx_host_org_variant              ? 
_entity_src_gen.pdbx_host_org_cell_line            ? 
_entity_src_gen.pdbx_host_org_atcc                 ? 
_entity_src_gen.pdbx_host_org_culture_collection   ? 
_entity_src_gen.pdbx_host_org_cell                 ? 
_entity_src_gen.pdbx_host_org_organelle            ? 
_entity_src_gen.pdbx_host_org_cellular_location    ? 
_entity_src_gen.pdbx_host_org_vector_type          ? 
_entity_src_gen.pdbx_host_org_vector               ? 
_entity_src_gen.host_org_details                   ? 
_entity_src_gen.expression_system_id               ? 
_entity_src_gen.plasmid_name                       ? 
_entity_src_gen.plasmid_details                    ? 
_entity_src_gen.pdbx_description                   ? 
# 
loop_
_chem_comp.id 
_chem_comp.type 
_chem_comp.mon_nstd_flag 
_chem_comp.name 
_chem_comp.pdbx_synonyms 
_chem_comp.formula 
_chem_comp.formula_weight 
ALA 'L-peptide linking' y ALANINE         ? 'C3 H7 N O2'     89.093  
ARG 'L-peptide linking' y ARGININE        ? 'C6 H15 N4 O2 1' 175.209 
ASN 'L-peptide linking' y ASPARAGINE      ? 'C4 H8 N2 O3'    132.118 
ASP 'L-peptide linking' y 'ASPARTIC ACID' ? 'C4 H7 N O4'     133.103 
GLN 'L-peptide linking' y GLUTAMINE       ? 'C5 H10 N2 O3'   146.144 
GLU 'L-peptide linking' y 'GLUTAMIC ACID' ? 'C5 H9 N O4'     147.129 
GLY 'peptide linking'   y GLYCINE         ? 'C2 H5 N O2'     75.067  
HOH non-polymer         . WATER           ? 'H2 O'           18.015  
ILE 'L-peptide linking' y ISOLEUCINE      ? 'C6 H13 N O2'    131.173 
LEU 'L-peptide linking' y LEUCINE         ? 'C6 H13 N O2'    131.173 
LYS 'L-peptide linking' y LYSINE          ? 'C6 H15 N2 O2 1' 147.195 
MET 'L-peptide linking' y METHIONINE      ? 'C5 H11 N O2 S'  149.211 
PHE 'L-peptide linking' y PHENYLALANINE   ? 'C9 H11 N O2'    165.189 
PRO 'L-peptide linking' y PROLINE         ? 'C5 H9 N O2'     115.130 
SER 'L-peptide linking' y SERINE          ? 'C3 H7 N O3'     105.093 
THR 'L-peptide linking' y THREONINE       ? 'C4 H9 N O3'     119.119 
TYR 'L-peptide linking' y TYROSINE        ? 'C9 H11 N O3'    181.189 
VAL 'L-peptide linking' y VALINE          ? 'C5 H11 N O2'    117.146 
# 
loop_
_pdbx_poly_seq_scheme.asym_id 
_pdbx_poly_seq_scheme.entity_id 
_pdbx_poly_seq_scheme.seq_id 
_pdbx_poly_seq_scheme.mon_id 
_pdbx_poly_seq_scheme.ndb_seq_num 
_pdbx_poly_seq_scheme.pdb_seq_num 
_pdbx_poly_seq_scheme.auth_seq_num 
_pdbx_poly_seq_scheme.pdb_mon_id 
_pdbx_poly_seq_scheme.auth_mon_id 
_pdbx_poly_seq_scheme.pdb_strand_id 
_pdbx_poly_seq_scheme.pdb_ins_code 
_pdbx_poly_seq_scheme.hetero 
A 1 1   MET 1   1   ?   ?   ?   A . n 
A 1 2   LEU 2   2   ?   ?   ?   A . n 
A 1 3   GLU 3   3   ?   ?   ?   A . n 
A 1 4   SER 4   4   ?   ?   ?   A . n 
A 1 5   ASN 5   5   ?   ?   ?   A . n 
A 1 6   GLU 6   6   6   GLU GLU A . n 
A 1 7   ASN 7   7   7   ASN ASN A . n 
A 1 8   ARG 8   8   8   ARG ARG A . n 
A 1 9   ILE 9   9   9   ILE ILE A . n 
A 1 10  GLN 10  10  10  GLN GLN A . n 
A 1 11  ILE 11  11  11  ILE ILE A . n 
A 1 12  MET 12  12  12  MET MET A . n 
A 1 13  SER 13  13  13  SER SER A . n 
A 1 14  THR 14  14  14  THR THR A . n 
A 1 15  ILE 15  15  15  ILE ILE A . n 
A 1 16  ALA 16  16  16  ALA ALA A . n 
A 1 17  LYS 17  17  17  LYS LYS A . n 
A 1 18  ILE 18  18  18  ILE ILE A . n 
A 1 19  TYR 19  19  19  TYR TYR A . n 
A 1 20  ARG 20  20  20  ARG ARG A . n 
A 1 21  ALA 21  21  21  ALA ALA A . n 
A 1 22  MET 22  22  22  MET MET A . n 
A 1 23  SER 23  23  23  SER SER A . n 
A 1 24  ARG 24  24  24  ARG ARG A . n 
A 1 25  GLU 25  25  25  GLU GLU A . n 
A 1 26  LEU 26  26  26  LEU LEU A . n 
A 1 27  ASN 27  27  27  ASN ASN A . n 
A 1 28  ARG 28  28  28  ARG ARG A . n 
A 1 29  ARG 29  29  29  ARG ARG A . n 
A 1 30  LEU 30  30  30  LEU LEU A . n 
A 1 31  GLY 31  31  31  GLY GLY A . n 
A 1 32  GLU 32  32  32  GLU GLU A . n 
A 1 33  LEU 33  33  33  LEU LEU A . n 
A 1 34  ASN 34  34  34  ASN ASN A . n 
A 1 35  LEU 35  35  35  LEU LEU A . n 
A 1 36  SER 36  36  36  SER SER A . n 
A 1 37  TYR 37  37  37  TYR TYR A . n 
A 1 38  LEU 38  38  38  LEU LEU A . n 
A 1 39  ASP 39  39  39  ASP ASP A . n 
A 1 40  PHE 40  40  40  PHE PHE A . n 
A 1 41  LEU 41  41  41  LEU LEU A . n 
A 1 42  VAL 42  42  42  VAL VAL A . n 
A 1 43  LEU 43  43  43  LEU LEU A . n 
A 1 44  ARG 44  44  44  ARG ARG A . n 
A 1 45  ALA 45  45  45  ALA ALA A . n 
A 1 46  THR 46  46  46  THR THR A . n 
A 1 47  SER 47  47  47  SER SER A . n 
A 1 48  ASP 48  48  48  ASP ASP A . n 
A 1 49  GLY 49  49  49  GLY GLY A . n 
A 1 50  PRO 50  50  50  PRO PRO A . n 
A 1 51  LYS 51  51  51  LYS LYS A . n 
A 1 52  THR 52  52  52  THR THR A . n 
A 1 53  MET 53  53  53  MET MET A . n 
A 1 54  ALA 54  54  54  ALA ALA A . n 
A 1 55  TYR 55  55  55  TYR TYR A . n 
A 1 56  LEU 56  56  56  LEU LEU A . n 
A 1 57  ALA 57  57  57  ALA ALA A . n 
A 1 58  ASN 58  58  58  ASN ASN A . n 
A 1 59  ARG 59  59  59  ARG ARG A . n 
A 1 60  TYR 60  60  60  TYR TYR A . n 
A 1 61  PHE 61  61  61  PHE PHE A . n 
A 1 62  VAL 62  62  62  VAL VAL A . n 
A 1 63  THR 63  63  63  THR THR A . n 
A 1 64  GLN 64  64  64  GLN GLN A . n 
A 1 65  SER 65  65  65  SER SER A . n 
A 1 66  ALA 66  66  66  ALA ALA A . n 
A 1 67  ILE 67  67  67  ILE ILE A . n 
A 1 68  THR 68  68  68  THR THR A . n 
A 1 69  ALA 69  69  69  ALA ALA A . n 
A 1 70  SER 70  70  70  SER SER A . n 
A 1 71  VAL 71  71  71  VAL VAL A . n 
A 1 72  ASP 72  72  72  ASP ASP A . n 
A 1 73  LYS 73  73  73  LYS LYS A . n 
A 1 74  LEU 74  74  74  LEU LEU A . n 
A 1 75  GLU 75  75  75  GLU GLU A . n 
A 1 76  GLU 76  76  76  GLU GLU A . n 
A 1 77  MET 77  77  77  MET MET A . n 
A 1 78  GLY 78  78  78  GLY GLY A . n 
A 1 79  LEU 79  79  79  LEU LEU A . n 
A 1 80  VAL 80  80  80  VAL VAL A . n 
A 1 81  VAL 81  81  81  VAL VAL A . n 
A 1 82  ARG 82  82  82  ARG ARG A . n 
A 1 83  VAL 83  83  83  VAL VAL A . n 
A 1 84  ARG 84  84  84  ARG ARG A . n 
A 1 85  ASP 85  85  85  ASP ASP A . n 
A 1 86  ARG 86  86  86  ARG ARG A . n 
A 1 87  GLU 87  87  87  GLU GLU A . n 
A 1 88  ASP 88  88  88  ASP ASP A . n 
A 1 89  ARG 89  89  89  ARG ARG A . n 
A 1 90  ARG 90  90  90  ARG ARG A . n 
A 1 91  LYS 91  91  91  LYS LYS A . n 
A 1 92  ILE 92  92  92  ILE ILE A . n 
A 1 93  LEU 93  93  93  LEU LEU A . n 
A 1 94  ILE 94  94  94  ILE ILE A . n 
A 1 95  GLU 95  95  95  GLU GLU A . n 
A 1 96  ILE 96  96  96  ILE ILE A . n 
A 1 97  THR 97  97  97  THR THR A . n 
A 1 98  GLU 98  98  98  GLU GLU A . n 
A 1 99  LYS 99  99  99  LYS LYS A . n 
A 1 100 GLY 100 100 100 GLY GLY A . n 
A 1 101 LEU 101 101 101 LEU LEU A . n 
A 1 102 GLU 102 102 102 GLU GLU A . n 
A 1 103 THR 103 103 103 THR THR A . n 
A 1 104 PHE 104 104 104 PHE PHE A . n 
A 1 105 ASN 105 105 105 ASN ASN A . n 
A 1 106 LYS 106 106 106 LYS LYS A . n 
A 1 107 GLY 107 107 107 GLY GLY A . n 
A 1 108 ILE 108 108 108 ILE ILE A . n 
A 1 109 GLU 109 109 109 GLU GLU A . n 
A 1 110 ILE 110 110 110 ILE ILE A . n 
A 1 111 TYR 111 111 111 TYR TYR A . n 
A 1 112 LYS 112 112 112 LYS LYS A . n 
A 1 113 LYS 113 113 113 LYS LYS A . n 
A 1 114 LEU 114 114 114 LEU LEU A . n 
A 1 115 ALA 115 115 115 ALA ALA A . n 
A 1 116 ASN 116 116 116 ASN ASN A . n 
A 1 117 GLU 117 117 117 GLU GLU A . n 
A 1 118 VAL 118 118 118 VAL VAL A . n 
A 1 119 THR 119 119 119 THR THR A . n 
A 1 120 GLY 120 120 120 GLY GLY A . n 
A 1 121 ASP 121 121 121 ASP ASP A . n 
A 1 122 LEU 122 122 122 LEU LEU A . n 
A 1 123 SER 123 123 123 SER SER A . n 
A 1 124 GLU 124 124 124 GLU GLU A . n 
A 1 125 ASP 125 125 125 ASP ASP A . n 
A 1 126 GLU 126 126 126 GLU GLU A . n 
A 1 127 VAL 127 127 127 VAL VAL A . n 
A 1 128 ILE 128 128 128 ILE ILE A . n 
A 1 129 LEU 129 129 129 LEU LEU A . n 
A 1 130 VAL 130 130 130 VAL VAL A . n 
A 1 131 LEU 131 131 131 LEU LEU A . n 
A 1 132 ASP 132 132 132 ASP ASP A . n 
A 1 133 LYS 133 133 133 LYS LYS A . n 
A 1 134 ILE 134 134 134 ILE ILE A . n 
A 1 135 SER 135 135 135 SER SER A . n 
A 1 136 LYS 136 136 136 LYS LYS A . n 
A 1 137 ILE 137 137 137 ILE ILE A . n 
A 1 138 LEU 138 138 138 LEU LEU A . n 
A 1 139 LYS 139 139 139 LYS LYS A . n 
A 1 140 ARG 140 140 140 ARG ARG A . n 
A 1 141 ILE 141 141 141 ILE ILE A . n 
A 1 142 GLU 142 142 142 GLU GLU A . n 
A 1 143 GLU 143 143 143 GLU GLU A . n 
A 1 144 ILE 144 144 144 ILE ILE A . n 
A 1 145 SER 145 145 145 SER SER A . n 
A 1 146 GLN 146 146 ?   ?   ?   A . n 
# 
loop_
_pdbx_nonpoly_scheme.asym_id 
_pdbx_nonpoly_scheme.entity_id 
_pdbx_nonpoly_scheme.mon_id 
_pdbx_nonpoly_scheme.ndb_seq_num 
_pdbx_nonpoly_scheme.pdb_seq_num 
_pdbx_nonpoly_scheme.auth_seq_num 
_pdbx_nonpoly_scheme.pdb_mon_id 
_pdbx_nonpoly_scheme.auth_mon_id 
_pdbx_nonpoly_scheme.pdb_strand_id 
_pdbx_nonpoly_scheme.pdb_ins_code 
B 2 HOH 1   147 1   HOH HOH A . 
B 2 HOH 2   148 2   HOH HOH A . 
B 2 HOH 3   149 3   HOH HOH A . 
B 2 HOH 4   150 4   HOH HOH A . 
B 2 HOH 5   151 5   HOH HOH A . 
B 2 HOH 6   152 6   HOH HOH A . 
B 2 HOH 7   153 7   HOH HOH A . 
B 2 HOH 8   154 8   HOH HOH A . 
B 2 HOH 9   155 9   HOH HOH A . 
B 2 HOH 10  156 10  HOH HOH A . 
B 2 HOH 11  157 11  HOH HOH A . 
B 2 HOH 12  158 12  HOH HOH A . 
B 2 HOH 13  159 13  HOH HOH A . 
B 2 HOH 14  160 14  HOH HOH A . 
B 2 HOH 15  161 15  HOH HOH A . 
B 2 HOH 16  162 16  HOH HOH A . 
B 2 HOH 17  163 17  HOH HOH A . 
B 2 HOH 18  164 18  HOH HOH A . 
B 2 HOH 19  165 19  HOH HOH A . 
B 2 HOH 20  166 20  HOH HOH A . 
B 2 HOH 21  167 21  HOH HOH A . 
B 2 HOH 22  168 22  HOH HOH A . 
B 2 HOH 23  169 23  HOH HOH A . 
B 2 HOH 24  170 24  HOH HOH A . 
B 2 HOH 25  171 25  HOH HOH A . 
B 2 HOH 26  172 26  HOH HOH A . 
B 2 HOH 27  173 27  HOH HOH A . 
B 2 HOH 28  174 28  HOH HOH A . 
B 2 HOH 29  175 29  HOH HOH A . 
B 2 HOH 30  176 30  HOH HOH A . 
B 2 HOH 31  177 31  HOH HOH A . 
B 2 HOH 32  178 32  HOH HOH A . 
B 2 HOH 33  179 33  HOH HOH A . 
B 2 HOH 34  180 34  HOH HOH A . 
B 2 HOH 35  181 35  HOH HOH A . 
B 2 HOH 36  182 36  HOH HOH A . 
B 2 HOH 37  183 37  HOH HOH A . 
B 2 HOH 38  184 38  HOH HOH A . 
B 2 HOH 39  185 39  HOH HOH A . 
B 2 HOH 40  186 40  HOH HOH A . 
B 2 HOH 41  187 41  HOH HOH A . 
B 2 HOH 42  188 42  HOH HOH A . 
B 2 HOH 43  189 43  HOH HOH A . 
B 2 HOH 44  190 44  HOH HOH A . 
B 2 HOH 45  191 45  HOH HOH A . 
B 2 HOH 46  192 46  HOH HOH A . 
B 2 HOH 47  193 47  HOH HOH A . 
B 2 HOH 48  194 48  HOH HOH A . 
B 2 HOH 49  195 49  HOH HOH A . 
B 2 HOH 50  196 50  HOH HOH A . 
B 2 HOH 51  197 51  HOH HOH A . 
B 2 HOH 52  198 52  HOH HOH A . 
B 2 HOH 53  199 53  HOH HOH A . 
B 2 HOH 54  200 54  HOH HOH A . 
B 2 HOH 55  201 55  HOH HOH A . 
B 2 HOH 56  202 56  HOH HOH A . 
B 2 HOH 57  203 57  HOH HOH A . 
B 2 HOH 58  204 58  HOH HOH A . 
B 2 HOH 59  205 59  HOH HOH A . 
B 2 HOH 60  206 60  HOH HOH A . 
B 2 HOH 61  207 61  HOH HOH A . 
B 2 HOH 62  208 62  HOH HOH A . 
B 2 HOH 63  209 63  HOH HOH A . 
B 2 HOH 64  210 64  HOH HOH A . 
B 2 HOH 65  211 65  HOH HOH A . 
B 2 HOH 66  212 66  HOH HOH A . 
B 2 HOH 67  213 67  HOH HOH A . 
B 2 HOH 68  214 68  HOH HOH A . 
B 2 HOH 69  215 69  HOH HOH A . 
B 2 HOH 70  216 70  HOH HOH A . 
B 2 HOH 71  217 71  HOH HOH A . 
B 2 HOH 72  218 72  HOH HOH A . 
B 2 HOH 73  219 73  HOH HOH A . 
B 2 HOH 74  220 74  HOH HOH A . 
B 2 HOH 75  221 75  HOH HOH A . 
B 2 HOH 76  222 76  HOH HOH A . 
B 2 HOH 77  223 77  HOH HOH A . 
B 2 HOH 78  224 78  HOH HOH A . 
B 2 HOH 79  225 79  HOH HOH A . 
B 2 HOH 80  226 80  HOH HOH A . 
B 2 HOH 81  227 81  HOH HOH A . 
B 2 HOH 82  228 82  HOH HOH A . 
B 2 HOH 83  229 83  HOH HOH A . 
B 2 HOH 84  230 84  HOH HOH A . 
B 2 HOH 85  231 85  HOH HOH A . 
B 2 HOH 86  232 86  HOH HOH A . 
B 2 HOH 87  233 87  HOH HOH A . 
B 2 HOH 88  234 88  HOH HOH A . 
B 2 HOH 89  235 89  HOH HOH A . 
B 2 HOH 90  236 90  HOH HOH A . 
B 2 HOH 91  237 91  HOH HOH A . 
B 2 HOH 92  238 92  HOH HOH A . 
B 2 HOH 93  239 93  HOH HOH A . 
B 2 HOH 94  240 94  HOH HOH A . 
B 2 HOH 95  241 95  HOH HOH A . 
B 2 HOH 96  242 96  HOH HOH A . 
B 2 HOH 97  243 97  HOH HOH A . 
B 2 HOH 98  244 98  HOH HOH A . 
B 2 HOH 99  245 99  HOH HOH A . 
B 2 HOH 100 246 100 HOH HOH A . 
B 2 HOH 101 247 101 HOH HOH A . 
B 2 HOH 102 248 102 HOH HOH A . 
B 2 HOH 103 249 103 HOH HOH A . 
B 2 HOH 104 250 104 HOH HOH A . 
B 2 HOH 105 251 105 HOH HOH A . 
B 2 HOH 106 252 106 HOH HOH A . 
B 2 HOH 107 253 107 HOH HOH A . 
B 2 HOH 108 254 108 HOH HOH A . 
B 2 HOH 109 255 109 HOH HOH A . 
B 2 HOH 110 256 110 HOH HOH A . 
B 2 HOH 111 257 111 HOH HOH A . 
B 2 HOH 112 258 112 HOH HOH A . 
B 2 HOH 113 259 113 HOH HOH A . 
B 2 HOH 114 260 114 HOH HOH A . 
B 2 HOH 115 261 115 HOH HOH A . 
B 2 HOH 116 262 116 HOH HOH A . 
B 2 HOH 117 263 117 HOH HOH A . 
B 2 HOH 118 264 118 HOH HOH A . 
B 2 HOH 119 265 119 HOH HOH A . 
B 2 HOH 120 266 120 HOH HOH A . 
B 2 HOH 121 267 121 HOH HOH A . 
B 2 HOH 122 268 122 HOH HOH A . 
B 2 HOH 123 269 123 HOH HOH A . 
B 2 HOH 124 270 124 HOH HOH A . 
# 
loop_
_software.name 
_software.version 
_software.date 
_software.type 
_software.contact_author 
_software.contact_author_email 
_software.classification 
_software.location 
_software.language 
_software.citation_id 
_software.pdbx_ordinal 
DENZO       .             ?              package 'Zbyszek Otwinowski' zbyszek@mix.swmed.edu    'data reduction'  
http://www.lnls.br/infra/linhasluz/denzo-hkl.htm ?          ? 1 
SCALEPACK   .             ?              package 'Zbyszek Otwinowski' zbyszek@mix.swmed.edu    'data scaling'    
http://www.lnls.br/infra/linhasluz/denzo-hkl.htm ?          ? 2 
SOLVE       2.06          28-Dec-2003    package 'Tom Terwilliger'    terwilliger@LANL.gov     phasing           
http://www.solve.lanl.gov/                       ?          ? 3 
RESOLVE     2.06          02-Jan-2004    package 'Terwilliger, T. C'  terwilliger@LANL.gov     phasing           
http://www.solve.lanl.gov/                       ?          ? 4 
REFMAC      refmac_5.1.24 24/04/2001     program 'Murshudov, G.N.'    ccp4@dl.ac.uk            refinement        
http://www.ccp4.ac.uk/main.html                  Fortran_77 ? 5 
PDB_EXTRACT 1.701         'Nov. 1, 2005' package PDB                  sw-help@rcsb.rutgers.edu 'data extraction' 
http://pdb.rutgers.edu/software/                 C++        ? 6 
ADSC        .             ?              ?       ?                    ?                        'data collection' ? ?          ? 7 
# 
_cell.entry_id           2GXG 
_cell.length_a           46.114 
_cell.length_b           46.114 
_cell.length_c           140.257 
_cell.angle_alpha        90.00 
_cell.angle_beta         90.00 
_cell.angle_gamma        90.00 
_cell.Z_PDB              8 
_cell.pdbx_unique_axis   ? 
_cell.length_a_esd       ? 
_cell.length_b_esd       ? 
_cell.length_c_esd       ? 
_cell.angle_alpha_esd    ? 
_cell.angle_beta_esd     ? 
_cell.angle_gamma_esd    ? 
# 
_symmetry.entry_id                         2GXG 
_symmetry.space_group_name_H-M             'P 41 21 2' 
_symmetry.pdbx_full_space_group_name_H-M   ? 
_symmetry.cell_setting                     ? 
_symmetry.Int_Tables_number                92 
_symmetry.space_group_name_Hall            ? 
# 
_exptl.crystals_number   1 
_exptl.entry_id          2GXG 
_exptl.method            'X-RAY DIFFRACTION' 
# 
_exptl_crystal.id                    1 
_exptl_crystal.density_Matthews      2.21 
_exptl_crystal.density_meas          ? 
_exptl_crystal.density_percent_sol   44.26 
_exptl_crystal.description           ? 
_exptl_crystal.F_000                 ? 
_exptl_crystal.preparation           ? 
# 
_exptl_crystal_grow.crystal_id      1 
_exptl_crystal_grow.method          'VAPOR DIFFUSION, SITTING DROP' 
_exptl_crystal_grow.pH              9 
_exptl_crystal_grow.temp            293 
_exptl_crystal_grow.temp_details    ? 
_exptl_crystal_grow.pdbx_details    
'21% PEG 2000 monomethyl ethyl, 0.1M Tris-HCl, pH 9, VAPOR DIFFUSION, SITTING DROP, temperature 293K' 
_exptl_crystal_grow.pdbx_pH_range   . 
# 
loop_
_diffrn.id 
_diffrn.ambient_temp 
_diffrn.ambient_temp_details 
_diffrn.crystal_id 
1 95 ? 1 
2 ?  ? 1 
3 ?  ? 1 
# 
_diffrn_detector.diffrn_id              1 
_diffrn_detector.detector               CCD 
_diffrn_detector.type                   'ADSC QUANTUM 315' 
_diffrn_detector.pdbx_collection_date   2004-05-29 
_diffrn_detector.details                ? 
# 
_diffrn_radiation.diffrn_id                        1 
_diffrn_radiation.wavelength_id                    1 
_diffrn_radiation.pdbx_diffrn_protocol             MAD 
_diffrn_radiation.monochromator                    ? 
_diffrn_radiation.pdbx_monochromatic_or_laue_m_l   M 
_diffrn_radiation.pdbx_scattering_type             x-ray 
# 
loop_
_diffrn_radiation_wavelength.id 
_diffrn_radiation_wavelength.wavelength 
_diffrn_radiation_wavelength.wt 
1 1.0000 1.0 
2 0.9841 1.0 
3 0.9794 1.0 
4 0.9792 1.0 
# 
_diffrn_source.diffrn_id                   1 
_diffrn_source.source                      SYNCHROTRON 
_diffrn_source.type                        'PHOTON FACTORY BEAMLINE BL-5A' 
_diffrn_source.pdbx_wavelength             ? 
_diffrn_source.pdbx_wavelength_list        '1.0000, 0.9841, 0.9794, 0.9792' 
_diffrn_source.pdbx_synchrotron_site       'Photon Factory' 
_diffrn_source.pdbx_synchrotron_beamline   BL-5A 
# 
_reflns.entry_id                     2GXG 
_reflns.d_resolution_high            1.450 
_reflns.d_resolution_low             20.000 
_reflns.number_obs                   27739 
_reflns.pdbx_Rmerge_I_obs            0.072 
_reflns.pdbx_netI_over_sigmaI        16.000 
_reflns.pdbx_chi_squared             2.342 
_reflns.pdbx_redundancy              10.400 
_reflns.percent_possible_obs         99.500 
_reflns.observed_criterion_sigma_F   ? 
_reflns.observed_criterion_sigma_I   ? 
_reflns.number_all                   ? 
_reflns.pdbx_Rsym_value              ? 
_reflns.B_iso_Wilson_estimate        ? 
_reflns.R_free_details               ? 
_reflns.limit_h_max                  ? 
_reflns.limit_h_min                  ? 
_reflns.limit_k_max                  ? 
_reflns.limit_k_min                  ? 
_reflns.limit_l_max                  ? 
_reflns.limit_l_min                  ? 
_reflns.observed_criterion_F_max     ? 
_reflns.observed_criterion_F_min     ? 
_reflns.pdbx_scaling_rejects         ? 
_reflns.pdbx_ordinal                 1 
_reflns.pdbx_diffrn_id               1 
# 
loop_
_reflns_shell.d_res_high 
_reflns_shell.d_res_low 
_reflns_shell.number_measured_obs 
_reflns_shell.number_measured_all 
_reflns_shell.number_unique_obs 
_reflns_shell.Rmerge_I_obs 
_reflns_shell.meanI_over_sigI_obs 
_reflns_shell.pdbx_Rsym_value 
_reflns_shell.pdbx_chi_squared 
_reflns_shell.pdbx_redundancy 
_reflns_shell.percent_possible_obs 
_reflns_shell.number_unique_all 
_reflns_shell.percent_possible_all 
_reflns_shell.pdbx_ordinal 
_reflns_shell.pdbx_diffrn_id 
1.45 1.50  ? ? 2661 0.223 ? ? 0.482 5.50  99.00  ? ? 1  1 
1.50 1.56  ? ? 2719 0.184 ? ? 0.683 7.60  100.00 ? ? 2  1 
1.56 1.63  ? ? 2732 0.154 ? ? 0.820 11.20 100.00 ? ? 3  1 
1.63 1.72  ? ? 2753 0.132 ? ? 1.033 11.80 100.00 ? ? 4  1 
1.72 1.83  ? ? 2727 0.111 ? ? 1.417 11.80 100.00 ? ? 5  1 
1.83 1.97  ? ? 2749 0.095 ? ? 2.032 11.70 100.00 ? ? 6  1 
1.97 2.17  ? ? 2782 0.083 ? ? 2.825 11.40 100.00 ? ? 7  1 
2.17 2.48  ? ? 2799 0.075 ? ? 3.542 11.10 100.00 ? ? 8  1 
2.48 3.12  ? ? 2857 0.072 ? ? 4.227 11.30 99.90  ? ? 9  1 
3.12 20.00 ? ? 2960 0.063 ? ? 4.788 10.10 96.90  ? ? 10 1 
# 
_refine.entry_id                                 2GXG 
_refine.ls_d_res_high                            1.450 
_refine.ls_d_res_low                             20.000 
_refine.pdbx_ls_sigma_F                          0.00 
_refine.ls_percent_reflns_obs                    99.540 
_refine.ls_number_reflns_obs                     26266 
_refine.pdbx_ls_cross_valid_method               THROUGHOUT 
_refine.pdbx_R_Free_selection_details            RANDOM 
_refine.details                                  'HYDROGENS HAVE BEEN ADDED IN THE RIDING POSITIONS' 
_refine.ls_R_factor_all                          0.22333 
_refine.ls_R_factor_R_work                       0.22252 
_refine.ls_R_factor_R_free                       0.239 
_refine.ls_percent_reflns_R_free                 5.000 
_refine.ls_number_reflns_R_free                  1394 
_refine.B_iso_mean                               19.653 
_refine.aniso_B[1][1]                            -0.05 
_refine.aniso_B[2][2]                            -0.05 
_refine.aniso_B[3][3]                            0.09 
_refine.aniso_B[1][2]                            0.00 
_refine.aniso_B[1][3]                            0.00 
_refine.aniso_B[2][3]                            0.00 
_refine.correlation_coeff_Fo_to_Fc               0.948 
_refine.correlation_coeff_Fo_to_Fc_free          0.943 
_refine.pdbx_overall_ESU_R                       0.080 
_refine.pdbx_overall_ESU_R_Free                  0.077 
_refine.overall_SU_ML                            0.049 
_refine.overall_SU_B                             1.237 
_refine.solvent_model_details                    'BABINET MODEL WITH MASK' 
_refine.pdbx_solvent_vdw_probe_radii             1.400 
_refine.pdbx_solvent_ion_probe_radii             0.800 
_refine.pdbx_solvent_shrinkage_radii             0.800 
_refine.pdbx_method_to_determine_struct          MAD 
_refine.pdbx_stereochemistry_target_values       'MAXIMUM LIKELIHOOD' 
_refine.pdbx_ls_sigma_I                          ? 
_refine.ls_number_reflns_all                     ? 
_refine.ls_R_factor_obs                          0.22333 
_refine.ls_redundancy_reflns_obs                 ? 
_refine.pdbx_data_cutoff_high_absF               ? 
_refine.pdbx_data_cutoff_low_absF                ? 
_refine.ls_number_parameters                     ? 
_refine.ls_number_restraints                     ? 
_refine.ls_R_factor_R_free_error                 ? 
_refine.ls_R_factor_R_free_error_details         ? 
_refine.pdbx_starting_model                      ? 
_refine.pdbx_stereochem_target_val_spec_case     ? 
_refine.solvent_model_param_bsol                 ? 
_refine.solvent_model_param_ksol                 ? 
_refine.occupancy_max                            ? 
_refine.occupancy_min                            ? 
_refine.pdbx_isotropic_thermal_model             ? 
_refine.B_iso_min                                ? 
_refine.B_iso_max                                ? 
_refine.overall_SU_R_Cruickshank_DPI             ? 
_refine.overall_SU_R_free                        ? 
_refine.pdbx_data_cutoff_high_rms_absF           ? 
_refine.ls_wR_factor_R_free                      ? 
_refine.ls_wR_factor_R_work                      ? 
_refine.overall_FOM_free_R_set                   ? 
_refine.overall_FOM_work_R_set                   ? 
_refine.pdbx_refine_id                           'X-RAY DIFFRACTION' 
_refine.pdbx_diffrn_id                           1 
_refine.pdbx_TLS_residual_ADP_flag               ? 
_refine.pdbx_overall_phase_error                 ? 
_refine.pdbx_overall_SU_R_free_Cruickshank_DPI   ? 
_refine.pdbx_overall_SU_R_Blow_DPI               ? 
_refine.pdbx_overall_SU_R_free_Blow_DPI          ? 
# 
_refine_hist.pdbx_refine_id                   'X-RAY DIFFRACTION' 
_refine_hist.cycle_id                         LAST 
_refine_hist.pdbx_number_atoms_protein        1132 
_refine_hist.pdbx_number_atoms_nucleic_acid   0 
_refine_hist.pdbx_number_atoms_ligand         0 
_refine_hist.number_atoms_solvent             124 
_refine_hist.number_atoms_total               1256 
_refine_hist.d_res_high                       1.450 
_refine_hist.d_res_low                        20.000 
# 
loop_
_refine_ls_restr.type 
_refine_ls_restr.dev_ideal 
_refine_ls_restr.dev_ideal_target 
_refine_ls_restr.weight 
_refine_ls_restr.number 
_refine_ls_restr.pdbx_refine_id 
_refine_ls_restr.pdbx_restraint_function 
r_bond_refined_d             0.017 0.022 ? 1140 'X-RAY DIFFRACTION' ? 
r_bond_other_d               0.002 0.020 ? 1121 'X-RAY DIFFRACTION' ? 
r_angle_refined_deg          1.558 1.993 ? 1528 'X-RAY DIFFRACTION' ? 
r_angle_other_deg            0.856 3.000 ? 2596 'X-RAY DIFFRACTION' ? 
r_dihedral_angle_1_deg       5.251 5.000 ? 139  'X-RAY DIFFRACTION' ? 
r_dihedral_angle_2_deg       ?     ?     ? ?    'X-RAY DIFFRACTION' ? 
r_dihedral_angle_3_deg       ?     ?     ? ?    'X-RAY DIFFRACTION' ? 
r_dihedral_angle_4_deg       ?     ?     ? ?    'X-RAY DIFFRACTION' ? 
r_chiral_restr               0.092 0.200 ? 183  'X-RAY DIFFRACTION' ? 
r_gen_planes_refined         0.007 0.020 ? 1224 'X-RAY DIFFRACTION' ? 
r_gen_planes_other           0.001 0.020 ? 225  'X-RAY DIFFRACTION' ? 
r_nbd_refined                0.227 0.200 ? 237  'X-RAY DIFFRACTION' ? 
r_nbd_other                  0.238 0.200 ? 1210 'X-RAY DIFFRACTION' ? 
r_nbtor_refined              ?     ?     ? ?    'X-RAY DIFFRACTION' ? 
r_nbtor_other                0.082 0.200 ? 682  'X-RAY DIFFRACTION' ? 
r_xyhbond_nbd_refined        0.114 0.200 ? 67   'X-RAY DIFFRACTION' ? 
r_xyhbond_nbd_other          ?     ?     ? ?    'X-RAY DIFFRACTION' ? 
r_metal_ion_refined          ?     ?     ? ?    'X-RAY DIFFRACTION' ? 
r_metal_ion_other            ?     ?     ? ?    'X-RAY DIFFRACTION' ? 
r_symmetry_vdw_refined       0.187 0.200 ? 13   'X-RAY DIFFRACTION' ? 
r_symmetry_vdw_other         0.272 0.200 ? 93   'X-RAY DIFFRACTION' ? 
r_symmetry_hbond_refined     0.181 0.200 ? 11   'X-RAY DIFFRACTION' ? 
r_symmetry_hbond_other       ?     ?     ? ?    'X-RAY DIFFRACTION' ? 
r_symmetry_metal_ion_refined ?     ?     ? ?    'X-RAY DIFFRACTION' ? 
r_symmetry_metal_ion_other   ?     ?     ? ?    'X-RAY DIFFRACTION' ? 
r_mcbond_it                  0.971 1.500 ? 694  'X-RAY DIFFRACTION' ? 
r_mcbond_other               ?     ?     ? ?    'X-RAY DIFFRACTION' ? 
r_mcangle_it                 1.692 2.000 ? 1126 'X-RAY DIFFRACTION' ? 
r_scbond_it                  2.696 3.000 ? 446  'X-RAY DIFFRACTION' ? 
r_scangle_it                 4.545 4.500 ? 402  'X-RAY DIFFRACTION' ? 
r_rigid_bond_restr           ?     ?     ? ?    'X-RAY DIFFRACTION' ? 
r_sphericity_free            ?     ?     ? ?    'X-RAY DIFFRACTION' ? 
r_sphericity_bonded          ?     ?     ? ?    'X-RAY DIFFRACTION' ? 
# 
_refine_ls_shell.pdbx_total_number_of_bins_used   20 
_refine_ls_shell.d_res_high                       1.450 
_refine_ls_shell.d_res_low                        1.488 
_refine_ls_shell.number_reflns_R_work             1881 
_refine_ls_shell.R_factor_R_work                  0.241 
_refine_ls_shell.percent_reflns_obs               ? 
_refine_ls_shell.R_factor_R_free                  0.299 
_refine_ls_shell.R_factor_R_free_error            ? 
_refine_ls_shell.percent_reflns_R_free            ? 
_refine_ls_shell.number_reflns_R_free             98 
_refine_ls_shell.number_reflns_all                ? 
_refine_ls_shell.R_factor_all                     ? 
_refine_ls_shell.redundancy_reflns_obs            ? 
_refine_ls_shell.number_reflns_obs                ? 
_refine_ls_shell.pdbx_refine_id                   'X-RAY DIFFRACTION' 
# 
_struct.entry_id                  2GXG 
_struct.title                     'Crystal structure of EmrR homolog from hyperthermophilic archaea Sulfolobus tokodaii strain7' 
_struct.pdbx_model_details        ? 
_struct.pdbx_CASP_flag            ? 
_struct.pdbx_model_type_details   ? 
# 
_struct_keywords.entry_id        2GXG 
_struct_keywords.pdbx_keywords   TRANSCRIPTION 
_struct_keywords.text            'Winged Helix, TRANSCRIPTION' 
# 
loop_
_struct_asym.id 
_struct_asym.pdbx_blank_PDB_chainid_flag 
_struct_asym.pdbx_modified 
_struct_asym.entity_id 
_struct_asym.details 
A N N 1 ? 
B N N 2 ? 
# 
_struct_ref.id                         1 
_struct_ref.db_name                    UNP 
_struct_ref.db_code                    Q96ZY1_SULTO 
_struct_ref.pdbx_db_accession          Q96ZY1 
_struct_ref.entity_id                  1 
_struct_ref.pdbx_seq_one_letter_code   
;MLESNENRIQIMSTIAKIYRAMSRELNRRLGELNLSYLDFLVLRATSDGPKTMAYLANRYFVTQSAITASVDKLEEMGLV
VRVRDREDRRKILIEITEKGLETFNKGIEIYKKLANEVTGDLSEDEVILVLDKISKILKRIEEISQ
;
_struct_ref.pdbx_align_begin           1 
_struct_ref.pdbx_db_isoform            ? 
# 
_struct_ref_seq.align_id                      1 
_struct_ref_seq.ref_id                        1 
_struct_ref_seq.pdbx_PDB_id_code              2GXG 
_struct_ref_seq.pdbx_strand_id                A 
_struct_ref_seq.seq_align_beg                 1 
_struct_ref_seq.pdbx_seq_align_beg_ins_code   ? 
_struct_ref_seq.seq_align_end                 146 
_struct_ref_seq.pdbx_seq_align_end_ins_code   ? 
_struct_ref_seq.pdbx_db_accession             Q96ZY1 
_struct_ref_seq.db_align_beg                  1 
_struct_ref_seq.pdbx_db_align_beg_ins_code    ? 
_struct_ref_seq.db_align_end                  146 
_struct_ref_seq.pdbx_db_align_end_ins_code    ? 
_struct_ref_seq.pdbx_auth_seq_align_beg       1 
_struct_ref_seq.pdbx_auth_seq_align_end       146 
# 
_pdbx_struct_assembly.id                   1 
_pdbx_struct_assembly.details              author_and_software_defined_assembly 
_pdbx_struct_assembly.method_details       PISA,PQS 
_pdbx_struct_assembly.oligomeric_details   dimeric 
_pdbx_struct_assembly.oligomeric_count     2 
# 
loop_
_pdbx_struct_assembly_prop.biol_id 
_pdbx_struct_assembly_prop.type 
_pdbx_struct_assembly_prop.value 
_pdbx_struct_assembly_prop.details 
1 'ABSA (A^2)' 6000  ? 
1 MORE         -43   ? 
1 'SSA (A^2)'  14350 ? 
# 
_pdbx_struct_assembly_gen.assembly_id       1 
_pdbx_struct_assembly_gen.oper_expression   1,2 
_pdbx_struct_assembly_gen.asym_id_list      A,B 
# 
loop_
_pdbx_struct_oper_list.id 
_pdbx_struct_oper_list.type 
_pdbx_struct_oper_list.name 
_pdbx_struct_oper_list.symmetry_operation 
_pdbx_struct_oper_list.matrix[1][1] 
_pdbx_struct_oper_list.matrix[1][2] 
_pdbx_struct_oper_list.matrix[1][3] 
_pdbx_struct_oper_list.vector[1] 
_pdbx_struct_oper_list.matrix[2][1] 
_pdbx_struct_oper_list.matrix[2][2] 
_pdbx_struct_oper_list.matrix[2][3] 
_pdbx_struct_oper_list.vector[2] 
_pdbx_struct_oper_list.matrix[3][1] 
_pdbx_struct_oper_list.matrix[3][2] 
_pdbx_struct_oper_list.matrix[3][3] 
_pdbx_struct_oper_list.vector[3] 
1 'identity operation'         1_555 x,y,z            1.0000000000 0.0000000000 0.0000000000  0.0000000000 0.0000000000 1.0000000000  0.0000000000  0.0000000000   0.0000000000  0.0000000000  1.0000000000  0.0000000000  
2 'crystal symmetry operation' 8_665 -y+1,-x+1,-z+1/2 0.6833162846 0.5677225467 -0.4590969017 8.9082063587 0.5677225467 -0.8085274330 -0.1548370111 -17.9401203321 -0.4590969017 -0.1548370111 -0.8747888516 10.4777836867 
# 
_struct_biol.id                    1 
_struct_biol.details               
;The second part of the biological assembly is generated 
by the the operations: 1-y,1-x,0.5-z
;
_struct_biol.pdbx_parent_biol_id   ? 
# 
loop_
_struct_conf.conf_type_id 
_struct_conf.id 
_struct_conf.pdbx_PDB_helix_id 
_struct_conf.beg_label_comp_id 
_struct_conf.beg_label_asym_id 
_struct_conf.beg_label_seq_id 
_struct_conf.pdbx_beg_PDB_ins_code 
_struct_conf.end_label_comp_id 
_struct_conf.end_label_asym_id 
_struct_conf.end_label_seq_id 
_struct_conf.pdbx_end_PDB_ins_code 
_struct_conf.beg_auth_comp_id 
_struct_conf.beg_auth_asym_id 
_struct_conf.beg_auth_seq_id 
_struct_conf.end_auth_comp_id 
_struct_conf.end_auth_asym_id 
_struct_conf.end_auth_seq_id 
_struct_conf.pdbx_PDB_helix_class 
_struct_conf.details 
_struct_conf.pdbx_PDB_helix_length 
HELX_P HELX_P1 1 GLU A 6   ? GLU A 32  ? GLU A 6   GLU A 32  1 ? 27 
HELX_P HELX_P2 2 SER A 36  ? SER A 47  ? SER A 36  SER A 47  1 ? 12 
HELX_P HELX_P3 3 THR A 52  ? TYR A 60  ? THR A 52  TYR A 60  1 ? 9  
HELX_P HELX_P4 4 THR A 63  ? MET A 77  ? THR A 63  MET A 77  1 ? 15 
HELX_P HELX_P5 5 THR A 97  ? THR A 119 ? THR A 97  THR A 119 1 ? 23 
HELX_P HELX_P6 6 SER A 123 ? SER A 145 ? SER A 123 SER A 145 1 ? 23 
# 
_struct_conf_type.id          HELX_P 
_struct_conf_type.criteria    ? 
_struct_conf_type.reference   ? 
# 
_struct_sheet.id               A 
_struct_sheet.type             ? 
_struct_sheet.number_strands   2 
_struct_sheet.details          ? 
# 
_struct_sheet_order.sheet_id     A 
_struct_sheet_order.range_id_1   1 
_struct_sheet_order.range_id_2   2 
_struct_sheet_order.offset       ? 
_struct_sheet_order.sense        anti-parallel 
# 
loop_
_struct_sheet_range.sheet_id 
_struct_sheet_range.id 
_struct_sheet_range.beg_label_comp_id 
_struct_sheet_range.beg_label_asym_id 
_struct_sheet_range.beg_label_seq_id 
_struct_sheet_range.pdbx_beg_PDB_ins_code 
_struct_sheet_range.end_label_comp_id 
_struct_sheet_range.end_label_asym_id 
_struct_sheet_range.end_label_seq_id 
_struct_sheet_range.pdbx_end_PDB_ins_code 
_struct_sheet_range.beg_auth_comp_id 
_struct_sheet_range.beg_auth_asym_id 
_struct_sheet_range.beg_auth_seq_id 
_struct_sheet_range.end_auth_comp_id 
_struct_sheet_range.end_auth_asym_id 
_struct_sheet_range.end_auth_seq_id 
A 1 VAL A 80 ? ARG A 84 ? VAL A 80 ARG A 84 
A 2 ILE A 92 ? ILE A 96 ? ILE A 92 ILE A 96 
# 
_pdbx_struct_sheet_hbond.sheet_id                A 
_pdbx_struct_sheet_hbond.range_id_1              1 
_pdbx_struct_sheet_hbond.range_id_2              2 
_pdbx_struct_sheet_hbond.range_1_label_atom_id   N 
_pdbx_struct_sheet_hbond.range_1_label_comp_id   VAL 
_pdbx_struct_sheet_hbond.range_1_label_asym_id   A 
_pdbx_struct_sheet_hbond.range_1_label_seq_id    83 
_pdbx_struct_sheet_hbond.range_1_PDB_ins_code    ? 
_pdbx_struct_sheet_hbond.range_1_auth_atom_id    N 
_pdbx_struct_sheet_hbond.range_1_auth_comp_id    VAL 
_pdbx_struct_sheet_hbond.range_1_auth_asym_id    A 
_pdbx_struct_sheet_hbond.range_1_auth_seq_id     83 
_pdbx_struct_sheet_hbond.range_2_label_atom_id   O 
_pdbx_struct_sheet_hbond.range_2_label_comp_id   LEU 
_pdbx_struct_sheet_hbond.range_2_label_asym_id   A 
_pdbx_struct_sheet_hbond.range_2_label_seq_id    93 
_pdbx_struct_sheet_hbond.range_2_PDB_ins_code    ? 
_pdbx_struct_sheet_hbond.range_2_auth_atom_id    O 
_pdbx_struct_sheet_hbond.range_2_auth_comp_id    LEU 
_pdbx_struct_sheet_hbond.range_2_auth_asym_id    A 
_pdbx_struct_sheet_hbond.range_2_auth_seq_id     93 
# 
loop_
_pdbx_validate_rmsd_angle.id 
_pdbx_validate_rmsd_angle.PDB_model_num 
_pdbx_validate_rmsd_angle.auth_atom_id_1 
_pdbx_validate_rmsd_angle.auth_asym_id_1 
_pdbx_validate_rmsd_angle.auth_comp_id_1 
_pdbx_validate_rmsd_angle.auth_seq_id_1 
_pdbx_validate_rmsd_angle.PDB_ins_code_1 
_pdbx_validate_rmsd_angle.label_alt_id_1 
_pdbx_validate_rmsd_angle.auth_atom_id_2 
_pdbx_validate_rmsd_angle.auth_asym_id_2 
_pdbx_validate_rmsd_angle.auth_comp_id_2 
_pdbx_validate_rmsd_angle.auth_seq_id_2 
_pdbx_validate_rmsd_angle.PDB_ins_code_2 
_pdbx_validate_rmsd_angle.label_alt_id_2 
_pdbx_validate_rmsd_angle.auth_atom_id_3 
_pdbx_validate_rmsd_angle.auth_asym_id_3 
_pdbx_validate_rmsd_angle.auth_comp_id_3 
_pdbx_validate_rmsd_angle.auth_seq_id_3 
_pdbx_validate_rmsd_angle.PDB_ins_code_3 
_pdbx_validate_rmsd_angle.label_alt_id_3 
_pdbx_validate_rmsd_angle.angle_value 
_pdbx_validate_rmsd_angle.angle_target_value 
_pdbx_validate_rmsd_angle.angle_deviation 
_pdbx_validate_rmsd_angle.angle_standard_deviation 
_pdbx_validate_rmsd_angle.linker_flag 
1 1 NE A ARG 20 ? ? CZ A ARG 20 ? ? NH1 A ARG 20 ? ? 127.95 120.30 7.65  0.50 N 
2 1 NE A ARG 20 ? ? CZ A ARG 20 ? ? NH2 A ARG 20 ? ? 112.69 120.30 -7.61 0.50 N 
3 1 NE A ARG 44 ? ? CZ A ARG 44 ? ? NH1 A ARG 44 ? ? 124.05 120.30 3.75  0.50 N 
# 
loop_
_diffrn_reflns.diffrn_id 
_diffrn_reflns.pdbx_d_res_high 
_diffrn_reflns.pdbx_d_res_low 
_diffrn_reflns.pdbx_number_obs 
_diffrn_reflns.pdbx_Rmerge_I_obs 
_diffrn_reflns.pdbx_Rsym_value 
_diffrn_reflns.pdbx_chi_squared 
_diffrn_reflns.av_sigmaI_over_netI 
_diffrn_reflns.pdbx_redundancy 
_diffrn_reflns.pdbx_percent_possible_obs 
_diffrn_reflns.number 
_diffrn_reflns.pdbx_observed_criterion 
_diffrn_reflns.limit_h_max 
_diffrn_reflns.limit_h_min 
_diffrn_reflns.limit_k_max 
_diffrn_reflns.limit_k_min 
_diffrn_reflns.limit_l_max 
_diffrn_reflns.limit_l_min 
1 2.000 25.000 10799 0.084 ? 2.34 13.10 12.60 99.70 136592 ? ? ? ? ? ? ? 
2 2.000 25.000 10813 0.092 ? 3.38 14.20 13.30 99.70 144231 ? ? ? ? ? ? ? 
3 2.000 25.000 10822 0.089 ? 2.74 13.30 13.40 99.70 144655 ? ? ? ? ? ? ? 
# 
loop_
_pdbx_diffrn_reflns_shell.diffrn_id 
_pdbx_diffrn_reflns_shell.d_res_high 
_pdbx_diffrn_reflns_shell.d_res_low 
_pdbx_diffrn_reflns_shell.number_obs 
_pdbx_diffrn_reflns_shell.rejects 
_pdbx_diffrn_reflns_shell.Rmerge_I_obs 
_pdbx_diffrn_reflns_shell.Rsym_value 
_pdbx_diffrn_reflns_shell.chi_squared 
_pdbx_diffrn_reflns_shell.redundancy 
_pdbx_diffrn_reflns_shell.percent_possible_obs 
1 4.30 25.00 1203 ? 0.063 ? 3.523 9.70  98.10  
1 3.42 4.30  1108 ? 0.069 ? 3.699 10.90 99.20  
1 2.99 3.42  1092 ? 0.078 ? 3.270 12.00 99.90  
1 2.71 2.99  1057 ? 0.092 ? 2.819 12.60 100.00 
1 2.52 2.71  1082 ? 0.103 ? 2.518 13.10 100.00 
1 2.37 2.52  1070 ? 0.115 ? 2.147 13.40 100.00 
1 2.25 2.37  1056 ? 0.128 ? 1.959 13.60 100.00 
1 2.15 2.25  1053 ? 0.138 ? 1.643 13.80 100.00 
1 2.07 2.15  1044 ? 0.160 ? 1.378 13.90 100.00 
1 2.00 2.07  1034 ? 0.201 ? 1.062 14.10 100.00 
2 4.30 25.00 1205 ? 0.078 ? 7.821 11.30 98.20  
2 3.42 4.30  1107 ? 0.080 ? 6.071 12.20 99.00  
2 2.99 3.42  1093 ? 0.088 ? 4.777 13.10 99.90  
2 2.71 2.99  1057 ? 0.098 ? 3.811 13.50 100.00 
2 2.52 2.71  1082 ? 0.105 ? 3.014 13.70 100.00 
2 2.37 2.52  1070 ? 0.118 ? 2.609 13.80 100.00 
2 2.25 2.37  1060 ? 0.126 ? 2.129 13.90 100.00 
2 2.15 2.25  1055 ? 0.135 ? 1.739 14.00 100.00 
2 2.07 2.15  1047 ? 0.158 ? 1.452 14.10 100.00 
2 2.00 2.07  1037 ? 0.201 ? 1.124 14.10 100.00 
3 4.30 25.00 1208 ? 0.072 ? 5.906 11.30 98.50  
3 3.42 4.30  1111 ? 0.079 ? 4.966 12.20 99.30  
3 2.99 3.42  1094 ? 0.087 ? 4.009 13.20 99.90  
3 2.71 2.99  1061 ? 0.094 ? 3.012 13.60 100.00 
3 2.52 2.71  1077 ? 0.101 ? 2.438 13.70 100.00 
3 2.37 2.52  1070 ? 0.114 ? 2.077 13.90 100.00 
3 2.25 2.37  1062 ? 0.123 ? 1.793 13.90 100.00 
3 2.15 2.25  1055 ? 0.135 ? 1.516 14.00 100.00 
3 2.07 2.15  1047 ? 0.154 ? 1.231 14.10 100.00 
3 2.00 2.07  1037 ? 0.199 ? 0.962 14.10 100.00 
# 
loop_
_pdbx_phasing_MAD_set_site.id 
_pdbx_phasing_MAD_set_site.atom_type_symbol 
_pdbx_phasing_MAD_set_site.occupancy 
_pdbx_phasing_MAD_set_site.fract_x 
_pdbx_phasing_MAD_set_site.fract_y 
_pdbx_phasing_MAD_set_site.fract_z 
_pdbx_phasing_MAD_set_site.b_iso 
1 Se 1.164 0.710 0.128 0.116 28.269 
2 Se 1.180 0.115 0.957 0.038 32.312 
3 Se 0.983 0.091 0.849 0.040 37.698 
4 Se 0.540 0.521 0.823 0.111 31.593 
# 
loop_
_pdbx_phasing_MAD_shell.d_res_low 
_pdbx_phasing_MAD_shell.d_res_high 
_pdbx_phasing_MAD_shell.reflns 
_pdbx_phasing_MAD_shell.fom 
20.00 6.99 598  0.720 
6.99  4.48 931  0.670 
4.48  3.53 1152 0.660 
3.53  3.00 1343 0.670 
3.00  2.65 1478 0.640 
2.65  2.41 1625 0.600 
2.41  2.22 1763 0.550 
2.22  2.06 1870 0.460 
# 
_pdbx_phasing_dm.entry_id          2GXG 
_pdbx_phasing_dm.fom_acentric      0.790 
_pdbx_phasing_dm.fom_centric       0.680 
_pdbx_phasing_dm.fom               0.770 
_pdbx_phasing_dm.reflns_acentric   8492 
_pdbx_phasing_dm.reflns_centric    2270 
_pdbx_phasing_dm.reflns            10762 
# 
loop_
_pdbx_phasing_dm_shell.d_res_high 
_pdbx_phasing_dm_shell.d_res_low 
_pdbx_phasing_dm_shell.delta_phi_final 
_pdbx_phasing_dm_shell.delta_phi_initial 
_pdbx_phasing_dm_shell.fom_acentric 
_pdbx_phasing_dm_shell.fom_centric 
_pdbx_phasing_dm_shell.fom 
_pdbx_phasing_dm_shell.reflns_acentric 
_pdbx_phasing_dm_shell.reflns_centric 
_pdbx_phasing_dm_shell.reflns 
5.700 19.722 ? ? 0.960 0.880 0.920 276  247 523  
3.600 5.700  ? ? 0.960 0.850 0.930 1068 434 1502 
2.900 3.600  ? ? 0.910 0.780 0.880 1405 411 1816 
2.500 2.900  ? ? 0.850 0.650 0.820 1461 345 1806 
2.100 2.500  ? ? 0.750 0.560 0.710 2634 538 3172 
2.000 2.100  ? ? 0.580 0.400 0.550 1648 295 1943 
# 
_phasing.method   MAD 
# 
_phasing_MAD.entry_id          2GXG 
_phasing_MAD.pdbx_d_res_high   2.00 
_phasing_MAD.pdbx_d_res_low    20.00 
_phasing_MAD.pdbx_reflns       10760 
_phasing_MAD.pdbx_fom          0.600 
# 
_phasing_MAD_clust.id           1 
_phasing_MAD_clust.expt_id      '3 wavelength' 
_phasing_MAD_clust.number_set   ? 
# 
_phasing_MAD_expt.id         '3 wavelength' 
_phasing_MAD_expt.mean_fom   ? 
# 
loop_
_phasing_MAD_set.clust_id 
_phasing_MAD_set.expt_id 
_phasing_MAD_set.set_id 
_phasing_MAD_set.wavelength 
_phasing_MAD_set.pdbx_f_prime_refined 
_phasing_MAD_set.pdbx_f_double_prime_refined 
1 '3 wavelength' 1 0.9841 -5.48  -4.83 
1 '3 wavelength' 2 0.9794 -10.57 5.02  
1 '3 wavelength' 3 0.9792 -7.48  4.71  
# 
loop_
_phasing_set.id 
_phasing_set.pdbx_d_res_high 
_phasing_set.pdbx_d_res_low 
1 . . 
2 . . 
3 . . 
# 
loop_
_pdbx_unobs_or_zero_occ_residues.id 
_pdbx_unobs_or_zero_occ_residues.PDB_model_num 
_pdbx_unobs_or_zero_occ_residues.polymer_flag 
_pdbx_unobs_or_zero_occ_residues.occupancy_flag 
_pdbx_unobs_or_zero_occ_residues.auth_asym_id 
_pdbx_unobs_or_zero_occ_residues.auth_comp_id 
_pdbx_unobs_or_zero_occ_residues.auth_seq_id 
_pdbx_unobs_or_zero_occ_residues.PDB_ins_code 
_pdbx_unobs_or_zero_occ_residues.label_asym_id 
_pdbx_unobs_or_zero_occ_residues.label_comp_id 
_pdbx_unobs_or_zero_occ_residues.label_seq_id 
1 1 Y 1 A MET 1   ? A MET 1   
2 1 Y 1 A LEU 2   ? A LEU 2   
3 1 Y 1 A GLU 3   ? A GLU 3   
4 1 Y 1 A SER 4   ? A SER 4   
5 1 Y 1 A ASN 5   ? A ASN 5   
6 1 Y 1 A GLN 146 ? A GLN 146 
# 
loop_
_chem_comp_atom.comp_id 
_chem_comp_atom.atom_id 
_chem_comp_atom.type_symbol 
_chem_comp_atom.pdbx_aromatic_flag 
_chem_comp_atom.pdbx_stereo_config 
_chem_comp_atom.pdbx_ordinal 
ALA N    N N N 1   
ALA CA   C N S 2   
ALA C    C N N 3   
ALA O    O N N 4   
ALA CB   C N N 5   
ALA OXT  O N N 6   
ALA H    H N N 7   
ALA H2   H N N 8   
ALA HA   H N N 9   
ALA HB1  H N N 10  
ALA HB2  H N N 11  
ALA HB3  H N N 12  
ALA HXT  H N N 13  
ARG N    N N N 14  
ARG CA   C N S 15  
ARG C    C N N 16  
ARG O    O N N 17  
ARG CB   C N N 18  
ARG CG   C N N 19  
ARG CD   C N N 20  
ARG NE   N N N 21  
ARG CZ   C N N 22  
ARG NH1  N N N 23  
ARG NH2  N N N 24  
ARG OXT  O N N 25  
ARG H    H N N 26  
ARG H2   H N N 27  
ARG HA   H N N 28  
ARG HB2  H N N 29  
ARG HB3  H N N 30  
ARG HG2  H N N 31  
ARG HG3  H N N 32  
ARG HD2  H N N 33  
ARG HD3  H N N 34  
ARG HE   H N N 35  
ARG HH11 H N N 36  
ARG HH12 H N N 37  
ARG HH21 H N N 38  
ARG HH22 H N N 39  
ARG HXT  H N N 40  
ASN N    N N N 41  
ASN CA   C N S 42  
ASN C    C N N 43  
ASN O    O N N 44  
ASN CB   C N N 45  
ASN CG   C N N 46  
ASN OD1  O N N 47  
ASN ND2  N N N 48  
ASN OXT  O N N 49  
ASN H    H N N 50  
ASN H2   H N N 51  
ASN HA   H N N 52  
ASN HB2  H N N 53  
ASN HB3  H N N 54  
ASN HD21 H N N 55  
ASN HD22 H N N 56  
ASN HXT  H N N 57  
ASP N    N N N 58  
ASP CA   C N S 59  
ASP C    C N N 60  
ASP O    O N N 61  
ASP CB   C N N 62  
ASP CG   C N N 63  
ASP OD1  O N N 64  
ASP OD2  O N N 65  
ASP OXT  O N N 66  
ASP H    H N N 67  
ASP H2   H N N 68  
ASP HA   H N N 69  
ASP HB2  H N N 70  
ASP HB3  H N N 71  
ASP HD2  H N N 72  
ASP HXT  H N N 73  
GLN N    N N N 74  
GLN CA   C N S 75  
GLN C    C N N 76  
GLN O    O N N 77  
GLN CB   C N N 78  
GLN CG   C N N 79  
GLN CD   C N N 80  
GLN OE1  O N N 81  
GLN NE2  N N N 82  
GLN OXT  O N N 83  
GLN H    H N N 84  
GLN H2   H N N 85  
GLN HA   H N N 86  
GLN HB2  H N N 87  
GLN HB3  H N N 88  
GLN HG2  H N N 89  
GLN HG3  H N N 90  
GLN HE21 H N N 91  
GLN HE22 H N N 92  
GLN HXT  H N N 93  
GLU N    N N N 94  
GLU CA   C N S 95  
GLU C    C N N 96  
GLU O    O N N 97  
GLU CB   C N N 98  
GLU CG   C N N 99  
GLU CD   C N N 100 
GLU OE1  O N N 101 
GLU OE2  O N N 102 
GLU OXT  O N N 103 
GLU H    H N N 104 
GLU H2   H N N 105 
GLU HA   H N N 106 
GLU HB2  H N N 107 
GLU HB3  H N N 108 
GLU HG2  H N N 109 
GLU HG3  H N N 110 
GLU HE2  H N N 111 
GLU HXT  H N N 112 
GLY N    N N N 113 
GLY CA   C N N 114 
GLY C    C N N 115 
GLY O    O N N 116 
GLY OXT  O N N 117 
GLY H    H N N 118 
GLY H2   H N N 119 
GLY HA2  H N N 120 
GLY HA3  H N N 121 
GLY HXT  H N N 122 
HOH O    O N N 123 
HOH H1   H N N 124 
HOH H2   H N N 125 
ILE N    N N N 126 
ILE CA   C N S 127 
ILE C    C N N 128 
ILE O    O N N 129 
ILE CB   C N S 130 
ILE CG1  C N N 131 
ILE CG2  C N N 132 
ILE CD1  C N N 133 
ILE OXT  O N N 134 
ILE H    H N N 135 
ILE H2   H N N 136 
ILE HA   H N N 137 
ILE HB   H N N 138 
ILE HG12 H N N 139 
ILE HG13 H N N 140 
ILE HG21 H N N 141 
ILE HG22 H N N 142 
ILE HG23 H N N 143 
ILE HD11 H N N 144 
ILE HD12 H N N 145 
ILE HD13 H N N 146 
ILE HXT  H N N 147 
LEU N    N N N 148 
LEU CA   C N S 149 
LEU C    C N N 150 
LEU O    O N N 151 
LEU CB   C N N 152 
LEU CG   C N N 153 
LEU CD1  C N N 154 
LEU CD2  C N N 155 
LEU OXT  O N N 156 
LEU H    H N N 157 
LEU H2   H N N 158 
LEU HA   H N N 159 
LEU HB2  H N N 160 
LEU HB3  H N N 161 
LEU HG   H N N 162 
LEU HD11 H N N 163 
LEU HD12 H N N 164 
LEU HD13 H N N 165 
LEU HD21 H N N 166 
LEU HD22 H N N 167 
LEU HD23 H N N 168 
LEU HXT  H N N 169 
LYS N    N N N 170 
LYS CA   C N S 171 
LYS C    C N N 172 
LYS O    O N N 173 
LYS CB   C N N 174 
LYS CG   C N N 175 
LYS CD   C N N 176 
LYS CE   C N N 177 
LYS NZ   N N N 178 
LYS OXT  O N N 179 
LYS H    H N N 180 
LYS H2   H N N 181 
LYS HA   H N N 182 
LYS HB2  H N N 183 
LYS HB3  H N N 184 
LYS HG2  H N N 185 
LYS HG3  H N N 186 
LYS HD2  H N N 187 
LYS HD3  H N N 188 
LYS HE2  H N N 189 
LYS HE3  H N N 190 
LYS HZ1  H N N 191 
LYS HZ2  H N N 192 
LYS HZ3  H N N 193 
LYS HXT  H N N 194 
MET N    N N N 195 
MET CA   C N S 196 
MET C    C N N 197 
MET O    O N N 198 
MET CB   C N N 199 
MET CG   C N N 200 
MET SD   S N N 201 
MET CE   C N N 202 
MET OXT  O N N 203 
MET H    H N N 204 
MET H2   H N N 205 
MET HA   H N N 206 
MET HB2  H N N 207 
MET HB3  H N N 208 
MET HG2  H N N 209 
MET HG3  H N N 210 
MET HE1  H N N 211 
MET HE2  H N N 212 
MET HE3  H N N 213 
MET HXT  H N N 214 
PHE N    N N N 215 
PHE CA   C N S 216 
PHE C    C N N 217 
PHE O    O N N 218 
PHE CB   C N N 219 
PHE CG   C Y N 220 
PHE CD1  C Y N 221 
PHE CD2  C Y N 222 
PHE CE1  C Y N 223 
PHE CE2  C Y N 224 
PHE CZ   C Y N 225 
PHE OXT  O N N 226 
PHE H    H N N 227 
PHE H2   H N N 228 
PHE HA   H N N 229 
PHE HB2  H N N 230 
PHE HB3  H N N 231 
PHE HD1  H N N 232 
PHE HD2  H N N 233 
PHE HE1  H N N 234 
PHE HE2  H N N 235 
PHE HZ   H N N 236 
PHE HXT  H N N 237 
PRO N    N N N 238 
PRO CA   C N S 239 
PRO C    C N N 240 
PRO O    O N N 241 
PRO CB   C N N 242 
PRO CG   C N N 243 
PRO CD   C N N 244 
PRO OXT  O N N 245 
PRO H    H N N 246 
PRO HA   H N N 247 
PRO HB2  H N N 248 
PRO HB3  H N N 249 
PRO HG2  H N N 250 
PRO HG3  H N N 251 
PRO HD2  H N N 252 
PRO HD3  H N N 253 
PRO HXT  H N N 254 
SER N    N N N 255 
SER CA   C N S 256 
SER C    C N N 257 
SER O    O N N 258 
SER CB   C N N 259 
SER OG   O N N 260 
SER OXT  O N N 261 
SER H    H N N 262 
SER H2   H N N 263 
SER HA   H N N 264 
SER HB2  H N N 265 
SER HB3  H N N 266 
SER HG   H N N 267 
SER HXT  H N N 268 
THR N    N N N 269 
THR CA   C N S 270 
THR C    C N N 271 
THR O    O N N 272 
THR CB   C N R 273 
THR OG1  O N N 274 
THR CG2  C N N 275 
THR OXT  O N N 276 
THR H    H N N 277 
THR H2   H N N 278 
THR HA   H N N 279 
THR HB   H N N 280 
THR HG1  H N N 281 
THR HG21 H N N 282 
THR HG22 H N N 283 
THR HG23 H N N 284 
THR HXT  H N N 285 
TYR N    N N N 286 
TYR CA   C N S 287 
TYR C    C N N 288 
TYR O    O N N 289 
TYR CB   C N N 290 
TYR CG   C Y N 291 
TYR CD1  C Y N 292 
TYR CD2  C Y N 293 
TYR CE1  C Y N 294 
TYR CE2  C Y N 295 
TYR CZ   C Y N 296 
TYR OH   O N N 297 
TYR OXT  O N N 298 
TYR H    H N N 299 
TYR H2   H N N 300 
TYR HA   H N N 301 
TYR HB2  H N N 302 
TYR HB3  H N N 303 
TYR HD1  H N N 304 
TYR HD2  H N N 305 
TYR HE1  H N N 306 
TYR HE2  H N N 307 
TYR HH   H N N 308 
TYR HXT  H N N 309 
VAL N    N N N 310 
VAL CA   C N S 311 
VAL C    C N N 312 
VAL O    O N N 313 
VAL CB   C N N 314 
VAL CG1  C N N 315 
VAL CG2  C N N 316 
VAL OXT  O N N 317 
VAL H    H N N 318 
VAL H2   H N N 319 
VAL HA   H N N 320 
VAL HB   H N N 321 
VAL HG11 H N N 322 
VAL HG12 H N N 323 
VAL HG13 H N N 324 
VAL HG21 H N N 325 
VAL HG22 H N N 326 
VAL HG23 H N N 327 
VAL HXT  H N N 328 
# 
loop_
_chem_comp_bond.comp_id 
_chem_comp_bond.atom_id_1 
_chem_comp_bond.atom_id_2 
_chem_comp_bond.value_order 
_chem_comp_bond.pdbx_aromatic_flag 
_chem_comp_bond.pdbx_stereo_config 
_chem_comp_bond.pdbx_ordinal 
ALA N   CA   sing N N 1   
ALA N   H    sing N N 2   
ALA N   H2   sing N N 3   
ALA CA  C    sing N N 4   
ALA CA  CB   sing N N 5   
ALA CA  HA   sing N N 6   
ALA C   O    doub N N 7   
ALA C   OXT  sing N N 8   
ALA CB  HB1  sing N N 9   
ALA CB  HB2  sing N N 10  
ALA CB  HB3  sing N N 11  
ALA OXT HXT  sing N N 12  
ARG N   CA   sing N N 13  
ARG N   H    sing N N 14  
ARG N   H2   sing N N 15  
ARG CA  C    sing N N 16  
ARG CA  CB   sing N N 17  
ARG CA  HA   sing N N 18  
ARG C   O    doub N N 19  
ARG C   OXT  sing N N 20  
ARG CB  CG   sing N N 21  
ARG CB  HB2  sing N N 22  
ARG CB  HB3  sing N N 23  
ARG CG  CD   sing N N 24  
ARG CG  HG2  sing N N 25  
ARG CG  HG3  sing N N 26  
ARG CD  NE   sing N N 27  
ARG CD  HD2  sing N N 28  
ARG CD  HD3  sing N N 29  
ARG NE  CZ   sing N N 30  
ARG NE  HE   sing N N 31  
ARG CZ  NH1  sing N N 32  
ARG CZ  NH2  doub N N 33  
ARG NH1 HH11 sing N N 34  
ARG NH1 HH12 sing N N 35  
ARG NH2 HH21 sing N N 36  
ARG NH2 HH22 sing N N 37  
ARG OXT HXT  sing N N 38  
ASN N   CA   sing N N 39  
ASN N   H    sing N N 40  
ASN N   H2   sing N N 41  
ASN CA  C    sing N N 42  
ASN CA  CB   sing N N 43  
ASN CA  HA   sing N N 44  
ASN C   O    doub N N 45  
ASN C   OXT  sing N N 46  
ASN CB  CG   sing N N 47  
ASN CB  HB2  sing N N 48  
ASN CB  HB3  sing N N 49  
ASN CG  OD1  doub N N 50  
ASN CG  ND2  sing N N 51  
ASN ND2 HD21 sing N N 52  
ASN ND2 HD22 sing N N 53  
ASN OXT HXT  sing N N 54  
ASP N   CA   sing N N 55  
ASP N   H    sing N N 56  
ASP N   H2   sing N N 57  
ASP CA  C    sing N N 58  
ASP CA  CB   sing N N 59  
ASP CA  HA   sing N N 60  
ASP C   O    doub N N 61  
ASP C   OXT  sing N N 62  
ASP CB  CG   sing N N 63  
ASP CB  HB2  sing N N 64  
ASP CB  HB3  sing N N 65  
ASP CG  OD1  doub N N 66  
ASP CG  OD2  sing N N 67  
ASP OD2 HD2  sing N N 68  
ASP OXT HXT  sing N N 69  
GLN N   CA   sing N N 70  
GLN N   H    sing N N 71  
GLN N   H2   sing N N 72  
GLN CA  C    sing N N 73  
GLN CA  CB   sing N N 74  
GLN CA  HA   sing N N 75  
GLN C   O    doub N N 76  
GLN C   OXT  sing N N 77  
GLN CB  CG   sing N N 78  
GLN CB  HB2  sing N N 79  
GLN CB  HB3  sing N N 80  
GLN CG  CD   sing N N 81  
GLN CG  HG2  sing N N 82  
GLN CG  HG3  sing N N 83  
GLN CD  OE1  doub N N 84  
GLN CD  NE2  sing N N 85  
GLN NE2 HE21 sing N N 86  
GLN NE2 HE22 sing N N 87  
GLN OXT HXT  sing N N 88  
GLU N   CA   sing N N 89  
GLU N   H    sing N N 90  
GLU N   H2   sing N N 91  
GLU CA  C    sing N N 92  
GLU CA  CB   sing N N 93  
GLU CA  HA   sing N N 94  
GLU C   O    doub N N 95  
GLU C   OXT  sing N N 96  
GLU CB  CG   sing N N 97  
GLU CB  HB2  sing N N 98  
GLU CB  HB3  sing N N 99  
GLU CG  CD   sing N N 100 
GLU CG  HG2  sing N N 101 
GLU CG  HG3  sing N N 102 
GLU CD  OE1  doub N N 103 
GLU CD  OE2  sing N N 104 
GLU OE2 HE2  sing N N 105 
GLU OXT HXT  sing N N 106 
GLY N   CA   sing N N 107 
GLY N   H    sing N N 108 
GLY N   H2   sing N N 109 
GLY CA  C    sing N N 110 
GLY CA  HA2  sing N N 111 
GLY CA  HA3  sing N N 112 
GLY C   O    doub N N 113 
GLY C   OXT  sing N N 114 
GLY OXT HXT  sing N N 115 
HOH O   H1   sing N N 116 
HOH O   H2   sing N N 117 
ILE N   CA   sing N N 118 
ILE N   H    sing N N 119 
ILE N   H2   sing N N 120 
ILE CA  C    sing N N 121 
ILE CA  CB   sing N N 122 
ILE CA  HA   sing N N 123 
ILE C   O    doub N N 124 
ILE C   OXT  sing N N 125 
ILE CB  CG1  sing N N 126 
ILE CB  CG2  sing N N 127 
ILE CB  HB   sing N N 128 
ILE CG1 CD1  sing N N 129 
ILE CG1 HG12 sing N N 130 
ILE CG1 HG13 sing N N 131 
ILE CG2 HG21 sing N N 132 
ILE CG2 HG22 sing N N 133 
ILE CG2 HG23 sing N N 134 
ILE CD1 HD11 sing N N 135 
ILE CD1 HD12 sing N N 136 
ILE CD1 HD13 sing N N 137 
ILE OXT HXT  sing N N 138 
LEU N   CA   sing N N 139 
LEU N   H    sing N N 140 
LEU N   H2   sing N N 141 
LEU CA  C    sing N N 142 
LEU CA  CB   sing N N 143 
LEU CA  HA   sing N N 144 
LEU C   O    doub N N 145 
LEU C   OXT  sing N N 146 
LEU CB  CG   sing N N 147 
LEU CB  HB2  sing N N 148 
LEU CB  HB3  sing N N 149 
LEU CG  CD1  sing N N 150 
LEU CG  CD2  sing N N 151 
LEU CG  HG   sing N N 152 
LEU CD1 HD11 sing N N 153 
LEU CD1 HD12 sing N N 154 
LEU CD1 HD13 sing N N 155 
LEU CD2 HD21 sing N N 156 
LEU CD2 HD22 sing N N 157 
LEU CD2 HD23 sing N N 158 
LEU OXT HXT  sing N N 159 
LYS N   CA   sing N N 160 
LYS N   H    sing N N 161 
LYS N   H2   sing N N 162 
LYS CA  C    sing N N 163 
LYS CA  CB   sing N N 164 
LYS CA  HA   sing N N 165 
LYS C   O    doub N N 166 
LYS C   OXT  sing N N 167 
LYS CB  CG   sing N N 168 
LYS CB  HB2  sing N N 169 
LYS CB  HB3  sing N N 170 
LYS CG  CD   sing N N 171 
LYS CG  HG2  sing N N 172 
LYS CG  HG3  sing N N 173 
LYS CD  CE   sing N N 174 
LYS CD  HD2  sing N N 175 
LYS CD  HD3  sing N N 176 
LYS CE  NZ   sing N N 177 
LYS CE  HE2  sing N N 178 
LYS CE  HE3  sing N N 179 
LYS NZ  HZ1  sing N N 180 
LYS NZ  HZ2  sing N N 181 
LYS NZ  HZ3  sing N N 182 
LYS OXT HXT  sing N N 183 
MET N   CA   sing N N 184 
MET N   H    sing N N 185 
MET N   H2   sing N N 186 
MET CA  C    sing N N 187 
MET CA  CB   sing N N 188 
MET CA  HA   sing N N 189 
MET C   O    doub N N 190 
MET C   OXT  sing N N 191 
MET CB  CG   sing N N 192 
MET CB  HB2  sing N N 193 
MET CB  HB3  sing N N 194 
MET CG  SD   sing N N 195 
MET CG  HG2  sing N N 196 
MET CG  HG3  sing N N 197 
MET SD  CE   sing N N 198 
MET CE  HE1  sing N N 199 
MET CE  HE2  sing N N 200 
MET CE  HE3  sing N N 201 
MET OXT HXT  sing N N 202 
PHE N   CA   sing N N 203 
PHE N   H    sing N N 204 
PHE N   H2   sing N N 205 
PHE CA  C    sing N N 206 
PHE CA  CB   sing N N 207 
PHE CA  HA   sing N N 208 
PHE C   O    doub N N 209 
PHE C   OXT  sing N N 210 
PHE CB  CG   sing N N 211 
PHE CB  HB2  sing N N 212 
PHE CB  HB3  sing N N 213 
PHE CG  CD1  doub Y N 214 
PHE CG  CD2  sing Y N 215 
PHE CD1 CE1  sing Y N 216 
PHE CD1 HD1  sing N N 217 
PHE CD2 CE2  doub Y N 218 
PHE CD2 HD2  sing N N 219 
PHE CE1 CZ   doub Y N 220 
PHE CE1 HE1  sing N N 221 
PHE CE2 CZ   sing Y N 222 
PHE CE2 HE2  sing N N 223 
PHE CZ  HZ   sing N N 224 
PHE OXT HXT  sing N N 225 
PRO N   CA   sing N N 226 
PRO N   CD   sing N N 227 
PRO N   H    sing N N 228 
PRO CA  C    sing N N 229 
PRO CA  CB   sing N N 230 
PRO CA  HA   sing N N 231 
PRO C   O    doub N N 232 
PRO C   OXT  sing N N 233 
PRO CB  CG   sing N N 234 
PRO CB  HB2  sing N N 235 
PRO CB  HB3  sing N N 236 
PRO CG  CD   sing N N 237 
PRO CG  HG2  sing N N 238 
PRO CG  HG3  sing N N 239 
PRO CD  HD2  sing N N 240 
PRO CD  HD3  sing N N 241 
PRO OXT HXT  sing N N 242 
SER N   CA   sing N N 243 
SER N   H    sing N N 244 
SER N   H2   sing N N 245 
SER CA  C    sing N N 246 
SER CA  CB   sing N N 247 
SER CA  HA   sing N N 248 
SER C   O    doub N N 249 
SER C   OXT  sing N N 250 
SER CB  OG   sing N N 251 
SER CB  HB2  sing N N 252 
SER CB  HB3  sing N N 253 
SER OG  HG   sing N N 254 
SER OXT HXT  sing N N 255 
THR N   CA   sing N N 256 
THR N   H    sing N N 257 
THR N   H2   sing N N 258 
THR CA  C    sing N N 259 
THR CA  CB   sing N N 260 
THR CA  HA   sing N N 261 
THR C   O    doub N N 262 
THR C   OXT  sing N N 263 
THR CB  OG1  sing N N 264 
THR CB  CG2  sing N N 265 
THR CB  HB   sing N N 266 
THR OG1 HG1  sing N N 267 
THR CG2 HG21 sing N N 268 
THR CG2 HG22 sing N N 269 
THR CG2 HG23 sing N N 270 
THR OXT HXT  sing N N 271 
TYR N   CA   sing N N 272 
TYR N   H    sing N N 273 
TYR N   H2   sing N N 274 
TYR CA  C    sing N N 275 
TYR CA  CB   sing N N 276 
TYR CA  HA   sing N N 277 
TYR C   O    doub N N 278 
TYR C   OXT  sing N N 279 
TYR CB  CG   sing N N 280 
TYR CB  HB2  sing N N 281 
TYR CB  HB3  sing N N 282 
TYR CG  CD1  doub Y N 283 
TYR CG  CD2  sing Y N 284 
TYR CD1 CE1  sing Y N 285 
TYR CD1 HD1  sing N N 286 
TYR CD2 CE2  doub Y N 287 
TYR CD2 HD2  sing N N 288 
TYR CE1 CZ   doub Y N 289 
TYR CE1 HE1  sing N N 290 
TYR CE2 CZ   sing Y N 291 
TYR CE2 HE2  sing N N 292 
TYR CZ  OH   sing N N 293 
TYR OH  HH   sing N N 294 
TYR OXT HXT  sing N N 295 
VAL N   CA   sing N N 296 
VAL N   H    sing N N 297 
VAL N   H2   sing N N 298 
VAL CA  C    sing N N 299 
VAL CA  CB   sing N N 300 
VAL CA  HA   sing N N 301 
VAL C   O    doub N N 302 
VAL C   OXT  sing N N 303 
VAL CB  CG1  sing N N 304 
VAL CB  CG2  sing N N 305 
VAL CB  HB   sing N N 306 
VAL CG1 HG11 sing N N 307 
VAL CG1 HG12 sing N N 308 
VAL CG1 HG13 sing N N 309 
VAL CG2 HG21 sing N N 310 
VAL CG2 HG22 sing N N 311 
VAL CG2 HG23 sing N N 312 
VAL OXT HXT  sing N N 313 
# 
_atom_sites.entry_id                    2GXG 
_atom_sites.fract_transf_matrix[1][1]   0.01402661 
_atom_sites.fract_transf_matrix[1][2]   -0.00482402 
_atom_sites.fract_transf_matrix[1][3]   -0.01581842 
_atom_sites.fract_transf_matrix[2][1]   -0.01410809 
_atom_sites.fract_transf_matrix[2][2]   -0.01431285 
_atom_sites.fract_transf_matrix[2][3]   -0.00814514 
_atom_sites.fract_transf_matrix[3][1]   -0.00283712 
_atom_sites.fract_transf_matrix[3][2]   0.00511607 
_atom_sites.fract_transf_matrix[3][3]   -0.00407596 
_atom_sites.fract_transf_vector[1]      0.596589 
_atom_sites.fract_transf_vector[2]      0.357640 
_atom_sites.fract_transf_vector[3]      0.329890 
# 
loop_
_atom_type.symbol 
C 
N 
O 
S 
# 
loop_
_atom_site.group_PDB 
_atom_site.id 
_atom_site.type_symbol 
_atom_site.label_atom_id 
_atom_site.label_alt_id 
_atom_site.label_comp_id 
_atom_site.label_asym_id 
_atom_site.label_entity_id 
_atom_site.label_seq_id 
_atom_site.pdbx_PDB_ins_code 
_atom_site.Cartn_x 
_atom_site.Cartn_y 
_atom_site.Cartn_z 
_atom_site.occupancy 
_atom_site.B_iso_or_equiv 
_atom_site.pdbx_formal_charge 
_atom_site.auth_seq_id 
_atom_site.auth_comp_id 
_atom_site.auth_asym_id 
_atom_site.auth_atom_id 
_atom_site.pdbx_PDB_model_num 
ATOM   1    N N   . GLU A 1 6   ? -3.259  -24.444 19.321  1.00 32.88 ? 6   GLU A N   1 
ATOM   2    C CA  . GLU A 1 6   ? -2.591  -23.115 19.378  1.00 32.06 ? 6   GLU A CA  1 
ATOM   3    C C   . GLU A 1 6   ? -3.108  -22.246 18.214  1.00 29.99 ? 6   GLU A C   1 
ATOM   4    O O   . GLU A 1 6   ? -2.371  -21.786 17.327  1.00 30.04 ? 6   GLU A O   1 
ATOM   5    C CB  . GLU A 1 6   ? -1.078  -23.271 19.354  1.00 33.45 ? 6   GLU A CB  1 
ATOM   6    C CG  . GLU A 1 6   ? -0.545  -24.297 18.374  1.00 37.32 ? 6   GLU A CG  1 
ATOM   7    C CD  . GLU A 1 6   ? 0.647   -25.063 18.940  1.00 41.75 ? 6   GLU A CD  1 
ATOM   8    O OE1 . GLU A 1 6   ? 1.712   -24.443 19.172  1.00 44.49 ? 6   GLU A OE1 1 
ATOM   9    O OE2 . GLU A 1 6   ? 0.519   -26.291 19.152  1.00 46.19 ? 6   GLU A OE2 1 
ATOM   10   N N   . ASN A 1 7   ? -4.405  -21.998 18.277  1.00 27.22 ? 7   ASN A N   1 
ATOM   11   C CA  . ASN A 1 7   ? -5.099  -21.324 17.190  1.00 25.91 ? 7   ASN A CA  1 
ATOM   12   C C   . ASN A 1 7   ? -4.732  -19.860 17.045  1.00 24.46 ? 7   ASN A C   1 
ATOM   13   O O   . ASN A 1 7   ? -4.791  -19.332 15.937  1.00 21.89 ? 7   ASN A O   1 
ATOM   14   C CB  . ASN A 1 7   ? -6.606  -21.473 17.360  1.00 25.92 ? 7   ASN A CB  1 
ATOM   15   C CG  . ASN A 1 7   ? -7.061  -22.926 17.243  1.00 25.59 ? 7   ASN A CG  1 
ATOM   16   O OD1 . ASN A 1 7   ? -6.442  -23.730 16.545  1.00 24.25 ? 7   ASN A OD1 1 
ATOM   17   N ND2 . ASN A 1 7   ? -8.168  -23.250 17.926  1.00 28.19 ? 7   ASN A ND2 1 
ATOM   18   N N   . ARG A 1 8   ? -4.412  -19.187 18.137  1.00 23.90 ? 8   ARG A N   1 
ATOM   19   C CA  . ARG A 1 8   ? -4.179  -17.750 18.069  1.00 23.15 ? 8   ARG A CA  1 
ATOM   20   C C   . ARG A 1 8   ? -2.857  -17.463 17.362  1.00 23.44 ? 8   ARG A C   1 
ATOM   21   O O   . ARG A 1 8   ? -2.796  -16.599 16.483  1.00 21.28 ? 8   ARG A O   1 
ATOM   22   C CB  . ARG A 1 8   ? -4.263  -17.102 19.431  1.00 23.21 ? 8   ARG A CB  1 
ATOM   23   C CG  . ARG A 1 8   ? -5.685  -17.098 20.009  1.00 21.96 ? 8   ARG A CG  1 
ATOM   24   C CD  . ARG A 1 8   ? -5.748  -16.634 21.443  1.00 21.86 ? 8   ARG A CD  1 
ATOM   25   N NE  . ARG A 1 8   ? -7.108  -16.788 21.968  1.00 22.68 ? 8   ARG A NE  1 
ATOM   26   C CZ  . ARG A 1 8   ? -8.096  -15.893 21.846  1.00 24.13 ? 8   ARG A CZ  1 
ATOM   27   N NH1 . ARG A 1 8   ? -7.932  -14.726 21.228  1.00 23.32 ? 8   ARG A NH1 1 
ATOM   28   N NH2 . ARG A 1 8   ? -9.301  -16.184 22.339  1.00 25.62 ? 8   ARG A NH2 1 
ATOM   29   N N   . ILE A 1 9   ? -1.815  -18.220 17.669  1.00 22.37 ? 9   ILE A N   1 
ATOM   30   C CA  . ILE A 1 9   ? -0.555  -18.058 16.937  1.00 22.42 ? 9   ILE A CA  1 
ATOM   31   C C   . ILE A 1 9   ? -0.714  -18.536 15.465  1.00 22.23 ? 9   ILE A C   1 
ATOM   32   O O   . ILE A 1 9   ? -0.092  -17.991 14.546  1.00 22.25 ? 9   ILE A O   1 
ATOM   33   C CB  . ILE A 1 9   ? 0.642   -18.741 17.666  1.00 22.92 ? 9   ILE A CB  1 
ATOM   34   C CG1 . ILE A 1 9   ? 1.955   -18.433 16.960  1.00 24.71 ? 9   ILE A CG1 1 
ATOM   35   C CG2 . ILE A 1 9   ? 0.445   -20.236 17.746  1.00 22.69 ? 9   ILE A CG2 1 
ATOM   36   C CD1 . ILE A 1 9   ? 3.166   -18.971 17.681  1.00 24.73 ? 9   ILE A CD1 1 
ATOM   37   N N   . GLN A 1 10  ? -1.551  -19.540 15.226  1.00 21.99 ? 10  GLN A N   1 
ATOM   38   C CA  . GLN A 1 10  ? -1.810  -20.004 13.872  1.00 22.16 ? 10  GLN A CA  1 
ATOM   39   C C   . GLN A 1 10  ? -2.499  -18.958 12.972  1.00 20.32 ? 10  GLN A C   1 
ATOM   40   O O   . GLN A 1 10  ? -2.168  -18.886 11.769  1.00 21.03 ? 10  GLN A O   1 
ATOM   41   C CB  . GLN A 1 10  ? -2.592  -21.318 13.834  1.00 22.74 ? 10  GLN A CB  1 
ATOM   42   C CG  . GLN A 1 10  ? -2.182  -22.101 12.627  1.00 27.36 ? 10  GLN A CG  1 
ATOM   43   C CD  . GLN A 1 10  ? -2.968  -23.386 12.383  1.00 33.57 ? 10  GLN A CD  1 
ATOM   44   O OE1 . GLN A 1 10  ? -3.539  -23.978 13.314  1.00 36.44 ? 10  GLN A OE1 1 
ATOM   45   N NE2 . GLN A 1 10  ? -2.993  -23.823 11.122  1.00 35.37 ? 10  GLN A NE2 1 
ATOM   46   N N   . ILE A 1 11  ? -3.391  -18.181 13.552  1.00 20.18 ? 11  ILE A N   1 
ATOM   47   C CA  . ILE A 1 11  ? -4.015  -17.050 12.847  1.00 19.75 ? 11  ILE A CA  1 
ATOM   48   C C   . ILE A 1 11  ? -2.882  -16.141 12.388  1.00 18.32 ? 11  ILE A C   1 
ATOM   49   O O   . ILE A 1 11  ? -2.813  -15.746 11.226  1.00 18.59 ? 11  ILE A O   1 
ATOM   50   C CB  . ILE A 1 11  ? -5.015  -16.236 13.699  1.00 20.52 ? 11  ILE A CB  1 
ATOM   51   C CG1 . ILE A 1 11  ? -6.325  -16.980 13.914  1.00 23.16 ? 11  ILE A CG1 1 
ATOM   52   C CG2 . ILE A 1 11  ? -5.302  -14.872 12.980  1.00 22.35 ? 11  ILE A CG2 1 
ATOM   53   C CD1 . ILE A 1 11  ? -7.295  -16.261 14.838  1.00 25.21 ? 11  ILE A CD1 1 
ATOM   54   N N   . MET A 1 12  ? -1.998  -15.737 13.303  1.00 17.14 ? 12  MET A N   1 
ATOM   55   C CA  . MET A 1 12  ? -0.961  -14.785 12.988  1.00 16.74 ? 12  MET A CA  1 
ATOM   56   C C   . MET A 1 12  ? 0.057   -15.321 11.980  1.00 16.59 ? 12  MET A C   1 
ATOM   57   O O   . MET A 1 12  ? 0.457   -14.592 11.053  1.00 16.18 ? 12  MET A O   1 
ATOM   58   C CB  . MET A 1 12  ? -0.270  -14.298 14.254  1.00 17.57 ? 12  MET A CB  1 
ATOM   59   C CG  . MET A 1 12  ? -1.222  -13.762 15.303  1.00 17.13 ? 12  MET A CG  1 
ATOM   60   S SD  . MET A 1 12  ? -2.506  -12.681 14.679  1.00 18.52 ? 12  MET A SD  1 
ATOM   61   C CE  . MET A 1 12  ? -1.472  -11.349 14.064  1.00 18.50 ? 12  MET A CE  1 
ATOM   62   N N   . SER A 1 13  ? 0.464   -16.583 12.073  1.00 17.06 ? 13  SER A N   1 
ATOM   63   C CA  . SER A 1 13  ? 1.416   -17.135 11.112  1.00 16.23 ? 13  SER A CA  1 
ATOM   64   C C   . SER A 1 13  ? 0.802   -17.332 9.697   1.00 15.39 ? 13  SER A C   1 
ATOM   65   O O   . SER A 1 13  ? 1.486   -17.272 8.669   1.00 16.26 ? 13  SER A O   1 
ATOM   66   C CB  . SER A 1 13  ? 2.074   -18.438 11.618  1.00 18.12 ? 13  SER A CB  1 
ATOM   67   O OG  . SER A 1 13  ? 1.101   -19.373 11.988  1.00 22.51 ? 13  SER A OG  1 
ATOM   68   N N   . THR A 1 14  ? -0.488  -17.646 9.681   1.00 16.93 ? 14  THR A N   1 
ATOM   69   C CA  . THR A 1 14  ? -1.182  -17.765 8.416   1.00 17.14 ? 14  THR A CA  1 
ATOM   70   C C   . THR A 1 14  ? -1.304  -16.375 7.752   1.00 15.86 ? 14  THR A C   1 
ATOM   71   O O   . THR A 1 14  ? -1.056  -16.286 6.541   1.00 15.97 ? 14  THR A O   1 
ATOM   72   C CB  . THR A 1 14  ? -2.567  -18.421 8.595   1.00 17.62 ? 14  THR A CB  1 
ATOM   73   O OG1 . THR A 1 14  ? -2.429  -19.738 9.158   1.00 21.35 ? 14  THR A OG1 1 
ATOM   74   C CG2 . THR A 1 14  ? -3.228  -18.636 7.252   1.00 19.10 ? 14  THR A CG2 1 
ATOM   75   N N   . ILE A 1 15  ? -1.619  -15.367 8.548   1.00 16.23 ? 15  ILE A N   1 
ATOM   76   C CA  . ILE A 1 15  ? -1.619  -13.973 8.073   1.00 15.80 ? 15  ILE A CA  1 
ATOM   77   C C   . ILE A 1 15  ? -0.275  -13.645 7.413   1.00 16.27 ? 15  ILE A C   1 
ATOM   78   O O   . ILE A 1 15  ? -0.214  -13.110 6.310   1.00 15.35 ? 15  ILE A O   1 
ATOM   79   C CB  . ILE A 1 15  ? -2.017  -13.003 9.179   1.00 16.47 ? 15  ILE A CB  1 
ATOM   80   C CG1 . ILE A 1 15  ? -3.542  -13.101 9.403   1.00 16.33 ? 15  ILE A CG1 1 
ATOM   81   C CG2 . ILE A 1 15  ? -1.569  -11.583 8.836   1.00 17.74 ? 15  ILE A CG2 1 
ATOM   82   C CD1 . ILE A 1 15  ? -4.029  -12.341 10.532  1.00 18.02 ? 15  ILE A CD1 1 
ATOM   83   N N   . ALA A 1 16  ? 0.817   -14.006 8.076   1.00 15.23 ? 16  ALA A N   1 
ATOM   84   C CA  . ALA A 1 16  ? 2.142   -13.740 7.535   1.00 14.27 ? 16  ALA A CA  1 
ATOM   85   C C   . ALA A 1 16  ? 2.409   -14.461 6.233   1.00 14.94 ? 16  ALA A C   1 
ATOM   86   O O   . ALA A 1 16  ? 2.959   -13.903 5.278   1.00 14.28 ? 16  ALA A O   1 
ATOM   87   C CB  . ALA A 1 16  ? 3.215   -14.086 8.595   1.00 15.05 ? 16  ALA A CB  1 
ATOM   88   N N   . LYS A 1 17  ? 2.023   -15.734 6.165   1.00 13.97 ? 17  LYS A N   1 
ATOM   89   C CA  . LYS A 1 17  ? 2.213   -16.515 4.950   1.00 14.51 ? 17  LYS A CA  1 
ATOM   90   C C   . LYS A 1 17  ? 1.401   -15.953 3.764   1.00 13.62 ? 17  LYS A C   1 
ATOM   91   O O   . LYS A 1 17  ? 1.888   -15.930 2.641   1.00 14.24 ? 17  LYS A O   1 
ATOM   92   C CB  . LYS A 1 17  ? 1.891   -18.017 5.151   1.00 15.48 ? 17  LYS A CB  1 
ATOM   93   C CG  . LYS A 1 17  ? 2.899   -18.710 6.070   1.00 15.85 ? 17  LYS A CG  1 
ATOM   94   C CD  . LYS A 1 17  ? 2.342   -20.047 6.575   1.00 20.32 ? 17  LYS A CD  1 
ATOM   95   C CE  . LYS A 1 17  ? 3.222   -20.644 7.714   1.00 21.52 ? 17  LYS A CE  1 
ATOM   96   N NZ  . LYS A 1 17  ? 2.568   -21.862 8.228   1.00 27.40 ? 17  LYS A NZ  1 
ATOM   97   N N   . ILE A 1 18  ? 0.175   -15.527 4.039   1.00 14.95 ? 18  ILE A N   1 
ATOM   98   C CA  . ILE A 1 18  ? -0.672  -14.898 3.008   1.00 14.52 ? 18  ILE A CA  1 
ATOM   99   C C   . ILE A 1 18  ? 0.003   -13.628 2.540   1.00 13.81 ? 18  ILE A C   1 
ATOM   100  O O   . ILE A 1 18  ? 0.136   -13.453 1.335   1.00 14.57 ? 18  ILE A O   1 
ATOM   101  C CB  . ILE A 1 18  ? -2.044  -14.598 3.578   1.00 14.23 ? 18  ILE A CB  1 
ATOM   102  C CG1 . ILE A 1 18  ? -2.826  -15.901 3.815   1.00 16.02 ? 18  ILE A CG1 1 
ATOM   103  C CG2 . ILE A 1 18  ? -2.798  -13.700 2.575   1.00 16.03 ? 18  ILE A CG2 1 
ATOM   104  C CD1 . ILE A 1 18  ? -4.039  -15.753 4.593   1.00 16.17 ? 18  ILE A CD1 1 
ATOM   105  N N   . TYR A 1 19  ? 0.512   -12.813 3.463   1.00 13.88 ? 19  TYR A N   1 
ATOM   106  C CA  . TYR A 1 19  ? 1.123   -11.562 3.052   1.00 13.46 ? 19  TYR A CA  1 
ATOM   107  C C   . TYR A 1 19  ? 2.309   -11.836 2.145   1.00 13.71 ? 19  TYR A C   1 
ATOM   108  O O   . TYR A 1 19  ? 2.488   -11.161 1.128   1.00 13.62 ? 19  TYR A O   1 
ATOM   109  C CB  . TYR A 1 19  ? 1.556   -10.736 4.237   1.00 13.68 ? 19  TYR A CB  1 
ATOM   110  C CG  . TYR A 1 19  ? 2.422   -9.569  3.833   1.00 13.97 ? 19  TYR A CG  1 
ATOM   111  C CD1 . TYR A 1 19  ? 1.866   -8.422  3.310   1.00 16.20 ? 19  TYR A CD1 1 
ATOM   112  C CD2 . TYR A 1 19  ? 3.802   -9.696  3.816   1.00 15.81 ? 19  TYR A CD2 1 
ATOM   113  C CE1 . TYR A 1 19  ? 2.713   -7.375  2.866   1.00 16.56 ? 19  TYR A CE1 1 
ATOM   114  C CE2 . TYR A 1 19  ? 4.610   -8.696  3.416   1.00 15.64 ? 19  TYR A CE2 1 
ATOM   115  C CZ  . TYR A 1 19  ? 4.063   -7.551  2.962   1.00 15.19 ? 19  TYR A CZ  1 
ATOM   116  O OH  . TYR A 1 19  ? 4.985   -6.595  2.476   1.00 20.05 ? 19  TYR A OH  1 
ATOM   117  N N   . ARG A 1 20  ? 3.159   -12.790 2.495   1.00 14.03 ? 20  ARG A N   1 
ATOM   118  C CA  . ARG A 1 20  ? 4.349   -13.009 1.717   1.00 15.17 ? 20  ARG A CA  1 
ATOM   119  C C   . ARG A 1 20  ? 4.008   -13.429 0.298   1.00 15.35 ? 20  ARG A C   1 
ATOM   120  O O   . ARG A 1 20  ? 4.575   -12.958 -0.692  1.00 16.05 ? 20  ARG A O   1 
ATOM   121  C CB  . ARG A 1 20  ? 5.285   -14.028 2.430   1.00 16.21 ? 20  ARG A CB  1 
ATOM   122  C CG  . ARG A 1 20  ? 5.888   -13.493 3.705   1.00 17.83 ? 20  ARG A CG  1 
ATOM   123  C CD  . ARG A 1 20  ? 7.142   -14.175 4.343   1.00 24.28 ? 20  ARG A CD  1 
ATOM   124  N NE  . ARG A 1 20  ? 6.646   -15.330 4.995   1.00 26.30 ? 20  ARG A NE  1 
ATOM   125  C CZ  . ARG A 1 20  ? 6.356   -15.539 6.277   1.00 19.27 ? 20  ARG A CZ  1 
ATOM   126  N NH1 . ARG A 1 20  ? 6.703   -14.796 7.328   1.00 22.33 ? 20  ARG A NH1 1 
ATOM   127  N NH2 . ARG A 1 20  ? 5.778   -16.671 6.477   1.00 19.81 ? 20  ARG A NH2 1 
ATOM   128  N N   . ALA A 1 21  ? 3.071   -14.352 0.178   1.00 15.58 ? 21  ALA A N   1 
ATOM   129  C CA  . ALA A 1 21  ? 2.704   -14.839 -1.141  1.00 14.67 ? 21  ALA A CA  1 
ATOM   130  C C   . ALA A 1 21  ? 1.942   -13.784 -1.968  1.00 15.45 ? 21  ALA A C   1 
ATOM   131  O O   . ALA A 1 21  ? 2.172   -13.656 -3.177  1.00 16.69 ? 21  ALA A O   1 
ATOM   132  C CB  . ALA A 1 21  ? 1.884   -16.117 -1.001  1.00 16.65 ? 21  ALA A CB  1 
ATOM   133  N N   . MET A 1 22  ? 1.093   -13.045 -1.307  1.00 14.91 ? 22  MET A N   1 
ATOM   134  C CA  . MET A 1 22  ? 0.398   -11.945 -1.969  1.00 14.78 ? 22  MET A CA  1 
ATOM   135  C C   . MET A 1 22  ? 1.378   -10.903 -2.467  1.00 16.53 ? 22  MET A C   1 
ATOM   136  O O   . MET A 1 22  ? 1.224   -10.379 -3.566  1.00 15.83 ? 22  MET A O   1 
ATOM   137  C CB  . MET A 1 22  ? -0.563  -11.268 -1.025  1.00 16.79 ? 22  MET A CB  1 
ATOM   138  C CG  . MET A 1 22  ? -1.858  -11.953 -0.892  1.00 18.72 ? 22  MET A CG  1 
ATOM   139  S SD  . MET A 1 22  ? -2.850  -11.942 -2.417  1.00 20.66 ? 22  MET A SD  1 
ATOM   140  C CE  . MET A 1 22  ? -3.234  -10.429 -2.543  1.00 18.55 ? 22  MET A CE  1 
ATOM   141  N N   . SER A 1 23  ? 2.381   -10.626 -1.664  1.00 16.27 ? 23  SER A N   1 
ATOM   142  C CA  . SER A 1 23  ? 3.425   -9.648  -2.027  1.00 17.87 ? 23  SER A CA  1 
ATOM   143  C C   . SER A 1 23  ? 4.149   -10.039 -3.287  1.00 17.99 ? 23  SER A C   1 
ATOM   144  O O   . SER A 1 23  ? 4.371   -9.208  -4.210  1.00 18.55 ? 23  SER A O   1 
ATOM   145  C CB  . SER A 1 23  ? 4.416   -9.463  -0.880  1.00 18.89 ? 23  SER A CB  1 
ATOM   146  O OG  . SER A 1 23  ? 3.804   -8.766  0.119   1.00 26.52 ? 23  SER A OG  1 
ATOM   147  N N   . ARG A 1 24  ? 4.556   -11.282 -3.359  1.00 19.02 ? 24  ARG A N   1 
ATOM   148  C CA  . ARG A 1 24  ? 5.255   -11.755 -4.530  1.00 19.54 ? 24  ARG A CA  1 
ATOM   149  C C   . ARG A 1 24  ? 4.334   -11.606 -5.744  1.00 18.71 ? 24  ARG A C   1 
ATOM   150  O O   . ARG A 1 24  ? 4.749   -11.138 -6.768  1.00 18.55 ? 24  ARG A O   1 
ATOM   151  C CB  . ARG A 1 24  ? 5.691   -13.219 -4.350  1.00 21.41 ? 24  ARG A CB  1 
ATOM   152  C CG  . ARG A 1 24  ? 6.352   -13.870 -5.581  1.00 26.74 ? 24  ARG A CG  1 
ATOM   153  C CD  . ARG A 1 24  ? 6.951   -15.289 -5.361  1.00 34.66 ? 24  ARG A CD  1 
ATOM   154  N NE  . ARG A 1 24  ? 8.265   -15.242 -4.691  1.00 41.06 ? 24  ARG A NE  1 
ATOM   155  C CZ  . ARG A 1 24  ? 8.810   -16.229 -3.949  1.00 44.95 ? 24  ARG A CZ  1 
ATOM   156  N NH1 . ARG A 1 24  ? 8.181   -17.386 -3.748  1.00 47.20 ? 24  ARG A NH1 1 
ATOM   157  N NH2 . ARG A 1 24  ? 9.998   -16.044 -3.372  1.00 47.25 ? 24  ARG A NH2 1 
ATOM   158  N N   . GLU A 1 25  ? 3.090   -12.008 -5.629  1.00 16.96 ? 25  GLU A N   1 
ATOM   159  C CA  . GLU A 1 25  ? 2.218   -12.012 -6.784  1.00 16.26 ? 25  GLU A CA  1 
ATOM   160  C C   . GLU A 1 25  ? 1.793   -10.582 -7.180  1.00 16.41 ? 25  GLU A C   1 
ATOM   161  O O   . GLU A 1 25  ? 1.685   -10.278 -8.359  1.00 15.05 ? 25  GLU A O   1 
ATOM   162  C CB  . GLU A 1 25  ? 0.985   -12.904 -6.562  1.00 16.65 ? 25  GLU A CB  1 
ATOM   163  C CG  . GLU A 1 25  ? 0.068   -13.022 -7.789  1.00 17.19 ? 25  GLU A CG  1 
ATOM   164  C CD  . GLU A 1 25  ? 0.714   -13.672 -9.015  1.00 19.84 ? 25  GLU A CD  1 
ATOM   165  O OE1 . GLU A 1 25  ? 1.798   -14.264 -8.926  1.00 21.48 ? 25  GLU A OE1 1 
ATOM   166  O OE2 . GLU A 1 25  ? 0.098   -13.587 -10.080 1.00 20.60 ? 25  GLU A OE2 1 
ATOM   167  N N   . LEU A 1 26  ? 1.583   -9.711  -6.198  1.00 16.57 ? 26  LEU A N   1 
ATOM   168  C CA  . LEU A 1 26  ? 1.242   -8.308  -6.474  1.00 17.71 ? 26  LEU A CA  1 
ATOM   169  C C   . LEU A 1 26  ? 2.431   -7.639  -7.158  1.00 18.13 ? 26  LEU A C   1 
ATOM   170  O O   . LEU A 1 26  ? 2.256   -6.915  -8.141  1.00 16.79 ? 26  LEU A O   1 
ATOM   171  C CB  . LEU A 1 26  ? 0.773   -7.540  -5.209  1.00 19.93 ? 26  LEU A CB  1 
ATOM   172  C CG  . LEU A 1 26  ? -0.255  -6.382  -5.370  1.00 25.14 ? 26  LEU A CG  1 
ATOM   173  C CD1 . LEU A 1 26  ? -1.459  -6.900  -6.029  1.00 23.26 ? 26  LEU A CD1 1 
ATOM   174  C CD2 . LEU A 1 26  ? -0.678  -5.711  -4.030  1.00 27.85 ? 26  LEU A CD2 1 
ATOM   175  N N   . ASN A 1 27  ? 3.652   -7.911  -6.717  1.00 18.28 ? 27  ASN A N   1 
ATOM   176  C CA  . ASN A 1 27  ? 4.837   -7.389  -7.401  1.00 18.66 ? 27  ASN A CA  1 
ATOM   177  C C   . ASN A 1 27  ? 4.905   -7.832  -8.850  1.00 18.58 ? 27  ASN A C   1 
ATOM   178  O O   . ASN A 1 27  ? 5.268   -7.061  -9.753  1.00 19.71 ? 27  ASN A O   1 
ATOM   179  C CB  . ASN A 1 27  ? 6.140   -7.789  -6.693  1.00 19.37 ? 27  ASN A CB  1 
ATOM   180  C CG  . ASN A 1 27  ? 6.537   -6.801  -5.647  1.00 19.24 ? 27  ASN A CG  1 
ATOM   181  O OD1 . ASN A 1 27  ? 6.803   -5.633  -5.951  1.00 19.19 ? 27  ASN A OD1 1 
ATOM   182  N ND2 . ASN A 1 27  ? 6.560   -7.249  -4.371  1.00 24.21 ? 27  ASN A ND2 1 
ATOM   183  N N   . ARG A 1 28  ? 4.556   -9.071  -9.099  1.00 17.46 ? 28  ARG A N   1 
ATOM   184  C CA  . ARG A 1 28  ? 4.583   -9.576  -10.445 1.00 18.34 ? 28  ARG A CA  1 
ATOM   185  C C   . ARG A 1 28  ? 3.536   -8.829  -11.280 1.00 17.32 ? 28  ARG A C   1 
ATOM   186  O O   . ARG A 1 28  ? 3.823   -8.303  -12.340 1.00 17.59 ? 28  ARG A O   1 
ATOM   187  C CB  . ARG A 1 28  ? 4.298   -11.075 -10.437 1.00 19.38 ? 28  ARG A CB  1 
ATOM   188  C CG  . ARG A 1 28  ? 4.106   -11.681 -11.803 1.00 22.89 ? 28  ARG A CG  1 
ATOM   189  C CD  . ARG A 1 28  ? 3.644   -13.122 -11.736 1.00 26.42 ? 28  ARG A CD  1 
ATOM   190  N NE  . ARG A 1 28  ? 3.271   -13.605 -13.066 1.00 31.64 ? 28  ARG A NE  1 
ATOM   191  C CZ  . ARG A 1 28  ? 2.009   -13.732 -13.506 1.00 35.09 ? 28  ARG A CZ  1 
ATOM   192  N NH1 . ARG A 1 28  ? 0.972   -13.475 -12.710 1.00 32.28 ? 28  ARG A NH1 1 
ATOM   193  N NH2 . ARG A 1 28  ? 1.776   -14.164 -14.743 1.00 37.48 ? 28  ARG A NH2 1 
ATOM   194  N N   . ARG A 1 29  ? 2.314   -8.756  -10.793 1.00 15.38 ? 29  ARG A N   1 
ATOM   195  C CA  . ARG A 1 29  ? 1.223   -8.222  -11.621 1.00 15.68 ? 29  ARG A CA  1 
ATOM   196  C C   . ARG A 1 29  ? 1.319   -6.704  -11.747 1.00 14.77 ? 29  ARG A C   1 
ATOM   197  O O   . ARG A 1 29  ? 1.009   -6.137  -12.807 1.00 17.15 ? 29  ARG A O   1 
ATOM   198  C CB  . ARG A 1 29  ? -0.150  -8.655  -11.073 1.00 14.86 ? 29  ARG A CB  1 
ATOM   199  C CG  . ARG A 1 29  ? -0.386  -10.137 -11.105 1.00 15.17 ? 29  ARG A CG  1 
ATOM   200  C CD  . ARG A 1 29  ? -1.778  -10.507 -10.726 1.00 15.21 ? 29  ARG A CD  1 
ATOM   201  N NE  . ARG A 1 29  ? -1.972  -11.946 -10.674 1.00 18.24 ? 29  ARG A NE  1 
ATOM   202  C CZ  . ARG A 1 29  ? -3.161  -12.529 -10.608 1.00 19.10 ? 29  ARG A CZ  1 
ATOM   203  N NH1 . ARG A 1 29  ? -4.274  -11.814 -10.658 1.00 20.05 ? 29  ARG A NH1 1 
ATOM   204  N NH2 . ARG A 1 29  ? -3.233  -13.847 -10.545 1.00 21.12 ? 29  ARG A NH2 1 
ATOM   205  N N   . LEU A 1 30  ? 1.776   -6.018  -10.716 1.00 14.96 ? 30  LEU A N   1 
ATOM   206  C CA  . LEU A 1 30  ? 1.992   -4.580  -10.778 1.00 14.46 ? 30  LEU A CA  1 
ATOM   207  C C   . LEU A 1 30  ? 3.181   -4.227  -11.672 1.00 15.71 ? 30  LEU A C   1 
ATOM   208  O O   . LEU A 1 30  ? 3.253   -3.124  -12.169 1.00 15.45 ? 30  LEU A O   1 
ATOM   209  C CB  . LEU A 1 30  ? 2.206   -3.961  -9.377  1.00 15.55 ? 30  LEU A CB  1 
ATOM   210  C CG  . LEU A 1 30  ? 0.967   -3.972  -8.437  1.00 14.88 ? 30  LEU A CG  1 
ATOM   211  C CD1 . LEU A 1 30  ? 1.388   -3.603  -7.027  1.00 16.05 ? 30  LEU A CD1 1 
ATOM   212  C CD2 . LEU A 1 30  ? -0.065  -2.993  -8.916  1.00 15.80 ? 30  LEU A CD2 1 
ATOM   213  N N   . GLY A 1 31  ? 4.114   -5.153  -11.845 1.00 16.94 ? 31  GLY A N   1 
ATOM   214  C CA  . GLY A 1 31  ? 5.262   -4.913  -12.694 1.00 17.04 ? 31  GLY A CA  1 
ATOM   215  C C   . GLY A 1 31  ? 4.867   -4.531  -14.110 1.00 17.24 ? 31  GLY A C   1 
ATOM   216  O O   . GLY A 1 31  ? 5.584   -3.767  -14.805 1.00 17.26 ? 31  GLY A O   1 
ATOM   217  N N   . GLU A 1 32  ? 3.730   -5.014  -14.574 1.00 18.73 ? 32  GLU A N   1 
ATOM   218  C CA  . GLU A 1 32  ? 3.212   -4.622  -15.872 1.00 19.99 ? 32  GLU A CA  1 
ATOM   219  C C   . GLU A 1 32  ? 2.799   -3.153  -15.978 1.00 19.77 ? 32  GLU A C   1 
ATOM   220  O O   . GLU A 1 32  ? 2.644   -2.615  -17.074 1.00 21.93 ? 32  GLU A O   1 
ATOM   221  C CB  . GLU A 1 32  ? 2.010   -5.489  -16.212 1.00 21.87 ? 32  GLU A CB  1 
ATOM   222  C CG  . GLU A 1 32  ? 2.356   -6.971  -16.272 1.00 24.72 ? 32  GLU A CG  1 
ATOM   223  C CD  . GLU A 1 32  ? 1.281   -7.794  -16.967 1.00 27.35 ? 32  GLU A CD  1 
ATOM   224  O OE1 . GLU A 1 32  ? 0.467   -8.412  -16.249 1.00 32.34 ? 32  GLU A OE1 1 
ATOM   225  O OE2 . GLU A 1 32  ? 1.268   -7.814  -18.228 1.00 31.93 ? 32  GLU A OE2 1 
ATOM   226  N N   . LEU A 1 33  ? 2.542   -2.519  -14.831 1.00 17.94 ? 33  LEU A N   1 
ATOM   227  C CA  . LEU A 1 33  ? 2.272   -1.083  -14.724 1.00 16.21 ? 33  LEU A CA  1 
ATOM   228  C C   . LEU A 1 33  ? 3.537   -0.325  -14.319 1.00 15.19 ? 33  LEU A C   1 
ATOM   229  O O   . LEU A 1 33  ? 3.506   0.854   -14.006 1.00 14.85 ? 33  LEU A O   1 
ATOM   230  C CB  . LEU A 1 33  ? 1.186   -0.754  -13.671 1.00 17.61 ? 33  LEU A CB  1 
ATOM   231  C CG  . LEU A 1 33  ? -0.188  -1.318  -13.865 1.00 20.14 ? 33  LEU A CG  1 
ATOM   232  C CD1 . LEU A 1 33  ? -1.046  -0.842  -12.687 1.00 19.52 ? 33  LEU A CD1 1 
ATOM   233  C CD2 . LEU A 1 33  ? -0.732  -0.810  -15.195 1.00 22.37 ? 33  LEU A CD2 1 
ATOM   234  N N   . ASN A 1 34  ? 4.701   -0.999  -14.400 1.00 14.99 ? 34  ASN A N   1 
ATOM   235  C CA  . ASN A 1 34  ? 5.974   -0.409  -14.078 1.00 15.78 ? 34  ASN A CA  1 
ATOM   236  C C   . ASN A 1 34  ? 6.168   -0.043  -12.630 1.00 15.03 ? 34  ASN A C   1 
ATOM   237  O O   . ASN A 1 34  ? 6.995   0.773   -12.273 1.00 15.26 ? 34  ASN A O   1 
ATOM   238  C CB  . ASN A 1 34  ? 6.225   0.788   -15.009 1.00 15.57 ? 34  ASN A CB  1 
ATOM   239  C CG  . ASN A 1 34  ? 6.155   0.393   -16.470 1.00 17.33 ? 34  ASN A CG  1 
ATOM   240  O OD1 . ASN A 1 34  ? 7.024   -0.343  -16.916 1.00 19.21 ? 34  ASN A OD1 1 
ATOM   241  N ND2 . ASN A 1 34  ? 5.116   0.790   -17.191 1.00 19.14 ? 34  ASN A ND2 1 
ATOM   242  N N   . LEU A 1 35  ? 5.423   -0.745  -11.774 1.00 15.62 ? 35  LEU A N   1 
ATOM   243  C CA  . LEU A 1 35  ? 5.418   -0.452  -10.343 1.00 13.79 ? 35  LEU A CA  1 
ATOM   244  C C   . LEU A 1 35  ? 5.847   -1.639  -9.517  1.00 13.34 ? 35  LEU A C   1 
ATOM   245  O O   . LEU A 1 35  ? 5.477   -2.769  -9.899  1.00 14.84 ? 35  LEU A O   1 
ATOM   246  C CB  . LEU A 1 35  ? 3.999   -0.096  -9.879  1.00 13.61 ? 35  LEU A CB  1 
ATOM   247  C CG  . LEU A 1 35  ? 3.337   1.133   -10.461 1.00 14.34 ? 35  LEU A CG  1 
ATOM   248  C CD1 . LEU A 1 35  ? 1.868   1.174   -9.890  1.00 15.66 ? 35  LEU A CD1 1 
ATOM   249  C CD2 . LEU A 1 35  ? 4.120   2.376   -10.160 1.00 15.64 ? 35  LEU A CD2 1 
ATOM   250  N N   . SER A 1 36  ? 6.521   -1.401  -8.393  1.00 13.83 ? 36  SER A N   1 
ATOM   251  C CA  . SER A 1 36  ? 6.606   -2.376  -7.315  1.00 13.31 ? 36  SER A CA  1 
ATOM   252  C C   . SER A 1 36  ? 5.378   -2.234  -6.385  1.00 13.88 ? 36  SER A C   1 
ATOM   253  O O   . SER A 1 36  ? 4.635   -1.250  -6.419  1.00 14.62 ? 36  SER A O   1 
ATOM   254  C CB  . SER A 1 36  ? 7.847   -2.189  -6.481  1.00 14.79 ? 36  SER A CB  1 
ATOM   255  O OG  . SER A 1 36  ? 7.805   -0.972  -5.759  1.00 16.08 ? 36  SER A OG  1 
ATOM   256  N N   . TYR A 1 37  ? 5.228   -3.197  -5.510  1.00 13.29 ? 37  TYR A N   1 
ATOM   257  C CA  . TYR A 1 37  ? 4.200   -3.135  -4.472  1.00 13.02 ? 37  TYR A CA  1 
ATOM   258  C C   . TYR A 1 37  ? 4.435   -1.896  -3.634  1.00 13.61 ? 37  TYR A C   1 
ATOM   259  O O   . TYR A 1 37  ? 3.481   -1.175  -3.343  1.00 13.38 ? 37  TYR A O   1 
ATOM   260  C CB  . TYR A 1 37  ? 4.268   -4.455  -3.650  1.00 14.69 ? 37  TYR A CB  1 
ATOM   261  C CG  . TYR A 1 37  ? 3.240   -4.622  -2.518  1.00 16.67 ? 37  TYR A CG  1 
ATOM   262  C CD1 . TYR A 1 37  ? 2.042   -3.945  -2.481  1.00 19.34 ? 37  TYR A CD1 1 
ATOM   263  C CD2 . TYR A 1 37  ? 3.481   -5.540  -1.516  1.00 21.74 ? 37  TYR A CD2 1 
ATOM   264  C CE1 . TYR A 1 37  ? 1.122   -4.117  -1.450  1.00 20.49 ? 37  TYR A CE1 1 
ATOM   265  C CE2 . TYR A 1 37  ? 2.591   -5.724  -0.506  1.00 24.99 ? 37  TYR A CE2 1 
ATOM   266  C CZ  . TYR A 1 37  ? 1.425   -4.998  -0.475  1.00 23.23 ? 37  TYR A CZ  1 
ATOM   267  O OH  . TYR A 1 37  ? 0.485   -5.194  0.537   1.00 29.08 ? 37  TYR A OH  1 
ATOM   268  N N   . LEU A 1 38  ? 5.650   -1.565  -3.217  1.00 12.25 ? 38  LEU A N   1 
ATOM   269  C CA  . LEU A 1 38  ? 5.914   -0.355  -2.493  1.00 13.86 ? 38  LEU A CA  1 
ATOM   270  C C   . LEU A 1 38  ? 5.504   0.882   -3.266  1.00 13.60 ? 38  LEU A C   1 
ATOM   271  O O   . LEU A 1 38  ? 4.870   1.783   -2.717  1.00 13.16 ? 38  LEU A O   1 
ATOM   272  C CB  . LEU A 1 38  ? 7.389   -0.257  -2.024  1.00 13.66 ? 38  LEU A CB  1 
ATOM   273  C CG  . LEU A 1 38  ? 7.733   1.021   -1.262  1.00 15.96 ? 38  LEU A CG  1 
ATOM   274  C CD1 . LEU A 1 38  ? 6.920   1.157   0.040   1.00 18.33 ? 38  LEU A CD1 1 
ATOM   275  C CD2 . LEU A 1 38  ? 9.215   1.120   -0.894  1.00 16.92 ? 38  LEU A CD2 1 
ATOM   276  N N   . ASP A 1 39  ? 5.819   0.959   -4.544  1.00 13.26 ? 39  ASP A N   1 
ATOM   277  C CA  . ASP A 1 39  ? 5.441   2.121   -5.325  1.00 13.77 ? 39  ASP A CA  1 
ATOM   278  C C   . ASP A 1 39  ? 3.932   2.276   -5.302  1.00 13.10 ? 39  ASP A C   1 
ATOM   279  O O   . ASP A 1 39  ? 3.406   3.383   -5.176  1.00 13.13 ? 39  ASP A O   1 
ATOM   280  C CB  . ASP A 1 39  ? 5.884   1.976   -6.805  1.00 14.30 ? 39  ASP A CB  1 
ATOM   281  C CG  . ASP A 1 39  ? 7.365   1.852   -7.013  1.00 16.87 ? 39  ASP A CG  1 
ATOM   282  O OD1 . ASP A 1 39  ? 8.199   2.373   -6.251  1.00 15.59 ? 39  ASP A OD1 1 
ATOM   283  O OD2 . ASP A 1 39  ? 7.743   1.124   -7.990  1.00 17.74 ? 39  ASP A OD2 1 
ATOM   284  N N   . PHE A 1 40  ? 3.232   1.165   -5.477  1.00 12.23 ? 40  PHE A N   1 
ATOM   285  C CA  . PHE A 1 40  ? 1.771   1.171   -5.410  1.00 12.11 ? 40  PHE A CA  1 
ATOM   286  C C   . PHE A 1 40  ? 1.254   1.673   -4.049  1.00 12.87 ? 40  PHE A C   1 
ATOM   287  O O   . PHE A 1 40  ? 0.273   2.454   -4.007  1.00 13.66 ? 40  PHE A O   1 
ATOM   288  C CB  . PHE A 1 40  ? 1.215   -0.205  -5.700  1.00 12.78 ? 40  PHE A CB  1 
ATOM   289  C CG  . PHE A 1 40  ? -0.246  -0.282  -5.568  1.00 14.92 ? 40  PHE A CG  1 
ATOM   290  C CD1 . PHE A 1 40  ? -1.077  0.299   -6.488  1.00 17.85 ? 40  PHE A CD1 1 
ATOM   291  C CD2 . PHE A 1 40  ? -0.797  -0.896  -4.462  1.00 17.44 ? 40  PHE A CD2 1 
ATOM   292  C CE1 . PHE A 1 40  ? -2.436  0.246   -6.352  1.00 21.05 ? 40  PHE A CE1 1 
ATOM   293  C CE2 . PHE A 1 40  ? -2.194  -0.933  -4.290  1.00 21.46 ? 40  PHE A CE2 1 
ATOM   294  C CZ  . PHE A 1 40  ? -3.002  -0.372  -5.252  1.00 22.28 ? 40  PHE A CZ  1 
ATOM   295  N N   . LEU A 1 41  ? 1.895   1.262   -2.969  1.00 13.55 ? 41  LEU A N   1 
ATOM   296  C CA  . LEU A 1 41  ? 1.526   1.751   -1.627  1.00 13.72 ? 41  LEU A CA  1 
ATOM   297  C C   . LEU A 1 41  ? 1.722   3.250   -1.504  1.00 12.73 ? 41  LEU A C   1 
ATOM   298  O O   . LEU A 1 41  ? 0.905   3.978   -0.906  1.00 14.15 ? 41  LEU A O   1 
ATOM   299  C CB  . LEU A 1 41  ? 2.303   0.983   -0.563  1.00 14.27 ? 41  LEU A CB  1 
ATOM   300  C CG  . LEU A 1 41  ? 1.916   -0.466  -0.343  1.00 16.56 ? 41  LEU A CG  1 
ATOM   301  C CD1 . LEU A 1 41  ? 2.832   -1.080  0.671   1.00 17.33 ? 41  LEU A CD1 1 
ATOM   302  C CD2 . LEU A 1 41  ? 0.436   -0.613  0.145   1.00 15.76 ? 41  LEU A CD2 1 
ATOM   303  N N   . VAL A 1 42  ? 2.768   3.812   -2.103  1.00 13.33 ? 42  VAL A N   1 
ATOM   304  C CA  . VAL A 1 42  ? 2.955   5.244   -2.078  1.00 13.25 ? 42  VAL A CA  1 
ATOM   305  C C   . VAL A 1 42  ? 1.853   5.934   -2.865  1.00 13.68 ? 42  VAL A C   1 
ATOM   306  O O   . VAL A 1 42  ? 1.320   6.962   -2.435  1.00 13.40 ? 42  VAL A O   1 
ATOM   307  C CB  . VAL A 1 42  ? 4.350   5.668   -2.605  1.00 15.10 ? 42  VAL A CB  1 
ATOM   308  C CG1 . VAL A 1 42  ? 4.417   7.163   -2.792  1.00 14.73 ? 42  VAL A CG1 1 
ATOM   309  C CG2 . VAL A 1 42  ? 5.461   5.108   -1.727  1.00 15.08 ? 42  VAL A CG2 1 
ATOM   310  N N   . LEU A 1 43  ? 1.447   5.397   -4.002  1.00 13.22 ? 43  LEU A N   1 
ATOM   311  C CA  . LEU A 1 43  ? 0.298   5.937   -4.734  1.00 13.42 ? 43  LEU A CA  1 
ATOM   312  C C   . LEU A 1 43  ? -0.996  5.809   -3.925  1.00 13.67 ? 43  LEU A C   1 
ATOM   313  O O   . LEU A 1 43  ? -1.806  6.758   -3.870  1.00 14.64 ? 43  LEU A O   1 
ATOM   314  C CB  . LEU A 1 43  ? 0.133   5.293   -6.117  1.00 13.95 ? 43  LEU A CB  1 
ATOM   315  C CG  . LEU A 1 43  ? 1.266   5.569   -7.126  1.00 14.67 ? 43  LEU A CG  1 
ATOM   316  C CD1 . LEU A 1 43  ? 0.953   4.779   -8.380  1.00 15.26 ? 43  LEU A CD1 1 
ATOM   317  C CD2 . LEU A 1 43  ? 1.432   7.069   -7.385  1.00 14.32 ? 43  LEU A CD2 1 
ATOM   318  N N   . ARG A 1 44  ? -1.216  4.676   -3.297  1.00 13.37 ? 44  ARG A N   1 
ATOM   319  C CA  . ARG A 1 44  ? -2.439  4.518   -2.489  1.00 14.24 ? 44  ARG A CA  1 
ATOM   320  C C   . ARG A 1 44  ? -2.439  5.575   -1.378  1.00 14.30 ? 44  ARG A C   1 
ATOM   321  O O   . ARG A 1 44  ? -3.459  6.259   -1.146  1.00 14.36 ? 44  ARG A O   1 
ATOM   322  C CB  . ARG A 1 44  ? -2.507  3.132   -1.872  1.00 15.83 ? 44  ARG A CB  1 
ATOM   323  C CG  . ARG A 1 44  ? -3.654  3.000   -0.779  1.00 17.08 ? 44  ARG A CG  1 
ATOM   324  C CD  . ARG A 1 44  ? -5.028  3.266   -1.319  1.00 19.32 ? 44  ARG A CD  1 
ATOM   325  N NE  . ARG A 1 44  ? -6.104  3.313   -0.283  1.00 21.42 ? 44  ARG A NE  1 
ATOM   326  C CZ  . ARG A 1 44  ? -6.471  4.392   0.404   1.00 17.59 ? 44  ARG A CZ  1 
ATOM   327  N NH1 . ARG A 1 44  ? -5.878  5.565   0.309   1.00 16.11 ? 44  ARG A NH1 1 
ATOM   328  N NH2 . ARG A 1 44  ? -7.515  4.280   1.243   1.00 20.35 ? 44  ARG A NH2 1 
ATOM   329  N N   . ALA A 1 45  ? -1.305  5.781   -0.757  1.00 13.61 ? 45  ALA A N   1 
ATOM   330  C CA  . ALA A 1 45  ? -1.233  6.735   0.363   1.00 14.13 ? 45  ALA A CA  1 
ATOM   331  C C   . ALA A 1 45  ? -1.492  8.146   -0.076  1.00 15.35 ? 45  ALA A C   1 
ATOM   332  O O   . ALA A 1 45  ? -2.176  8.913   0.606   1.00 15.24 ? 45  ALA A O   1 
ATOM   333  C CB  . ALA A 1 45  ? 0.065   6.643   1.070   1.00 14.40 ? 45  ALA A CB  1 
ATOM   334  N N   . THR A 1 46  ? -0.917  8.562   -1.179  1.00 14.00 ? 46  THR A N   1 
ATOM   335  C CA  . THR A 1 46  ? -1.045  9.898   -1.694  1.00 13.93 ? 46  THR A CA  1 
ATOM   336  C C   . THR A 1 46  ? -2.347  10.130  -2.491  1.00 12.93 ? 46  THR A C   1 
ATOM   337  O O   . THR A 1 46  ? -2.689  11.307  -2.753  1.00 14.26 ? 46  THR A O   1 
ATOM   338  C CB  . THR A 1 46  ? 0.165   10.359  -2.487  1.00 15.25 ? 46  THR A CB  1 
ATOM   339  O OG1 . THR A 1 46  ? 0.317   9.525   -3.666  1.00 14.82 ? 46  THR A OG1 1 
ATOM   340  C CG2 . THR A 1 46  ? 1.432   10.268  -1.681  1.00 15.69 ? 46  THR A CG2 1 
ATOM   341  N N   . SER A 1 47  ? -3.070  9.074   -2.826  1.00 13.92 ? 47  SER A N   1 
ATOM   342  C CA  . SER A 1 47  ? -4.250  9.223   -3.665  1.00 14.52 ? 47  SER A CA  1 
ATOM   343  C C   . SER A 1 47  ? -5.337  10.074  -2.975  1.00 14.71 ? 47  SER A C   1 
ATOM   344  O O   . SER A 1 47  ? -6.179  10.600  -3.668  1.00 17.40 ? 47  SER A O   1 
ATOM   345  C CB  . SER A 1 47  ? -4.862  7.896   -4.041  1.00 14.92 ? 47  SER A CB  1 
ATOM   346  O OG  . SER A 1 47  ? -5.302  7.212   -2.910  1.00 15.98 ? 47  SER A OG  1 
ATOM   347  N N   . ASP A 1 48  ? -5.358  10.094  -1.643  1.00 14.45 ? 48  ASP A N   1 
ATOM   348  C CA  . ASP A 1 48  ? -6.392  10.823  -0.873  1.00 14.11 ? 48  ASP A CA  1 
ATOM   349  C C   . ASP A 1 48  ? -5.883  12.098  -0.228  1.00 15.84 ? 48  ASP A C   1 
ATOM   350  O O   . ASP A 1 48  ? -6.608  12.719  0.539   1.00 15.97 ? 48  ASP A O   1 
ATOM   351  C CB  . ASP A 1 48  ? -7.070  9.873   0.118   1.00 15.24 ? 48  ASP A CB  1 
ATOM   352  C CG  . ASP A 1 48  ? -6.135  9.309   1.141   1.00 13.16 ? 48  ASP A CG  1 
ATOM   353  O OD1 . ASP A 1 48  ? -5.127  9.984   1.387   1.00 13.39 ? 48  ASP A OD1 1 
ATOM   354  O OD2 . ASP A 1 48  ? -6.399  8.237   1.723   1.00 16.20 ? 48  ASP A OD2 1 
ATOM   355  N N   . GLY A 1 49  ? -4.673  12.537  -0.539  1.00 15.61 ? 49  GLY A N   1 
ATOM   356  C CA  . GLY A 1 49  ? -4.086  13.764  -0.079  1.00 14.97 ? 49  GLY A CA  1 
ATOM   357  C C   . GLY A 1 49  ? -2.577  13.679  0.072   1.00 15.48 ? 49  GLY A C   1 
ATOM   358  O O   . GLY A 1 49  ? -2.041  12.558  0.211   1.00 15.55 ? 49  GLY A O   1 
ATOM   359  N N   . PRO A 1 50  ? -1.864  14.798  0.014   1.00 16.52 ? 50  PRO A N   1 
ATOM   360  C CA  . PRO A 1 50  ? -0.410  14.722  0.027   1.00 17.89 ? 50  PRO A CA  1 
ATOM   361  C C   . PRO A 1 50  ? 0.147   14.231  1.318   1.00 17.12 ? 50  PRO A C   1 
ATOM   362  O O   . PRO A 1 50  ? -0.448  14.512  2.379   1.00 16.26 ? 50  PRO A O   1 
ATOM   363  C CB  . PRO A 1 50  ? 0.024   16.146  -0.274  1.00 18.36 ? 50  PRO A CB  1 
ATOM   364  C CG  . PRO A 1 50  ? -1.136  16.825  -0.763  1.00 19.64 ? 50  PRO A CG  1 
ATOM   365  C CD  . PRO A 1 50  ? -2.340  16.180  -0.193  1.00 16.53 ? 50  PRO A CD  1 
ATOM   366  N N   . LYS A 1 51  ? 1.255   13.523  1.289   1.00 17.38 ? 51  LYS A N   1 
ATOM   367  C CA  . LYS A 1 51  ? 1.825   12.937  2.457   1.00 15.84 ? 51  LYS A CA  1 
ATOM   368  C C   . LYS A 1 51  ? 3.280   13.285  2.649   1.00 17.26 ? 51  LYS A C   1 
ATOM   369  O O   . LYS A 1 51  ? 4.044   13.385  1.664   1.00 17.01 ? 51  LYS A O   1 
ATOM   370  C CB  . LYS A 1 51  ? 1.739   11.407  2.423   1.00 16.68 ? 51  LYS A CB  1 
ATOM   371  C CG  . LYS A 1 51  ? 0.376   10.803  2.222   1.00 14.54 ? 51  LYS A CG  1 
ATOM   372  C CD  . LYS A 1 51  ? -0.487  10.986  3.515   1.00 15.60 ? 51  LYS A CD  1 
ATOM   373  C CE  . LYS A 1 51  ? -1.811  10.285  3.447   1.00 17.01 ? 51  LYS A CE  1 
ATOM   374  N NZ  . LYS A 1 51  ? -2.743  10.910  2.534   1.00 15.55 ? 51  LYS A NZ  1 
ATOM   375  N N   . THR A 1 52  ? 3.718   13.360  3.883   1.00 17.43 ? 52  THR A N   1 
ATOM   376  C CA  . THR A 1 52  ? 5.133   13.553  4.160   1.00 17.78 ? 52  THR A CA  1 
ATOM   377  C C   . THR A 1 52  ? 5.891   12.228  3.904   1.00 17.69 ? 52  THR A C   1 
ATOM   378  O O   . THR A 1 52  ? 5.356   11.126  4.015   1.00 17.23 ? 52  THR A O   1 
ATOM   379  C CB  . THR A 1 52  ? 5.389   13.989  5.607   1.00 19.05 ? 52  THR A CB  1 
ATOM   380  O OG1 . THR A 1 52  ? 4.951   12.970  6.504   1.00 20.90 ? 52  THR A OG1 1 
ATOM   381  C CG2 . THR A 1 52  ? 4.626   15.259  5.965   1.00 19.01 ? 52  THR A CG2 1 
ATOM   382  N N   . MET A 1 53  ? 7.169   12.347  3.589   1.00 18.94 ? 53  MET A N   1 
ATOM   383  C CA  . MET A 1 53  ? 8.014   11.193  3.410   1.00 20.38 ? 53  MET A CA  1 
ATOM   384  C C   . MET A 1 53  ? 8.109   10.348  4.670   1.00 18.91 ? 53  MET A C   1 
ATOM   385  O O   . MET A 1 53  ? 8.142   9.106   4.628   1.00 19.09 ? 53  MET A O   1 
ATOM   386  C CB  . MET A 1 53  ? 9.426   11.673  3.038   1.00 21.41 ? 53  MET A CB  1 
ATOM   387  C CG  . MET A 1 53  ? 9.461   12.477  1.800   1.00 26.80 ? 53  MET A CG  1 
ATOM   388  S SD  . MET A 1 53  ? 9.268   11.382  0.456   1.00 34.14 ? 53  MET A SD  1 
ATOM   389  C CE  . MET A 1 53  ? 10.999  11.150  -0.077  1.00 29.52 ? 53  MET A CE  1 
ATOM   390  N N   . ALA A 1 54  ? 8.165   11.024  5.822   1.00 18.84 ? 54  ALA A N   1 
ATOM   391  C CA  . ALA A 1 54  ? 8.241   10.334  7.114   1.00 18.53 ? 54  ALA A CA  1 
ATOM   392  C C   . ALA A 1 54  ? 6.984   9.515   7.363   1.00 17.05 ? 54  ALA A C   1 
ATOM   393  O O   . ALA A 1 54  ? 7.048   8.417   7.829   1.00 17.69 ? 54  ALA A O   1 
ATOM   394  C CB  . ALA A 1 54  ? 8.466   11.325  8.274   1.00 19.19 ? 54  ALA A CB  1 
ATOM   395  N N   . TYR A 1 55  ? 5.828   10.067  7.013   1.00 16.76 ? 55  TYR A N   1 
ATOM   396  C CA  . TYR A 1 55  ? 4.587   9.304   7.145   1.00 16.84 ? 55  TYR A CA  1 
ATOM   397  C C   . TYR A 1 55  ? 4.622   8.004   6.327   1.00 17.58 ? 55  TYR A C   1 
ATOM   398  O O   . TYR A 1 55  ? 4.279   6.950   6.807   1.00 16.61 ? 55  TYR A O   1 
ATOM   399  C CB  . TYR A 1 55  ? 3.376   10.149  6.734   1.00 17.50 ? 55  TYR A CB  1 
ATOM   400  C CG  . TYR A 1 55  ? 2.129   9.330   6.622   1.00 16.78 ? 55  TYR A CG  1 
ATOM   401  C CD1 . TYR A 1 55  ? 1.301   9.092   7.732   1.00 17.93 ? 55  TYR A CD1 1 
ATOM   402  C CD2 . TYR A 1 55  ? 1.765   8.707   5.421   1.00 16.56 ? 55  TYR A CD2 1 
ATOM   403  C CE1 . TYR A 1 55  ? 0.180   8.315   7.612   1.00 16.31 ? 55  TYR A CE1 1 
ATOM   404  C CE2 . TYR A 1 55  ? 0.648   7.922   5.324   1.00 15.52 ? 55  TYR A CE2 1 
ATOM   405  C CZ  . TYR A 1 55  ? -0.137  7.725   6.445   1.00 14.93 ? 55  TYR A CZ  1 
ATOM   406  O OH  . TYR A 1 55  ? -1.212  6.942   6.293   1.00 16.18 ? 55  TYR A OH  1 
ATOM   407  N N   . LEU A 1 56  ? 5.043   8.121   5.075   1.00 16.56 ? 56  LEU A N   1 
ATOM   408  C CA  . LEU A 1 56  ? 5.100   6.964   4.201   1.00 17.17 ? 56  LEU A CA  1 
ATOM   409  C C   . LEU A 1 56  ? 5.992   5.856   4.744   1.00 16.49 ? 56  LEU A C   1 
ATOM   410  O O   . LEU A 1 56  ? 5.610   4.686   4.737   1.00 18.08 ? 56  LEU A O   1 
ATOM   411  C CB  . LEU A 1 56  ? 5.584   7.396   2.809   1.00 15.77 ? 56  LEU A CB  1 
ATOM   412  C CG  . LEU A 1 56  ? 4.656   8.376   2.096   1.00 16.63 ? 56  LEU A CG  1 
ATOM   413  C CD1 . LEU A 1 56  ? 5.357   8.931   0.832   1.00 16.93 ? 56  LEU A CD1 1 
ATOM   414  C CD2 . LEU A 1 56  ? 3.289   7.786   1.732   1.00 17.81 ? 56  LEU A CD2 1 
ATOM   415  N N   . ALA A 1 57  ? 7.160   6.222   5.286   1.00 17.01 ? 57  ALA A N   1 
ATOM   416  C CA  . ALA A 1 57  ? 8.061   5.207   5.839   1.00 17.19 ? 57  ALA A CA  1 
ATOM   417  C C   . ALA A 1 57  ? 7.475   4.571   7.096   1.00 18.55 ? 57  ALA A C   1 
ATOM   418  O O   . ALA A 1 57  ? 7.528   3.351   7.271   1.00 18.32 ? 57  ALA A O   1 
ATOM   419  C CB  . ALA A 1 57  ? 9.445   5.824   6.164   1.00 18.08 ? 57  ALA A CB  1 
ATOM   420  N N   . ASN A 1 58  ? 6.874   5.404   7.948   1.00 18.31 ? 58  ASN A N   1 
ATOM   421  C CA  . ASN A 1 58  ? 6.301   4.887   9.191   1.00 20.72 ? 58  ASN A CA  1 
ATOM   422  C C   . ASN A 1 58  ? 5.089   4.038   8.934   1.00 20.03 ? 58  ASN A C   1 
ATOM   423  O O   . ASN A 1 58  ? 4.936   2.964   9.484   1.00 20.41 ? 58  ASN A O   1 
ATOM   424  C CB  . ASN A 1 58  ? 5.922   6.041   10.090  1.00 21.30 ? 58  ASN A CB  1 
ATOM   425  C CG  . ASN A 1 58  ? 7.121   6.607   10.797  1.00 27.78 ? 58  ASN A CG  1 
ATOM   426  O OD1 . ASN A 1 58  ? 7.885   5.859   11.420  1.00 35.97 ? 58  ASN A OD1 1 
ATOM   427  N ND2 . ASN A 1 58  ? 7.316   7.921   10.690  1.00 33.13 ? 58  ASN A ND2 1 
ATOM   428  N N   . ARG A 1 59  ? 4.193   4.518   8.092   1.00 19.47 ? 59  ARG A N   1 
ATOM   429  C CA  . ARG A 1 59  ? 2.929   3.839   7.923   1.00 20.97 ? 59  ARG A CA  1 
ATOM   430  C C   . ARG A 1 59  ? 3.133   2.501   7.293   1.00 20.64 ? 59  ARG A C   1 
ATOM   431  O O   . ARG A 1 59  ? 2.426   1.533   7.612   1.00 22.89 ? 59  ARG A O   1 
ATOM   432  C CB  . ARG A 1 59  ? 2.000   4.662   7.055   1.00 21.32 ? 59  ARG A CB  1 
ATOM   433  C CG  . ARG A 1 59  ? 0.595   4.085   6.965   1.00 22.20 ? 59  ARG A CG  1 
ATOM   434  C CD  . ARG A 1 59  ? -0.180  4.196   8.256   1.00 23.81 ? 59  ARG A CD  1 
ATOM   435  N NE  . ARG A 1 59  ? -1.468  3.502   8.142   1.00 22.23 ? 59  ARG A NE  1 
ATOM   436  C CZ  . ARG A 1 59  ? -1.863  2.480   8.894   1.00 21.74 ? 59  ARG A CZ  1 
ATOM   437  N NH1 . ARG A 1 59  ? -1.073  1.949   9.806   1.00 25.04 ? 59  ARG A NH1 1 
ATOM   438  N NH2 . ARG A 1 59  ? -3.054  1.964   8.712   1.00 18.22 ? 59  ARG A NH2 1 
ATOM   439  N N   . TYR A 1 60  ? 4.080   2.399   6.379   1.00 20.11 ? 60  TYR A N   1 
ATOM   440  C CA  . TYR A 1 60  ? 4.217   1.173   5.643   1.00 20.97 ? 60  TYR A CA  1 
ATOM   441  C C   . TYR A 1 60  ? 5.482   0.397   6.064   1.00 21.60 ? 60  TYR A C   1 
ATOM   442  O O   . TYR A 1 60  ? 5.893   -0.564  5.422   1.00 21.72 ? 60  TYR A O   1 
ATOM   443  C CB  . TYR A 1 60  ? 4.032   1.475   4.093   1.00 21.36 ? 60  TYR A CB  1 
ATOM   444  C CG  . TYR A 1 60  ? 2.628   2.080   3.812   1.00 21.99 ? 60  TYR A CG  1 
ATOM   445  C CD1 . TYR A 1 60  ? 1.483   1.274   3.719   1.00 20.77 ? 60  TYR A CD1 1 
ATOM   446  C CD2 . TYR A 1 60  ? 2.441   3.463   3.690   1.00 23.83 ? 60  TYR A CD2 1 
ATOM   447  C CE1 . TYR A 1 60  ? 0.187   1.846   3.521   1.00 20.71 ? 60  TYR A CE1 1 
ATOM   448  C CE2 . TYR A 1 60  ? 1.154   4.033   3.464   1.00 21.56 ? 60  TYR A CE2 1 
ATOM   449  C CZ  . TYR A 1 60  ? 0.052   3.232   3.395   1.00 20.01 ? 60  TYR A CZ  1 
ATOM   450  O OH  . TYR A 1 60  ? -1.234  3.742   3.152   1.00 19.97 ? 60  TYR A OH  1 
ATOM   451  N N   . PHE A 1 61  ? 6.110   0.810   7.179   1.00 20.59 ? 61  PHE A N   1 
ATOM   452  C CA  . PHE A 1 61  ? 7.171   0.027   7.821   1.00 22.25 ? 61  PHE A CA  1 
ATOM   453  C C   . PHE A 1 61  ? 8.293   -0.287  6.816   1.00 22.41 ? 61  PHE A C   1 
ATOM   454  O O   . PHE A 1 61  ? 8.657   -1.431  6.583   1.00 23.49 ? 61  PHE A O   1 
ATOM   455  C CB  . PHE A 1 61  ? 6.596   -1.265  8.483   1.00 22.89 ? 61  PHE A CB  1 
ATOM   456  C CG  . PHE A 1 61  ? 5.543   -1.004  9.566   1.00 27.03 ? 61  PHE A CG  1 
ATOM   457  C CD1 . PHE A 1 61  ? 4.271   -0.551  9.238   1.00 28.72 ? 61  PHE A CD1 1 
ATOM   458  C CD2 . PHE A 1 61  ? 5.818   -1.253  10.906  1.00 30.94 ? 61  PHE A CD2 1 
ATOM   459  C CE1 . PHE A 1 61  ? 3.296   -0.322  10.232  1.00 28.05 ? 61  PHE A CE1 1 
ATOM   460  C CE2 . PHE A 1 61  ? 4.846   -1.018  11.896  1.00 29.06 ? 61  PHE A CE2 1 
ATOM   461  C CZ  . PHE A 1 61  ? 3.593   -0.554  11.561  1.00 28.44 ? 61  PHE A CZ  1 
ATOM   462  N N   . VAL A 1 62  ? 8.808   0.775   6.207   1.00 21.93 ? 62  VAL A N   1 
ATOM   463  C CA  . VAL A 1 62  ? 9.998   0.654   5.354   1.00 22.20 ? 62  VAL A CA  1 
ATOM   464  C C   . VAL A 1 62  ? 10.988  1.740   5.722   1.00 21.93 ? 62  VAL A C   1 
ATOM   465  O O   . VAL A 1 62  ? 10.650  2.673   6.437   1.00 20.73 ? 62  VAL A O   1 
ATOM   466  C CB  . VAL A 1 62  ? 9.662   0.696   3.837   1.00 22.56 ? 62  VAL A CB  1 
ATOM   467  C CG1 . VAL A 1 62  ? 8.872   -0.557  3.407   1.00 22.24 ? 62  VAL A CG1 1 
ATOM   468  C CG2 . VAL A 1 62  ? 8.944   1.975   3.473   1.00 21.69 ? 62  VAL A CG2 1 
ATOM   469  N N   . THR A 1 63  ? 12.219  1.609   5.258   1.00 21.49 ? 63  THR A N   1 
ATOM   470  C CA  . THR A 1 63  ? 13.231  2.605   5.568   1.00 21.91 ? 63  THR A CA  1 
ATOM   471  C C   . THR A 1 63  ? 13.021  3.901   4.819   1.00 21.71 ? 63  THR A C   1 
ATOM   472  O O   . THR A 1 63  ? 12.384  3.957   3.767   1.00 20.61 ? 63  THR A O   1 
ATOM   473  C CB  . THR A 1 63  ? 14.652  2.109   5.248   1.00 22.85 ? 63  THR A CB  1 
ATOM   474  O OG1 . THR A 1 63  ? 14.748  1.778   3.864   1.00 24.05 ? 63  THR A OG1 1 
ATOM   475  C CG2 . THR A 1 63  ? 14.985  0.845   5.983   1.00 23.65 ? 63  THR A CG2 1 
ATOM   476  N N   . GLN A 1 64  ? 13.594  4.958   5.364   1.00 22.22 ? 64  GLN A N   1 
ATOM   477  C CA  . GLN A 1 64  ? 13.648  6.251   4.716   1.00 23.73 ? 64  GLN A CA  1 
ATOM   478  C C   . GLN A 1 64  ? 14.282  6.147   3.329   1.00 23.27 ? 64  GLN A C   1 
ATOM   479  O O   . GLN A 1 64  ? 13.770  6.734   2.377   1.00 21.51 ? 64  GLN A O   1 
ATOM   480  C CB  . GLN A 1 64  ? 14.474  7.200   5.576   1.00 24.73 ? 64  GLN A CB  1 
ATOM   481  C CG  . GLN A 1 64  ? 14.478  8.626   5.089   1.00 30.09 ? 64  GLN A CG  1 
ATOM   482  C CD  . GLN A 1 64  ? 15.540  9.478   5.777   1.00 35.72 ? 64  GLN A CD  1 
ATOM   483  O OE1 . GLN A 1 64  ? 16.722  9.081   5.853   1.00 40.51 ? 64  GLN A OE1 1 
ATOM   484  N NE2 . GLN A 1 64  ? 15.136  10.666  6.249   1.00 38.88 ? 64  GLN A NE2 1 
ATOM   485  N N   . SER A 1 65  ? 15.372  5.388   3.214   1.00 22.84 ? 65  SER A N   1 
ATOM   486  C CA  . SER A 1 65  ? 16.042  5.215   1.933   1.00 23.04 ? 65  SER A CA  1 
ATOM   487  C C   . SER A 1 65  ? 15.097  4.556   0.919   1.00 21.34 ? 65  SER A C   1 
ATOM   488  O O   . SER A 1 65  ? 15.059  4.927   -0.248  1.00 20.99 ? 65  SER A O   1 
ATOM   489  C CB  . SER A 1 65  ? 17.305  4.387   2.116   1.00 23.19 ? 65  SER A CB  1 
ATOM   490  O OG  . SER A 1 65  ? 18.260  5.158   2.817   1.00 30.03 ? 65  SER A OG  1 
ATOM   491  N N   . ALA A 1 66  ? 14.314  3.578   1.344   1.00 19.47 ? 66  ALA A N   1 
ATOM   492  C CA  . ALA A 1 66  ? 13.393  2.915   0.448   1.00 18.77 ? 66  ALA A CA  1 
ATOM   493  C C   . ALA A 1 66  ? 12.304  3.847   -0.058  1.00 18.89 ? 66  ALA A C   1 
ATOM   494  O O   . ALA A 1 66  ? 11.881  3.781   -1.237  1.00 17.40 ? 66  ALA A O   1 
ATOM   495  C CB  . ALA A 1 66  ? 12.782  1.704   1.131   1.00 18.97 ? 66  ALA A CB  1 
ATOM   496  N N   . ILE A 1 67  ? 11.772  4.666   0.835   1.00 17.18 ? 67  ILE A N   1 
ATOM   497  C CA  . ILE A 1 67  ? 10.799  5.666   0.424   1.00 17.72 ? 67  ILE A CA  1 
ATOM   498  C C   . ILE A 1 67  ? 11.391  6.654   -0.541  1.00 17.99 ? 67  ILE A C   1 
ATOM   499  O O   . ILE A 1 67  ? 10.757  6.978   -1.532  1.00 17.39 ? 67  ILE A O   1 
ATOM   500  C CB  . ILE A 1 67  ? 10.133  6.428   1.659   1.00 17.66 ? 67  ILE A CB  1 
ATOM   501  C CG1 . ILE A 1 67  ? 9.179   5.523   2.416   1.00 18.59 ? 67  ILE A CG1 1 
ATOM   502  C CG2 . ILE A 1 67  ? 9.362   7.695   1.233   1.00 18.78 ? 67  ILE A CG2 1 
ATOM   503  C CD1 . ILE A 1 67  ? 8.064   4.923   1.622   1.00 19.89 ? 67  ILE A CD1 1 
ATOM   504  N N   . THR A 1 68  ? 12.602  7.136   -0.243  1.00 18.76 ? 68  THR A N   1 
ATOM   505  C CA  . THR A 1 68  ? 13.278  8.072   -1.119  1.00 19.27 ? 68  THR A CA  1 
ATOM   506  C C   . THR A 1 68  ? 13.409  7.456   -2.515  1.00 17.11 ? 68  THR A C   1 
ATOM   507  O O   . THR A 1 68  ? 13.122  8.117   -3.508  1.00 17.11 ? 68  THR A O   1 
ATOM   508  C CB  . THR A 1 68  ? 14.649  8.450   -0.549  1.00 19.85 ? 68  THR A CB  1 
ATOM   509  O OG1 . THR A 1 68  ? 14.474  9.262   0.629   1.00 23.37 ? 68  THR A OG1 1 
ATOM   510  C CG2 . THR A 1 68  ? 15.423  9.347   -1.498  1.00 22.27 ? 68  THR A CG2 1 
ATOM   511  N N   . ALA A 1 69  ? 13.797  6.200   -2.582  1.00 17.10 ? 69  ALA A N   1 
ATOM   512  C CA  . ALA A 1 69  ? 13.989  5.551   -3.872  1.00 16.85 ? 69  ALA A CA  1 
ATOM   513  C C   . ALA A 1 69  ? 12.655  5.425   -4.636  1.00 16.61 ? 69  ALA A C   1 
ATOM   514  O O   . ALA A 1 69  ? 12.563  5.641   -5.846  1.00 15.96 ? 69  ALA A O   1 
ATOM   515  C CB  . ALA A 1 69  ? 14.681  4.217   -3.710  1.00 17.54 ? 69  ALA A CB  1 
ATOM   516  N N   . SER A 1 70  ? 11.582  5.091   -3.924  1.00 15.18 ? 70  SER A N   1 
ATOM   517  C CA  . SER A 1 70  ? 10.289  4.941   -4.562  1.00 14.63 ? 70  SER A CA  1 
ATOM   518  C C   . SER A 1 70  ? 9.708   6.277   -5.003  1.00 15.53 ? 70  SER A C   1 
ATOM   519  O O   . SER A 1 70  ? 9.209   6.415   -6.136  1.00 14.16 ? 70  SER A O   1 
ATOM   520  C CB  . SER A 1 70  ? 9.310   4.277   -3.577  1.00 14.44 ? 70  SER A CB  1 
ATOM   521  O OG  . SER A 1 70  ? 8.037   4.167   -4.152  1.00 14.89 ? 70  SER A OG  1 
ATOM   522  N N   . VAL A 1 71  ? 9.825   7.287   -4.144  1.00 14.21 ? 71  VAL A N   1 
ATOM   523  C CA  . VAL A 1 71  ? 9.358   8.603   -4.518  1.00 15.51 ? 71  VAL A CA  1 
ATOM   524  C C   . VAL A 1 71  ? 10.150  9.160   -5.729  1.00 14.95 ? 71  VAL A C   1 
ATOM   525  O O   . VAL A 1 71  ? 9.571   9.758   -6.613  1.00 15.76 ? 71  VAL A O   1 
ATOM   526  C CB  . VAL A 1 71  ? 9.399   9.566   -3.329  1.00 15.40 ? 71  VAL A CB  1 
ATOM   527  C CG1 . VAL A 1 71  ? 9.106   10.996  -3.757  1.00 16.40 ? 71  VAL A CG1 1 
ATOM   528  C CG2 . VAL A 1 71  ? 8.368   9.084   -2.285  1.00 17.53 ? 71  VAL A CG2 1 
ATOM   529  N N   . ASP A 1 72  ? 11.468  8.942   -5.731  1.00 16.07 ? 72  ASP A N   1 
ATOM   530  C CA  . ASP A 1 72  ? 12.311  9.460   -6.822  1.00 16.50 ? 72  ASP A CA  1 
ATOM   531  C C   . ASP A 1 72  ? 11.863  8.782   -8.123  1.00 15.81 ? 72  ASP A C   1 
ATOM   532  O O   . ASP A 1 72  ? 11.803  9.406   -9.179  1.00 16.59 ? 72  ASP A O   1 
ATOM   533  C CB  . ASP A 1 72  ? 13.790  9.164   -6.583  1.00 17.03 ? 72  ASP A CB  1 
ATOM   534  C CG  . ASP A 1 72  ? 14.449  10.121  -5.625  1.00 19.29 ? 72  ASP A CG  1 
ATOM   535  O OD1 . ASP A 1 72  ? 13.828  11.127  -5.237  1.00 22.08 ? 72  ASP A OD1 1 
ATOM   536  O OD2 . ASP A 1 72  ? 15.602  9.908   -5.185  1.00 23.37 ? 72  ASP A OD2 1 
ATOM   537  N N   . LYS A 1 73  ? 11.556  7.494   -8.054  1.00 14.17 ? 73  LYS A N   1 
ATOM   538  C CA  . LYS A 1 73  ? 11.083  6.739   -9.204  1.00 12.97 ? 73  LYS A CA  1 
ATOM   539  C C   . LYS A 1 73  ? 9.763   7.243   -9.717  1.00 13.63 ? 73  LYS A C   1 
ATOM   540  O O   . LYS A 1 73  ? 9.560   7.560   -10.870 1.00 15.67 ? 73  LYS A O   1 
ATOM   541  C CB  . LYS A 1 73  ? 11.022  5.245   -8.882  1.00 12.75 ? 73  LYS A CB  1 
ATOM   542  C CG  . LYS A 1 73  ? 10.408  4.406   -9.879  1.00 12.41 ? 73  LYS A CG  1 
ATOM   543  C CD  . LYS A 1 73  ? 10.314  2.943   -9.428  1.00 15.57 ? 73  LYS A CD  1 
ATOM   544  C CE  . LYS A 1 73  ? 9.715   2.016   -10.461 1.00 16.74 ? 73  LYS A CE  1 
ATOM   545  N NZ  . LYS A 1 73  ? 9.641   0.669   -9.863  1.00 19.00 ? 73  LYS A NZ  1 
ATOM   546  N N   . LEU A 1 74  ? 8.804   7.346   -8.808  1.00 13.80 ? 74  LEU A N   1 
ATOM   547  C CA  . LEU A 1 74  ? 7.491   7.840   -9.176  1.00 13.43 ? 74  LEU A CA  1 
ATOM   548  C C   . LEU A 1 74  ? 7.509   9.293   -9.706  1.00 12.82 ? 74  LEU A C   1 
ATOM   549  O O   . LEU A 1 74  ? 6.713   9.627   -10.568 1.00 14.23 ? 74  LEU A O   1 
ATOM   550  C CB  . LEU A 1 74  ? 6.561   7.728   -7.940  1.00 13.49 ? 74  LEU A CB  1 
ATOM   551  C CG  . LEU A 1 74  ? 6.220   6.306   -7.507  1.00 13.49 ? 74  LEU A CG  1 
ATOM   552  C CD1 . LEU A 1 74  ? 5.485   6.340   -6.169  1.00 13.88 ? 74  LEU A CD1 1 
ATOM   553  C CD2 . LEU A 1 74  ? 5.362   5.649   -8.540  1.00 14.87 ? 74  LEU A CD2 1 
ATOM   554  N N   . GLU A 1 75  ? 8.390   10.093  -9.142  1.00 13.80 ? 75  GLU A N   1 
ATOM   555  C CA  . GLU A 1 75  ? 8.618   11.461  -9.631  1.00 14.51 ? 75  GLU A CA  1 
ATOM   556  C C   . GLU A 1 75  ? 9.133   11.449  -11.071 1.00 15.19 ? 75  GLU A C   1 
ATOM   557  O O   . GLU A 1 75  ? 8.587   12.147  -11.923 1.00 17.70 ? 75  GLU A O   1 
ATOM   558  C CB  . GLU A 1 75  ? 9.593   12.202  -8.728  1.00 15.76 ? 75  GLU A CB  1 
ATOM   559  C CG  . GLU A 1 75  ? 9.828   13.680  -9.017  1.00 20.20 ? 75  GLU A CG  1 
ATOM   560  C CD  . GLU A 1 75  ? 10.924  14.221  -8.120  1.00 25.27 ? 75  GLU A CD  1 
ATOM   561  O OE1 . GLU A 1 75  ? 12.073  13.692  -8.102  1.00 25.22 ? 75  GLU A OE1 1 
ATOM   562  O OE2 . GLU A 1 75  ? 10.644  15.159  -7.337  1.00 28.41 ? 75  GLU A OE2 1 
ATOM   563  N N   . GLU A 1 76  ? 10.133  10.604  -11.360 1.00 16.34 ? 76  GLU A N   1 
ATOM   564  C CA  . GLU A 1 76  ? 10.602  10.472  -12.758 1.00 16.28 ? 76  GLU A CA  1 
ATOM   565  C C   . GLU A 1 76  ? 9.551   9.972   -13.717 1.00 16.85 ? 76  GLU A C   1 
ATOM   566  O O   . GLU A 1 76  ? 9.518   10.358  -14.903 1.00 16.43 ? 76  GLU A O   1 
ATOM   567  C CB  . GLU A 1 76  ? 11.818  9.568   -12.801 1.00 16.61 ? 76  GLU A CB  1 
ATOM   568  C CG  . GLU A 1 76  ? 12.424  9.375   -14.192 1.00 16.07 ? 76  GLU A CG  1 
ATOM   569  C CD  . GLU A 1 76  ? 13.038  10.634  -14.817 1.00 17.54 ? 76  GLU A CD  1 
ATOM   570  O OE1 . GLU A 1 76  ? 13.315  11.639  -14.140 1.00 18.38 ? 76  GLU A OE1 1 
ATOM   571  O OE2 . GLU A 1 76  ? 13.238  10.560  -16.059 1.00 19.00 ? 76  GLU A OE2 1 
ATOM   572  N N   . MET A 1 77  ? 8.662   9.102   -13.233 1.00 14.26 ? 77  MET A N   1 
ATOM   573  C CA  . MET A 1 77  ? 7.593   8.542   -14.002 1.00 14.62 ? 77  MET A CA  1 
ATOM   574  C C   . MET A 1 77  ? 6.417   9.529   -14.236 1.00 12.95 ? 77  MET A C   1 
ATOM   575  O O   . MET A 1 77  ? 5.484   9.229   -14.950 1.00 15.01 ? 77  MET A O   1 
ATOM   576  C CB  . MET A 1 77  ? 7.048   7.265   -13.353 1.00 15.14 ? 77  MET A CB  1 
ATOM   577  C CG  . MET A 1 77  ? 8.050   6.110   -13.342 1.00 15.60 ? 77  MET A CG  1 
ATOM   578  S SD  . MET A 1 77  ? 7.478   4.660   -12.466 1.00 17.06 ? 77  MET A SD  1 
ATOM   579  C CE  . MET A 1 77  ? 6.169   4.211   -13.478 1.00 18.42 ? 77  MET A CE  1 
ATOM   580  N N   . GLY A 1 78  ? 6.447   10.660  -13.530 1.00 14.26 ? 78  GLY A N   1 
ATOM   581  C CA  . GLY A 1 78  ? 5.366   11.633  -13.681 1.00 13.77 ? 78  GLY A CA  1 
ATOM   582  C C   . GLY A 1 78  ? 4.140   11.356  -12.803 1.00 15.56 ? 78  GLY A C   1 
ATOM   583  O O   . GLY A 1 78  ? 3.092   11.885  -13.051 1.00 17.21 ? 78  GLY A O   1 
ATOM   584  N N   . LEU A 1 79  ? 4.294   10.508  -11.806 1.00 15.01 ? 79  LEU A N   1 
ATOM   585  C CA  . LEU A 1 79  ? 3.165   10.029  -10.982 1.00 15.01 ? 79  LEU A CA  1 
ATOM   586  C C   . LEU A 1 79  ? 3.017   10.733  -9.662  1.00 14.22 ? 79  LEU A C   1 
ATOM   587  O O   . LEU A 1 79  ? 1.907   10.699  -9.097  1.00 15.30 ? 79  LEU A O   1 
ATOM   588  C CB  . LEU A 1 79  ? 3.315   8.523   -10.784 1.00 14.69 ? 79  LEU A CB  1 
ATOM   589  C CG  . LEU A 1 79  ? 3.423   7.710   -12.104 1.00 15.06 ? 79  LEU A CG  1 
ATOM   590  C CD1 . LEU A 1 79  ? 3.311   6.206   -11.756 1.00 14.91 ? 79  LEU A CD1 1 
ATOM   591  C CD2 . LEU A 1 79  ? 2.406   8.110   -13.117 1.00 14.40 ? 79  LEU A CD2 1 
ATOM   592  N N   . VAL A 1 80  ? 4.061   11.337  -9.138  1.00 13.84 ? 80  VAL A N   1 
ATOM   593  C CA  . VAL A 1 80  ? 3.998   12.176  -7.936  1.00 15.13 ? 80  VAL A CA  1 
ATOM   594  C C   . VAL A 1 80  ? 4.902   13.381  -8.120  1.00 17.03 ? 80  VAL A C   1 
ATOM   595  O O   . VAL A 1 80  ? 5.787   13.386  -8.997  1.00 18.55 ? 80  VAL A O   1 
ATOM   596  C CB  . VAL A 1 80  ? 4.383   11.440  -6.607  1.00 15.04 ? 80  VAL A CB  1 
ATOM   597  C CG1 . VAL A 1 80  ? 3.516   10.190  -6.375  1.00 13.88 ? 80  VAL A CG1 1 
ATOM   598  C CG2 . VAL A 1 80  ? 5.855   11.067  -6.609  1.00 16.82 ? 80  VAL A CG2 1 
ATOM   599  N N   . VAL A 1 81  ? 4.582   14.443  -7.402  1.00 18.53 ? 81  VAL A N   1 
ATOM   600  C CA  . VAL A 1 81  ? 5.479   15.590  -7.271  1.00 20.27 ? 81  VAL A CA  1 
ATOM   601  C C   . VAL A 1 81  ? 5.823   15.928  -5.835  1.00 21.55 ? 81  VAL A C   1 
ATOM   602  O O   . VAL A 1 81  ? 5.021   15.684  -4.921  1.00 19.85 ? 81  VAL A O   1 
ATOM   603  C CB  . VAL A 1 81  ? 4.914   16.789  -8.003  1.00 20.64 ? 81  VAL A CB  1 
ATOM   604  C CG1 . VAL A 1 81  ? 4.883   16.526  -9.488  1.00 23.53 ? 81  VAL A CG1 1 
ATOM   605  C CG2 . VAL A 1 81  ? 3.524   17.172  -7.497  1.00 23.61 ? 81  VAL A CG2 1 
ATOM   606  N N   . ARG A 1 82  ? 7.016   16.434  -5.594  1.00 22.15 ? 82  ARG A N   1 
ATOM   607  C CA  . ARG A 1 82  ? 7.368   17.042  -4.329  1.00 23.25 ? 82  ARG A CA  1 
ATOM   608  C C   . ARG A 1 82  ? 6.878   18.498  -4.322  1.00 25.03 ? 82  ARG A C   1 
ATOM   609  O O   . ARG A 1 82  ? 7.346   19.330  -5.105  1.00 26.46 ? 82  ARG A O   1 
ATOM   610  C CB  . ARG A 1 82  ? 8.882   17.002  -4.109  1.00 23.93 ? 82  ARG A CB  1 
ATOM   611  C CG  . ARG A 1 82  ? 9.496   15.646  -3.887  1.00 23.83 ? 82  ARG A CG  1 
ATOM   612  C CD  . ARG A 1 82  ? 10.973  15.735  -3.462  1.00 26.19 ? 82  ARG A CD  1 
ATOM   613  N NE  . ARG A 1 82  ? 11.518  14.501  -2.892  1.00 29.37 ? 82  ARG A NE  1 
ATOM   614  C CZ  . ARG A 1 82  ? 11.961  13.452  -3.579  1.00 29.31 ? 82  ARG A CZ  1 
ATOM   615  N NH1 . ARG A 1 82  ? 11.890  13.432  -4.900  1.00 28.18 ? 82  ARG A NH1 1 
ATOM   616  N NH2 . ARG A 1 82  ? 12.449  12.396  -2.929  1.00 31.18 ? 82  ARG A NH2 1 
ATOM   617  N N   . VAL A 1 83  ? 5.920   18.805  -3.447  1.00 25.07 ? 83  VAL A N   1 
ATOM   618  C CA  . VAL A 1 83  ? 5.409   20.168  -3.296  1.00 26.21 ? 83  VAL A CA  1 
ATOM   619  C C   . VAL A 1 83  ? 6.037   20.797  -2.052  1.00 26.72 ? 83  VAL A C   1 
ATOM   620  O O   . VAL A 1 83  ? 6.141   20.188  -1.005  1.00 25.21 ? 83  VAL A O   1 
ATOM   621  C CB  . VAL A 1 83  ? 3.864   20.228  -3.256  1.00 26.76 ? 83  VAL A CB  1 
ATOM   622  C CG1 . VAL A 1 83  ? 3.293   19.606  -4.501  1.00 28.31 ? 83  VAL A CG1 1 
ATOM   623  C CG2 . VAL A 1 83  ? 3.296   19.581  -2.032  1.00 28.41 ? 83  VAL A CG2 1 
ATOM   624  N N   . ARG A 1 84  ? 6.482   22.036  -2.199  1.00 28.53 ? 84  ARG A N   1 
ATOM   625  C CA  . ARG A 1 84  ? 7.248   22.707  -1.168  1.00 29.56 ? 84  ARG A CA  1 
ATOM   626  C C   . ARG A 1 84  ? 6.445   23.885  -0.679  1.00 30.31 ? 84  ARG A C   1 
ATOM   627  O O   . ARG A 1 84  ? 5.805   24.582  -1.462  1.00 30.51 ? 84  ARG A O   1 
ATOM   628  C CB  . ARG A 1 84  ? 8.599   23.177  -1.721  1.00 29.94 ? 84  ARG A CB  1 
ATOM   629  C CG  . ARG A 1 84  ? 9.495   22.014  -2.085  1.00 30.41 ? 84  ARG A CG  1 
ATOM   630  C CD  . ARG A 1 84  ? 10.663  22.348  -2.991  1.00 32.85 ? 84  ARG A CD  1 
ATOM   631  N NE  . ARG A 1 84  ? 11.412  21.127  -3.313  1.00 32.95 ? 84  ARG A NE  1 
ATOM   632  C CZ  . ARG A 1 84  ? 12.370  20.593  -2.566  1.00 34.21 ? 84  ARG A CZ  1 
ATOM   633  N NH1 . ARG A 1 84  ? 12.763  21.160  -1.426  1.00 36.41 ? 84  ARG A NH1 1 
ATOM   634  N NH2 . ARG A 1 84  ? 12.955  19.468  -2.956  1.00 36.39 ? 84  ARG A NH2 1 
ATOM   635  N N   . ASP A 1 85  ? 6.478   24.098  0.627   1.00 31.72 ? 85  ASP A N   1 
ATOM   636  C CA  . ASP A 1 85  ? 5.779   25.226  1.213   1.00 33.19 ? 85  ASP A CA  1 
ATOM   637  C C   . ASP A 1 85  ? 6.386   26.517  0.663   1.00 34.88 ? 85  ASP A C   1 
ATOM   638  O O   . ASP A 1 85  ? 7.601   26.597  0.462   1.00 34.75 ? 85  ASP A O   1 
ATOM   639  C CB  . ASP A 1 85  ? 5.909   25.187  2.722   1.00 33.52 ? 85  ASP A CB  1 
ATOM   640  C CG  . ASP A 1 85  ? 5.181   26.325  3.383   1.00 33.94 ? 85  ASP A CG  1 
ATOM   641  O OD1 . ASP A 1 85  ? 3.947   26.179  3.622   1.00 34.90 ? 85  ASP A OD1 1 
ATOM   642  O OD2 . ASP A 1 85  ? 5.752   27.403  3.672   1.00 35.93 ? 85  ASP A OD2 1 
ATOM   643  N N   . ARG A 1 86  ? 5.535   27.517  0.450   1.00 36.49 ? 86  ARG A N   1 
ATOM   644  C CA  . ARG A 1 86  ? 5.934   28.760  -0.232  1.00 38.20 ? 86  ARG A CA  1 
ATOM   645  C C   . ARG A 1 86  ? 6.890   29.620  0.600   1.00 38.44 ? 86  ARG A C   1 
ATOM   646  O O   . ARG A 1 86  ? 7.651   30.401  0.035   1.00 37.92 ? 86  ARG A O   1 
ATOM   647  C CB  . ARG A 1 86  ? 4.724   29.619  -0.674  1.00 38.69 ? 86  ARG A CB  1 
ATOM   648  C CG  . ARG A 1 86  ? 3.331   29.152  -0.226  1.00 42.40 ? 86  ARG A CG  1 
ATOM   649  C CD  . ARG A 1 86  ? 2.881   29.684  1.141   1.00 45.15 ? 86  ARG A CD  1 
ATOM   650  N NE  . ARG A 1 86  ? 1.716   30.565  1.005   1.00 48.07 ? 86  ARG A NE  1 
ATOM   651  C CZ  . ARG A 1 86  ? 1.143   31.230  2.002   1.00 49.23 ? 86  ARG A CZ  1 
ATOM   652  N NH1 . ARG A 1 86  ? 0.086   31.997  1.755   1.00 49.47 ? 86  ARG A NH1 1 
ATOM   653  N NH2 . ARG A 1 86  ? 1.613   31.130  3.245   1.00 50.53 ? 86  ARG A NH2 1 
ATOM   654  N N   . GLU A 1 87  ? 6.850   29.478  1.924   1.00 38.58 ? 87  GLU A N   1 
ATOM   655  C CA  . GLU A 1 87  ? 7.762   30.212  2.802   1.00 39.36 ? 87  GLU A CA  1 
ATOM   656  C C   . GLU A 1 87  ? 8.983   29.409  3.231   1.00 38.87 ? 87  GLU A C   1 
ATOM   657  O O   . GLU A 1 87  ? 10.048  29.981  3.453   1.00 40.14 ? 87  GLU A O   1 
ATOM   658  C CB  . GLU A 1 87  ? 7.033   30.678  4.054   1.00 39.91 ? 87  GLU A CB  1 
ATOM   659  C CG  . GLU A 1 87  ? 6.196   31.930  3.849   1.00 42.11 ? 87  GLU A CG  1 
ATOM   660  C CD  . GLU A 1 87  ? 5.104   32.042  4.891   1.00 45.00 ? 87  GLU A CD  1 
ATOM   661  O OE1 . GLU A 1 87  ? 3.968   32.409  4.518   1.00 47.75 ? 87  GLU A OE1 1 
ATOM   662  O OE2 . GLU A 1 87  ? 5.381   31.747  6.082   1.00 46.84 ? 87  GLU A OE2 1 
ATOM   663  N N   . ASP A 1 88  ? 8.829   28.098  3.377   1.00 37.89 ? 88  ASP A N   1 
ATOM   664  C CA  . ASP A 1 88  ? 9.925   27.244  3.836   1.00 36.81 ? 88  ASP A CA  1 
ATOM   665  C C   . ASP A 1 88  ? 9.965   26.023  2.926   1.00 36.29 ? 88  ASP A C   1 
ATOM   666  O O   . ASP A 1 88  ? 9.239   25.041  3.139   1.00 35.90 ? 88  ASP A O   1 
ATOM   667  C CB  . ASP A 1 88  ? 9.733   26.853  5.311   1.00 36.92 ? 88  ASP A CB  1 
ATOM   668  C CG  . ASP A 1 88  ? 10.878  26.002  5.865   1.00 37.43 ? 88  ASP A CG  1 
ATOM   669  O OD1 . ASP A 1 88  ? 11.822  25.658  5.116   1.00 37.02 ? 88  ASP A OD1 1 
ATOM   670  O OD2 . ASP A 1 88  ? 10.926  25.636  7.062   1.00 38.36 ? 88  ASP A OD2 1 
ATOM   671  N N   . ARG A 1 89  ? 10.809  26.104  1.900   1.00 34.82 ? 89  ARG A N   1 
ATOM   672  C CA  . ARG A 1 89  ? 10.842  25.083  0.859   1.00 34.13 ? 89  ARG A CA  1 
ATOM   673  C C   . ARG A 1 89  ? 11.340  23.709  1.358   1.00 33.54 ? 89  ARG A C   1 
ATOM   674  O O   . ARG A 1 89  ? 11.193  22.715  0.645   1.00 33.54 ? 89  ARG A O   1 
ATOM   675  C CB  . ARG A 1 89  ? 11.663  25.558  -0.342  1.00 33.69 ? 89  ARG A CB  1 
ATOM   676  C CG  . ARG A 1 89  ? 13.164  25.324  -0.200  1.00 33.57 ? 89  ARG A CG  1 
ATOM   677  C CD  . ARG A 1 89  ? 13.945  25.756  -1.416  1.00 32.56 ? 89  ARG A CD  1 
ATOM   678  N NE  . ARG A 1 89  ? 13.709  24.851  -2.551  1.00 31.11 ? 89  ARG A NE  1 
ATOM   679  C CZ  . ARG A 1 89  ? 14.437  23.775  -2.827  1.00 32.96 ? 89  ARG A CZ  1 
ATOM   680  N NH1 . ARG A 1 89  ? 15.432  23.389  -2.036  1.00 33.92 ? 89  ARG A NH1 1 
ATOM   681  N NH2 . ARG A 1 89  ? 14.150  23.066  -3.900  1.00 31.61 ? 89  ARG A NH2 1 
ATOM   682  N N   . ARG A 1 90  ? 11.923  23.664  2.559   1.00 33.19 ? 90  ARG A N   1 
ATOM   683  C CA  . ARG A 1 90  ? 12.305  22.399  3.205   1.00 33.28 ? 90  ARG A CA  1 
ATOM   684  C C   . ARG A 1 90  ? 11.107  21.506  3.584   1.00 31.68 ? 90  ARG A C   1 
ATOM   685  O O   . ARG A 1 90  ? 11.254  20.295  3.710   1.00 31.76 ? 90  ARG A O   1 
ATOM   686  C CB  . ARG A 1 90  ? 13.088  22.668  4.482   1.00 34.06 ? 90  ARG A CB  1 
ATOM   687  C CG  . ARG A 1 90  ? 14.315  23.581  4.337   1.00 37.02 ? 90  ARG A CG  1 
ATOM   688  C CD  . ARG A 1 90  ? 15.164  23.662  5.604   1.00 40.78 ? 90  ARG A CD  1 
ATOM   689  N NE  . ARG A 1 90  ? 14.448  24.322  6.703   1.00 43.86 ? 90  ARG A NE  1 
ATOM   690  C CZ  . ARG A 1 90  ? 14.941  24.508  7.926   1.00 46.98 ? 90  ARG A CZ  1 
ATOM   691  N NH1 . ARG A 1 90  ? 16.164  24.086  8.240   1.00 48.53 ? 90  ARG A NH1 1 
ATOM   692  N NH2 . ARG A 1 90  ? 14.206  25.122  8.850   1.00 48.46 ? 90  ARG A NH2 1 
ATOM   693  N N   . LYS A 1 91  ? 9.944   22.116  3.807   1.00 30.16 ? 91  LYS A N   1 
ATOM   694  C CA  . LYS A 1 91  ? 8.721   21.392  4.136   1.00 29.22 ? 91  LYS A CA  1 
ATOM   695  C C   . LYS A 1 91  ? 8.148   20.835  2.846   1.00 27.06 ? 91  LYS A C   1 
ATOM   696  O O   . LYS A 1 91  ? 7.641   21.571  2.001   1.00 25.78 ? 91  LYS A O   1 
ATOM   697  C CB  . LYS A 1 91  ? 7.706   22.305  4.815   1.00 29.68 ? 91  LYS A CB  1 
ATOM   698  C CG  . LYS A 1 91  ? 8.048   22.662  6.250   1.00 31.57 ? 91  LYS A CG  1 
ATOM   699  C CD  . LYS A 1 91  ? 7.180   23.833  6.724   1.00 34.54 ? 91  LYS A CD  1 
ATOM   700  C CE  . LYS A 1 91  ? 7.520   24.305  8.146   1.00 34.45 ? 91  LYS A CE  1 
ATOM   701  N NZ  . LYS A 1 91  ? 6.709   25.507  8.472   1.00 36.44 ? 91  LYS A NZ  1 
ATOM   702  N N   . ILE A 1 92  ? 8.212   19.516  2.723   1.00 25.56 ? 92  ILE A N   1 
ATOM   703  C CA  . ILE A 1 92  ? 7.880   18.830  1.481   1.00 24.61 ? 92  ILE A CA  1 
ATOM   704  C C   . ILE A 1 92  ? 6.711   17.906  1.717   1.00 22.22 ? 92  ILE A C   1 
ATOM   705  O O   . ILE A 1 92  ? 6.659   17.190  2.739   1.00 22.01 ? 92  ILE A O   1 
ATOM   706  C CB  . ILE A 1 92  ? 9.075   17.982  1.021   1.00 24.88 ? 92  ILE A CB  1 
ATOM   707  C CG1 . ILE A 1 92  ? 10.243  18.870  0.608   1.00 27.03 ? 92  ILE A CG1 1 
ATOM   708  C CG2 . ILE A 1 92  ? 8.703   17.043  -0.119  1.00 25.37 ? 92  ILE A CG2 1 
ATOM   709  C CD1 . ILE A 1 92  ? 11.544  18.141  0.704   1.00 28.72 ? 92  ILE A CD1 1 
ATOM   710  N N   . LEU A 1 93  ? 5.791   17.918  0.770   1.00 21.03 ? 93  LEU A N   1 
ATOM   711  C CA  . LEU A 1 93  ? 4.752   16.908  0.697   1.00 19.78 ? 93  LEU A CA  1 
ATOM   712  C C   . LEU A 1 93  ? 4.849   16.226  -0.638  1.00 19.14 ? 93  LEU A C   1 
ATOM   713  O O   . LEU A 1 93  ? 5.194   16.850  -1.634  1.00 20.15 ? 93  LEU A O   1 
ATOM   714  C CB  . LEU A 1 93  ? 3.376   17.540  0.885   1.00 20.66 ? 93  LEU A CB  1 
ATOM   715  C CG  . LEU A 1 93  ? 3.074   18.078  2.287   1.00 20.50 ? 93  LEU A CG  1 
ATOM   716  C CD1 . LEU A 1 93  ? 1.881   18.970  2.215   1.00 21.26 ? 93  LEU A CD1 1 
ATOM   717  C CD2 . LEU A 1 93  ? 2.873   16.948  3.267   1.00 22.30 ? 93  LEU A CD2 1 
ATOM   718  N N   . ILE A 1 94  ? 4.468   14.960  -0.651  1.00 17.20 ? 94  ILE A N   1 
ATOM   719  C CA  . ILE A 1 94  ? 4.420   14.167  -1.864  1.00 16.39 ? 94  ILE A CA  1 
ATOM   720  C C   . ILE A 1 94  ? 2.989   14.178  -2.327  1.00 16.52 ? 94  ILE A C   1 
ATOM   721  O O   . ILE A 1 94  ? 2.115   13.643  -1.607  1.00 15.62 ? 94  ILE A O   1 
ATOM   722  C CB  . ILE A 1 94  ? 4.906   12.722  -1.606  1.00 16.87 ? 94  ILE A CB  1 
ATOM   723  C CG1 . ILE A 1 94  ? 6.279   12.743  -0.924  1.00 16.44 ? 94  ILE A CG1 1 
ATOM   724  C CG2 . ILE A 1 94  ? 4.901   11.953  -2.937  1.00 15.68 ? 94  ILE A CG2 1 
ATOM   725  C CD1 . ILE A 1 94  ? 7.334   13.528  -1.635  1.00 19.50 ? 94  ILE A CD1 1 
ATOM   726  N N   . GLU A 1 95  ? 2.713   14.796  -3.465  1.00 15.99 ? 95  GLU A N   1 
ATOM   727  C CA  . GLU A 1 95  ? 1.389   14.921  -4.035  1.00 16.05 ? 95  GLU A CA  1 
ATOM   728  C C   . GLU A 1 95  ? 1.222   14.088  -5.285  1.00 15.68 ? 95  GLU A C   1 
ATOM   729  O O   . GLU A 1 95  ? 2.131   14.086  -6.147  1.00 15.93 ? 95  GLU A O   1 
ATOM   730  C CB  . GLU A 1 95  ? 1.086   16.385  -4.363  1.00 16.80 ? 95  GLU A CB  1 
ATOM   731  C CG  . GLU A 1 95  ? -0.281  16.638  -4.932  1.00 19.32 ? 95  GLU A CG  1 
ATOM   732  C CD  . GLU A 1 95  ? -0.440  18.086  -5.311  1.00 26.24 ? 95  GLU A CD  1 
ATOM   733  O OE1 . GLU A 1 95  ? -0.590  18.901  -4.395  1.00 33.13 ? 95  GLU A OE1 1 
ATOM   734  O OE2 . GLU A 1 95  ? -0.344  18.408  -6.503  1.00 34.18 ? 95  GLU A OE2 1 
ATOM   735  N N   . ILE A 1 96  ? 0.143   13.345  -5.418  1.00 15.34 ? 96  ILE A N   1 
ATOM   736  C CA  . ILE A 1 96  ? -0.132  12.538  -6.591  1.00 14.98 ? 96  ILE A CA  1 
ATOM   737  C C   . ILE A 1 96  ? -0.495  13.438  -7.758  1.00 16.53 ? 96  ILE A C   1 
ATOM   738  O O   . ILE A 1 96  ? -1.138  14.471  -7.570  1.00 17.56 ? 96  ILE A O   1 
ATOM   739  C CB  . ILE A 1 96  ? -1.214  11.440  -6.290  1.00 15.84 ? 96  ILE A CB  1 
ATOM   740  C CG1 . ILE A 1 96  ? -1.154  10.276  -7.289  1.00 15.76 ? 96  ILE A CG1 1 
ATOM   741  C CG2 . ILE A 1 96  ? -2.621  12.051  -6.230  1.00 16.23 ? 96  ILE A CG2 1 
ATOM   742  C CD1 . ILE A 1 96  ? -2.003  9.054   -6.812  1.00 14.30 ? 96  ILE A CD1 1 
ATOM   743  N N   . THR A 1 97  ? -0.057  13.070  -8.954  1.00 15.48 ? 97  THR A N   1 
ATOM   744  C CA  . THR A 1 97  ? -0.477  13.773  -10.175 1.00 15.37 ? 97  THR A CA  1 
ATOM   745  C C   . THR A 1 97  ? -1.701  13.139  -10.801 1.00 16.71 ? 97  THR A C   1 
ATOM   746  O O   . THR A 1 97  ? -2.126  12.038  -10.426 1.00 16.35 ? 97  THR A O   1 
ATOM   747  C CB  . THR A 1 97  ? 0.655   13.744  -11.214 1.00 16.61 ? 97  THR A CB  1 
ATOM   748  O OG1 . THR A 1 97  ? 0.885   12.378  -11.604 1.00 17.27 ? 97  THR A OG1 1 
ATOM   749  C CG2 . THR A 1 97  ? 1.910   14.306  -10.674 1.00 15.92 ? 97  THR A CG2 1 
ATOM   750  N N   . GLU A 1 98  ? -2.267  13.787  -11.824 1.00 17.01 ? 98  GLU A N   1 
ATOM   751  C CA  . GLU A 1 98  ? -3.361  13.203  -12.558 1.00 18.06 ? 98  GLU A CA  1 
ATOM   752  C C   . GLU A 1 98  ? -2.984  11.826  -13.170 1.00 16.78 ? 98  GLU A C   1 
ATOM   753  O O   . GLU A 1 98  ? -3.741  10.865  -13.135 1.00 18.61 ? 98  GLU A O   1 
ATOM   754  C CB  . GLU A 1 98  ? -3.841  14.215  -13.611 1.00 19.79 ? 98  GLU A CB  1 
ATOM   755  C CG  . GLU A 1 98  ? -4.920  13.746  -14.533 1.00 25.46 ? 98  GLU A CG  1 
ATOM   756  C CD  . GLU A 1 98  ? -5.100  14.733  -15.680 1.00 32.29 ? 98  GLU A CD  1 
ATOM   757  O OE1 . GLU A 1 98  ? -5.199  15.949  -15.379 1.00 36.01 ? 98  GLU A OE1 1 
ATOM   758  O OE2 . GLU A 1 98  ? -5.074  14.296  -16.860 1.00 37.24 ? 98  GLU A OE2 1 
ATOM   759  N N   . LYS A 1 99  ? -1.776  11.731  -13.726 1.00 17.68 ? 99  LYS A N   1 
ATOM   760  C CA  . LYS A 1 99  ? -1.322  10.461  -14.280 1.00 16.98 ? 99  LYS A CA  1 
ATOM   761  C C   . LYS A 1 99  ? -1.118  9.426   -13.166 1.00 15.59 ? 99  LYS A C   1 
ATOM   762  O O   . LYS A 1 99  ? -1.419  8.274   -13.331 1.00 16.08 ? 99  LYS A O   1 
ATOM   763  C CB  . LYS A 1 99  ? -0.038  10.641  -15.087 1.00 17.44 ? 99  LYS A CB  1 
ATOM   764  C CG  . LYS A 1 99  ? 0.438   9.395   -15.846 1.00 18.15 ? 99  LYS A CG  1 
ATOM   765  C CD  . LYS A 1 99  ? -0.515  8.864   -16.898 1.00 23.65 ? 99  LYS A CD  1 
ATOM   766  C CE  . LYS A 1 99  ? 0.163   7.797   -17.741 1.00 28.13 ? 99  LYS A CE  1 
ATOM   767  N NZ  . LYS A 1 99  ? -0.726  7.359   -18.868 1.00 32.70 ? 99  LYS A NZ  1 
ATOM   768  N N   . GLY A 1 100 ? -0.622  9.895   -12.046 1.00 15.06 ? 100 GLY A N   1 
ATOM   769  C CA  . GLY A 1 100 ? -0.466  9.046   -10.859 1.00 14.78 ? 100 GLY A CA  1 
ATOM   770  C C   . GLY A 1 100 ? -1.767  8.450   -10.376 1.00 15.44 ? 100 GLY A C   1 
ATOM   771  O O   . GLY A 1 100 ? -1.845  7.254   -10.072 1.00 16.22 ? 100 GLY A O   1 
ATOM   772  N N   . LEU A 1 101 ? -2.850  9.237   -10.448 1.00 16.18 ? 101 LEU A N   1 
ATOM   773  C CA  . LEU A 1 101 ? -4.172  8.717   -10.125 1.00 17.24 ? 101 LEU A CA  1 
ATOM   774  C C   . LEU A 1 101 ? -4.660  7.694   -11.110 1.00 17.11 ? 101 LEU A C   1 
ATOM   775  O O   . LEU A 1 101 ? -5.226  6.687   -10.741 1.00 16.70 ? 101 LEU A O   1 
ATOM   776  C CB  . LEU A 1 101 ? -5.178  9.859   -9.977  1.00 18.68 ? 101 LEU A CB  1 
ATOM   777  C CG  . LEU A 1 101 ? -5.108  10.620  -8.689  1.00 21.52 ? 101 LEU A CG  1 
ATOM   778  C CD1 . LEU A 1 101 ? -5.814  11.994  -8.817  1.00 22.12 ? 101 LEU A CD1 1 
ATOM   779  C CD2 . LEU A 1 101 ? -5.761  9.770   -7.570  1.00 21.76 ? 101 LEU A CD2 1 
ATOM   780  N N   . GLU A 1 102 ? -4.426  7.935   -12.397 1.00 16.59 ? 102 GLU A N   1 
ATOM   781  C CA  . GLU A 1 102 ? -4.805  6.983   -13.424 1.00 18.01 ? 102 GLU A CA  1 
ATOM   782  C C   . GLU A 1 102 ? -4.076  5.619   -13.202 1.00 17.00 ? 102 GLU A C   1 
ATOM   783  O O   . GLU A 1 102 ? -4.697  4.536   -13.295 1.00 18.19 ? 102 GLU A O   1 
ATOM   784  C CB  . GLU A 1 102 ? -4.501  7.538   -14.823 1.00 19.88 ? 102 GLU A CB  1 
ATOM   785  C CG  . GLU A 1 102 ? -4.924  6.665   -15.968 1.00 22.98 ? 102 GLU A CG  1 
ATOM   786  C CD  . GLU A 1 102 ? -4.295  7.108   -17.278 1.00 28.53 ? 102 GLU A CD  1 
ATOM   787  O OE1 . GLU A 1 102 ? -4.938  7.882   -18.003 1.00 34.14 ? 102 GLU A OE1 1 
ATOM   788  O OE2 . GLU A 1 102 ? -3.148  6.709   -17.564 1.00 30.78 ? 102 GLU A OE2 1 
ATOM   789  N N   . THR A 1 103 ? -2.779  5.699   -12.901 1.00 17.45 ? 103 THR A N   1 
ATOM   790  C CA  . THR A 1 103 ? -1.971  4.494   -12.729 1.00 16.33 ? 103 THR A CA  1 
ATOM   791  C C   . THR A 1 103 ? -2.374  3.787   -11.407 1.00 15.82 ? 103 THR A C   1 
ATOM   792  O O   . THR A 1 103 ? -2.535  2.567   -11.388 1.00 16.43 ? 103 THR A O   1 
ATOM   793  C CB  . THR A 1 103 ? -0.519  4.906   -12.721 1.00 15.82 ? 103 THR A CB  1 
ATOM   794  O OG1 . THR A 1 103 ? -0.170  5.396   -14.030 1.00 18.44 ? 103 THR A OG1 1 
ATOM   795  C CG2 . THR A 1 103 ? 0.387   3.734   -12.472 1.00 17.39 ? 103 THR A CG2 1 
ATOM   796  N N   . PHE A 1 104 ? -2.651  4.567   -10.382 1.00 15.72 ? 104 PHE A N   1 
ATOM   797  C CA  . PHE A 1 104 ? -3.150  4.041   -9.103  1.00 15.59 ? 104 PHE A CA  1 
ATOM   798  C C   . PHE A 1 104 ? -4.434  3.261   -9.321  1.00 16.34 ? 104 PHE A C   1 
ATOM   799  O O   . PHE A 1 104 ? -4.566  2.127   -8.836  1.00 16.68 ? 104 PHE A O   1 
ATOM   800  C CB  . PHE A 1 104 ? -3.366  5.155   -8.090  1.00 16.96 ? 104 PHE A CB  1 
ATOM   801  C CG  . PHE A 1 104 ? -4.181  4.741   -6.916  1.00 15.95 ? 104 PHE A CG  1 
ATOM   802  C CD1 . PHE A 1 104 ? -3.713  3.763   -6.051  1.00 15.30 ? 104 PHE A CD1 1 
ATOM   803  C CD2 . PHE A 1 104 ? -5.449  5.279   -6.708  1.00 17.51 ? 104 PHE A CD2 1 
ATOM   804  C CE1 . PHE A 1 104 ? -4.488  3.348   -4.987  1.00 17.64 ? 104 PHE A CE1 1 
ATOM   805  C CE2 . PHE A 1 104 ? -6.226  4.841   -5.623  1.00 18.73 ? 104 PHE A CE2 1 
ATOM   806  C CZ  . PHE A 1 104 ? -5.723  3.896   -4.769  1.00 18.66 ? 104 PHE A CZ  1 
ATOM   807  N N   . ASN A 1 105 ? -5.369  3.856   -10.073 1.00 16.60 ? 105 ASN A N   1 
ATOM   808  C CA  . ASN A 1 105 ? -6.614  3.184   -10.309 1.00 17.67 ? 105 ASN A CA  1 
ATOM   809  C C   . ASN A 1 105 ? -6.438  1.905   -11.086 1.00 16.89 ? 105 ASN A C   1 
ATOM   810  O O   . ASN A 1 105 ? -7.133  0.938   -10.823 1.00 17.95 ? 105 ASN A O   1 
ATOM   811  C CB  . ASN A 1 105 ? -7.605  4.118   -11.014 1.00 18.71 ? 105 ASN A CB  1 
ATOM   812  C CG  . ASN A 1 105 ? -8.119  5.213   -10.129 1.00 23.13 ? 105 ASN A CG  1 
ATOM   813  O OD1 . ASN A 1 105 ? -8.322  5.031   -8.937  1.00 25.79 ? 105 ASN A OD1 1 
ATOM   814  N ND2 . ASN A 1 105 ? -8.376  6.375   -10.735 1.00 28.22 ? 105 ASN A ND2 1 
ATOM   815  N N   . LYS A 1 106 ? -5.506  1.878   -12.036 1.00 16.91 ? 106 LYS A N   1 
ATOM   816  C CA  . LYS A 1 106 ? -5.202  0.608   -12.702 1.00 17.57 ? 106 LYS A CA  1 
ATOM   817  C C   . LYS A 1 106 ? -4.629  -0.425  -11.710 1.00 15.57 ? 106 LYS A C   1 
ATOM   818  O O   . LYS A 1 106 ? -4.929  -1.601  -11.810 1.00 17.08 ? 106 LYS A O   1 
ATOM   819  C CB  . LYS A 1 106 ? -4.218  0.778   -13.852 1.00 18.69 ? 106 LYS A CB  1 
ATOM   820  C CG  . LYS A 1 106 ? -4.737  1.541   -15.041 1.00 21.95 ? 106 LYS A CG  1 
ATOM   821  C CD  . LYS A 1 106 ? -3.606  1.722   -16.054 1.00 27.26 ? 106 LYS A CD  1 
ATOM   822  C CE  . LYS A 1 106 ? -4.076  2.528   -17.224 1.00 27.13 ? 106 LYS A CE  1 
ATOM   823  N NZ  . LYS A 1 106 ? -4.892  1.643   -18.051 1.00 32.34 ? 106 LYS A NZ  1 
ATOM   824  N N   . GLY A 1 107 ? -3.818  0.044   -10.776 1.00 15.13 ? 107 GLY A N   1 
ATOM   825  C CA  . GLY A 1 107 ? -3.279  -0.823  -9.755  1.00 16.06 ? 107 GLY A CA  1 
ATOM   826  C C   . GLY A 1 107 ? -4.357  -1.407  -8.855  1.00 16.60 ? 107 GLY A C   1 
ATOM   827  O O   . GLY A 1 107 ? -4.276  -2.582  -8.501  1.00 15.92 ? 107 GLY A O   1 
ATOM   828  N N   . ILE A 1 108 ? -5.335  -0.569  -8.480  1.00 16.74 ? 108 ILE A N   1 
ATOM   829  C CA  . ILE A 1 108 ? -6.453  -1.045  -7.673  1.00 17.45 ? 108 ILE A CA  1 
ATOM   830  C C   . ILE A 1 108 ? -7.229  -2.143  -8.386  1.00 17.48 ? 108 ILE A C   1 
ATOM   831  O O   . ILE A 1 108 ? -7.662  -3.120  -7.779  1.00 17.48 ? 108 ILE A O   1 
ATOM   832  C CB  . ILE A 1 108 ? -7.400  0.144   -7.323  1.00 18.18 ? 108 ILE A CB  1 
ATOM   833  C CG1 . ILE A 1 108 ? -6.775  0.990   -6.227  1.00 18.56 ? 108 ILE A CG1 1 
ATOM   834  C CG2 . ILE A 1 108 ? -8.797  -0.371  -6.871  1.00 19.01 ? 108 ILE A CG2 1 
ATOM   835  C CD1 . ILE A 1 108 ? -6.703  0.302   -4.877  1.00 19.93 ? 108 ILE A CD1 1 
ATOM   836  N N   . GLU A 1 109 ? -7.436  -2.001  -9.693  1.00 17.74 ? 109 GLU A N   1 
ATOM   837  C CA  . GLU A 1 109 ? -8.144  -3.033  -10.410 1.00 18.76 ? 109 GLU A CA  1 
ATOM   838  C C   . GLU A 1 109 ? -7.361  -4.345  -10.434 1.00 17.35 ? 109 GLU A C   1 
ATOM   839  O O   . GLU A 1 109 ? -7.941  -5.430  -10.324 1.00 18.52 ? 109 GLU A O   1 
ATOM   840  C CB  . GLU A 1 109 ? -8.527  -2.542  -11.819 1.00 19.15 ? 109 GLU A CB  1 
ATOM   841  C CG  . GLU A 1 109 ? -9.632  -1.475  -11.778 1.00 24.18 ? 109 GLU A CG  1 
ATOM   842  C CD  . GLU A 1 109 ? -10.811 -1.808  -10.824 1.00 27.83 ? 109 GLU A CD  1 
ATOM   843  O OE1 . GLU A 1 109 ? -11.493 -2.840  -11.029 1.00 31.71 ? 109 GLU A OE1 1 
ATOM   844  O OE2 . GLU A 1 109 ? -11.055 -1.052  -9.837  1.00 28.43 ? 109 GLU A OE2 1 
ATOM   845  N N   . ILE A 1 110 ? -6.031  -4.272  -10.569 1.00 17.89 ? 110 ILE A N   1 
ATOM   846  C CA  . ILE A 1 110 ? -5.195  -5.483  -10.510 1.00 18.01 ? 110 ILE A CA  1 
ATOM   847  C C   . ILE A 1 110 ? -5.328  -6.134  -9.134  1.00 16.34 ? 110 ILE A C   1 
ATOM   848  O O   . ILE A 1 110 ? -5.520  -7.359  -9.031  1.00 17.40 ? 110 ILE A O   1 
ATOM   849  C CB  . ILE A 1 110 ? -3.703  -5.108  -10.770 1.00 18.54 ? 110 ILE A CB  1 
ATOM   850  C CG1 . ILE A 1 110 ? -3.494  -4.823  -12.262 1.00 19.24 ? 110 ILE A CG1 1 
ATOM   851  C CG2 . ILE A 1 110 ? -2.750  -6.240  -10.372 1.00 18.05 ? 110 ILE A CG2 1 
ATOM   852  C CD1 . ILE A 1 110 ? -2.160  -4.203  -12.618 1.00 19.14 ? 110 ILE A CD1 1 
ATOM   853  N N   . TYR A 1 111 ? -5.247  -5.303  -8.111  1.00 16.19 ? 111 TYR A N   1 
ATOM   854  C CA  . TYR A 1 111 ? -5.362  -5.789  -6.724  1.00 17.72 ? 111 TYR A CA  1 
ATOM   855  C C   . TYR A 1 111 ? -6.725  -6.448  -6.499  1.00 18.47 ? 111 TYR A C   1 
ATOM   856  O O   . TYR A 1 111 ? -6.799  -7.552  -5.965  1.00 18.56 ? 111 TYR A O   1 
ATOM   857  C CB  . TYR A 1 111 ? -5.101  -4.659  -5.743  1.00 17.90 ? 111 TYR A CB  1 
ATOM   858  C CG  . TYR A 1 111 ? -4.649  -5.052  -4.316  1.00 18.43 ? 111 TYR A CG  1 
ATOM   859  C CD1 . TYR A 1 111 ? -4.697  -6.360  -3.833  1.00 18.41 ? 111 TYR A CD1 1 
ATOM   860  C CD2 . TYR A 1 111 ? -4.158  -4.085  -3.484  1.00 22.60 ? 111 TYR A CD2 1 
ATOM   861  C CE1 . TYR A 1 111 ? -4.295  -6.663  -2.545  1.00 19.85 ? 111 TYR A CE1 1 
ATOM   862  C CE2 . TYR A 1 111 ? -3.790  -4.357  -2.193  1.00 22.22 ? 111 TYR A CE2 1 
ATOM   863  C CZ  . TYR A 1 111 ? -3.843  -5.653  -1.734  1.00 20.15 ? 111 TYR A CZ  1 
ATOM   864  O OH  . TYR A 1 111 ? -3.423  -5.908  -0.432  1.00 22.41 ? 111 TYR A OH  1 
ATOM   865  N N   . LYS A 1 112 ? -7.801  -5.824  -6.978  1.00 18.34 ? 112 LYS A N   1 
ATOM   866  C CA  . LYS A 1 112 ? -9.155  -6.384  -6.810  1.00 19.72 ? 112 LYS A CA  1 
ATOM   867  C C   . LYS A 1 112 ? -9.309  -7.708  -7.490  1.00 19.23 ? 112 LYS A C   1 
ATOM   868  O O   . LYS A 1 112 ? -9.905  -8.642  -6.932  1.00 19.12 ? 112 LYS A O   1 
ATOM   869  C CB  . LYS A 1 112 ? -10.198 -5.427  -7.383  1.00 20.06 ? 112 LYS A CB  1 
ATOM   870  C CG  . LYS A 1 112 ? -10.518 -4.277  -6.474  1.00 23.25 ? 112 LYS A CG  1 
ATOM   871  C CD  . LYS A 1 112 ? -11.618 -3.361  -7.073  1.00 26.24 ? 112 LYS A CD  1 
ATOM   872  C CE  . LYS A 1 112 ? -11.850 -2.151  -6.163  1.00 29.93 ? 112 LYS A CE  1 
ATOM   873  N NZ  . LYS A 1 112 ? -12.464 -0.998  -6.872  1.00 32.32 ? 112 LYS A NZ  1 
ATOM   874  N N   . LYS A 1 113 ? -8.763  -7.854  -8.681  1.00 18.70 ? 113 LYS A N   1 
ATOM   875  C CA  . LYS A 1 113 ? -8.932  -9.096  -9.429  1.00 20.40 ? 113 LYS A CA  1 
ATOM   876  C C   . LYS A 1 113 ? -8.168  -10.203 -8.686  1.00 19.75 ? 113 LYS A C   1 
ATOM   877  O O   . LYS A 1 113 ? -8.642  -11.337 -8.576  1.00 22.20 ? 113 LYS A O   1 
ATOM   878  C CB  . LYS A 1 113 ? -8.460  -8.918  -10.880 1.00 20.99 ? 113 LYS A CB  1 
ATOM   879  C CG  . LYS A 1 113 ? -8.039  -10.135 -11.649 1.00 25.13 ? 113 LYS A CG  1 
ATOM   880  C CD  . LYS A 1 113 ? -7.625  -9.753  -13.079 1.00 29.86 ? 113 LYS A CD  1 
ATOM   881  C CE  . LYS A 1 113 ? -7.074  -10.943 -13.856 1.00 32.44 ? 113 LYS A CE  1 
ATOM   882  N NZ  . LYS A 1 113 ? -8.139  -11.490 -14.770 1.00 34.38 ? 113 LYS A NZ  1 
ATOM   883  N N   . LEU A 1 114 ? -6.973  -9.893  -8.177  1.00 18.98 ? 114 LEU A N   1 
ATOM   884  C CA  . LEU A 1 114 ? -6.218  -10.907 -7.450  1.00 18.96 ? 114 LEU A CA  1 
ATOM   885  C C   . LEU A 1 114 ? -6.926  -11.265 -6.149  1.00 19.10 ? 114 LEU A C   1 
ATOM   886  O O   . LEU A 1 114 ? -6.989  -12.455 -5.808  1.00 19.06 ? 114 LEU A O   1 
ATOM   887  C CB  . LEU A 1 114 ? -4.824  -10.379 -7.135  1.00 18.58 ? 114 LEU A CB  1 
ATOM   888  C CG  . LEU A 1 114 ? -3.881  -11.289 -6.323  1.00 18.02 ? 114 LEU A CG  1 
ATOM   889  C CD1 . LEU A 1 114 ? -3.740  -12.671 -6.917  1.00 18.42 ? 114 LEU A CD1 1 
ATOM   890  C CD2 . LEU A 1 114 ? -2.522  -10.628 -6.163  1.00 18.65 ? 114 LEU A CD2 1 
ATOM   891  N N   . ALA A 1 115 ? -7.427  -10.275 -5.424  1.00 17.51 ? 115 ALA A N   1 
ATOM   892  C CA  . ALA A 1 115 ? -8.141  -10.516 -4.172  1.00 18.97 ? 115 ALA A CA  1 
ATOM   893  C C   . ALA A 1 115 ? -9.350  -11.394 -4.447  1.00 19.73 ? 115 ALA A C   1 
ATOM   894  O O   . ALA A 1 115 ? -9.676  -12.278 -3.668  1.00 20.76 ? 115 ALA A O   1 
ATOM   895  C CB  . ALA A 1 115 ? -8.565  -9.277  -3.537  1.00 17.57 ? 115 ALA A CB  1 
ATOM   896  N N   . ASN A 1 116 ? -10.041 -11.127 -5.547  1.00 21.22 ? 116 ASN A N   1 
ATOM   897  C CA  . ASN A 1 116 ? -11.187 -11.945 -5.884  1.00 21.26 ? 116 ASN A CA  1 
ATOM   898  C C   . ASN A 1 116 ? -10.812 -13.392 -6.149  1.00 21.72 ? 116 ASN A C   1 
ATOM   899  O O   . ASN A 1 116 ? -11.543 -14.280 -5.715  1.00 22.84 ? 116 ASN A O   1 
ATOM   900  C CB  . ASN A 1 116 ? -11.960 -11.346 -7.066  1.00 21.45 ? 116 ASN A CB  1 
ATOM   901  C CG  . ASN A 1 116 ? -12.659 -10.045 -6.724  1.00 22.80 ? 116 ASN A CG  1 
ATOM   902  O OD1 . ASN A 1 116 ? -12.796 -9.638  -5.578  1.00 26.12 ? 116 ASN A OD1 1 
ATOM   903  N ND2 . ASN A 1 116 ? -13.113 -9.350  -7.787  1.00 28.95 ? 116 ASN A ND2 1 
ATOM   904  N N   . GLU A 1 117 ? -9.701  -13.653 -6.846  1.00 21.94 ? 117 GLU A N   1 
ATOM   905  C CA  . GLU A 1 117 ? -9.179  -14.998 -7.052  1.00 22.70 ? 117 GLU A CA  1 
ATOM   906  C C   . GLU A 1 117 ? -8.904  -15.684 -5.705  1.00 23.30 ? 117 GLU A C   1 
ATOM   907  O O   . GLU A 1 117 ? -9.385  -16.812 -5.447  1.00 24.57 ? 117 GLU A O   1 
ATOM   908  C CB  . GLU A 1 117 ? -7.898  -14.979 -7.911  1.00 23.96 ? 117 GLU A CB  1 
ATOM   909  C CG  . GLU A 1 117 ? -8.137  -14.554 -9.346  1.00 24.54 ? 117 GLU A CG  1 
ATOM   910  C CD  . GLU A 1 117 ? -6.865  -14.338 -10.126 1.00 28.86 ? 117 GLU A CD  1 
ATOM   911  O OE1 . GLU A 1 117 ? -5.914  -15.141 -9.961  1.00 30.67 ? 117 GLU A OE1 1 
ATOM   912  O OE2 . GLU A 1 117 ? -6.812  -13.387 -10.932 1.00 28.63 ? 117 GLU A OE2 1 
ATOM   913  N N   . VAL A 1 118 ? -8.165  -15.011 -4.830  1.00 22.20 ? 118 VAL A N   1 
ATOM   914  C CA  . VAL A 1 118 ? -7.608  -15.708 -3.670  1.00 22.44 ? 118 VAL A CA  1 
ATOM   915  C C   . VAL A 1 118 ? -8.628  -15.929 -2.600  1.00 21.90 ? 118 VAL A C   1 
ATOM   916  O O   . VAL A 1 118 ? -8.461  -16.877 -1.800  1.00 21.29 ? 118 VAL A O   1 
ATOM   917  C CB  . VAL A 1 118 ? -6.366  -15.006 -3.053  1.00 21.81 ? 118 VAL A CB  1 
ATOM   918  C CG1 . VAL A 1 118 ? -5.248  -14.879 -4.074  1.00 22.19 ? 118 VAL A CG1 1 
ATOM   919  C CG2 . VAL A 1 118 ? -6.701  -13.682 -2.418  1.00 22.97 ? 118 VAL A CG2 1 
ATOM   920  N N   . THR A 1 119 ? -9.655  -15.086 -2.552  1.00 21.82 ? 119 THR A N   1 
ATOM   921  C CA  . THR A 1 119 ? -10.792 -15.260 -1.649  1.00 21.85 ? 119 THR A CA  1 
ATOM   922  C C   . THR A 1 119 ? -11.983 -16.012 -2.279  1.00 22.14 ? 119 THR A C   1 
ATOM   923  O O   . THR A 1 119 ? -13.039 -16.050 -1.667  1.00 23.93 ? 119 THR A O   1 
ATOM   924  C CB  . THR A 1 119 ? -11.316 -13.911 -1.128  1.00 21.60 ? 119 THR A CB  1 
ATOM   925  O OG1 . THR A 1 119 ? -11.895 -13.151 -2.215  1.00 21.35 ? 119 THR A OG1 1 
ATOM   926  C CG2 . THR A 1 119 ? -10.203 -13.053 -0.507  1.00 21.95 ? 119 THR A CG2 1 
ATOM   927  N N   . GLY A 1 120 ? -11.785 -16.669 -3.417  1.00 23.46 ? 120 GLY A N   1 
ATOM   928  C CA  . GLY A 1 120 ? -12.902 -17.168 -4.204  1.00 24.79 ? 120 GLY A CA  1 
ATOM   929  C C   . GLY A 1 120 ? -13.651 -18.314 -3.558  1.00 25.47 ? 120 GLY A C   1 
ATOM   930  O O   . GLY A 1 120 ? -14.820 -18.561 -3.917  1.00 26.88 ? 120 GLY A O   1 
ATOM   931  N N   . ASP A 1 121 ? -13.016 -19.047 -2.646  1.00 25.96 ? 121 ASP A N   1 
ATOM   932  C CA  . ASP A 1 121 ? -13.723 -20.092 -1.876  1.00 26.06 ? 121 ASP A CA  1 
ATOM   933  C C   . ASP A 1 121 ? -14.691 -19.559 -0.828  1.00 25.95 ? 121 ASP A C   1 
ATOM   934  O O   . ASP A 1 121 ? -15.507 -20.335 -0.298  1.00 27.41 ? 121 ASP A O   1 
ATOM   935  C CB  . ASP A 1 121 ? -12.758 -21.032 -1.149  1.00 26.07 ? 121 ASP A CB  1 
ATOM   936  C CG  . ASP A 1 121 ? -11.781 -21.690 -2.063  1.00 28.46 ? 121 ASP A CG  1 
ATOM   937  O OD1 . ASP A 1 121 ? -12.214 -22.386 -3.009  1.00 29.99 ? 121 ASP A OD1 1 
ATOM   938  O OD2 . ASP A 1 121 ? -10.542 -21.568 -1.894  1.00 29.79 ? 121 ASP A OD2 1 
ATOM   939  N N   . LEU A 1 122 ? -14.631 -18.269 -0.520  1.00 24.72 ? 122 LEU A N   1 
ATOM   940  C CA  . LEU A 1 122 ? -15.476 -17.653 0.490   1.00 25.84 ? 122 LEU A CA  1 
ATOM   941  C C   . LEU A 1 122 ? -16.655 -16.915 -0.128  1.00 26.73 ? 122 LEU A C   1 
ATOM   942  O O   . LEU A 1 122 ? -16.512 -16.187 -1.092  1.00 26.81 ? 122 LEU A O   1 
ATOM   943  C CB  . LEU A 1 122 ? -14.685 -16.681 1.368   1.00 26.54 ? 122 LEU A CB  1 
ATOM   944  C CG  . LEU A 1 122 ? -13.387 -17.241 1.965   1.00 27.53 ? 122 LEU A CG  1 
ATOM   945  C CD1 . LEU A 1 122 ? -12.707 -16.169 2.794   1.00 28.60 ? 122 LEU A CD1 1 
ATOM   946  C CD2 . LEU A 1 122 ? -13.599 -18.531 2.766   1.00 30.02 ? 122 LEU A CD2 1 
ATOM   947  N N   . SER A 1 123 ? -17.831 -17.132 0.436   1.00 27.15 ? 123 SER A N   1 
ATOM   948  C CA  . SER A 1 123 ? -19.021 -16.385 0.057   1.00 27.66 ? 123 SER A CA  1 
ATOM   949  C C   . SER A 1 123 ? -18.869 -14.960 0.529   1.00 28.35 ? 123 SER A C   1 
ATOM   950  O O   . SER A 1 123 ? -18.032 -14.691 1.369   1.00 28.61 ? 123 SER A O   1 
ATOM   951  C CB  . SER A 1 123 ? -20.234 -17.010 0.737   1.00 27.14 ? 123 SER A CB  1 
ATOM   952  O OG  . SER A 1 123 ? -20.321 -16.596 2.093   1.00 27.71 ? 123 SER A OG  1 
ATOM   953  N N   . GLU A 1 124 ? -19.684 -14.046 -0.009  1.00 29.32 ? 124 GLU A N   1 
ATOM   954  C CA  . GLU A 1 124 ? -19.653 -12.656 0.422   1.00 30.31 ? 124 GLU A CA  1 
ATOM   955  C C   . GLU A 1 124 ? -19.892 -12.580 1.917   1.00 29.55 ? 124 GLU A C   1 
ATOM   956  O O   . GLU A 1 124 ? -19.293 -11.745 2.595   1.00 29.27 ? 124 GLU A O   1 
ATOM   957  C CB  . GLU A 1 124 ? -20.693 -11.793 -0.329  1.00 31.10 ? 124 GLU A CB  1 
ATOM   958  C CG  . GLU A 1 124 ? -20.387 -11.497 -1.799  1.00 34.24 ? 124 GLU A CG  1 
ATOM   959  C CD  . GLU A 1 124 ? -19.071 -10.749 -2.044  1.00 37.84 ? 124 GLU A CD  1 
ATOM   960  O OE1 . GLU A 1 124 ? -18.587 -9.994  -1.160  1.00 40.52 ? 124 GLU A OE1 1 
ATOM   961  O OE2 . GLU A 1 124 ? -18.514 -10.921 -3.153  1.00 39.72 ? 124 GLU A OE2 1 
ATOM   962  N N   . ASP A 1 125 ? -20.733 -13.475 2.434   1.00 29.80 ? 125 ASP A N   1 
ATOM   963  C CA  . ASP A 1 125 ? -21.039 -13.458 3.861   1.00 29.54 ? 125 ASP A CA  1 
ATOM   964  C C   . ASP A 1 125 ? -19.819 -13.840 4.704   1.00 28.51 ? 125 ASP A C   1 
ATOM   965  O O   . ASP A 1 125 ? -19.590 -13.224 5.719   1.00 28.44 ? 125 ASP A O   1 
ATOM   966  C CB  . ASP A 1 125 ? -22.226 -14.373 4.219   1.00 30.54 ? 125 ASP A CB  1 
ATOM   967  C CG  . ASP A 1 125 ? -23.568 -13.816 3.755   1.00 31.94 ? 125 ASP A CG  1 
ATOM   968  O OD1 . ASP A 1 125 ? -23.665 -12.596 3.478   1.00 35.98 ? 125 ASP A OD1 1 
ATOM   969  O OD2 . ASP A 1 125 ? -24.581 -14.544 3.650   1.00 36.54 ? 125 ASP A OD2 1 
ATOM   970  N N   . GLU A 1 126 ? -19.088 -14.856 4.263   1.00 27.94 ? 126 GLU A N   1 
ATOM   971  C CA  . GLU A 1 126 ? -17.880 -15.323 4.941   1.00 26.93 ? 126 GLU A CA  1 
ATOM   972  C C   . GLU A 1 126 ? -16.804 -14.248 4.868   1.00 27.28 ? 126 GLU A C   1 
ATOM   973  O O   . GLU A 1 126 ? -16.096 -14.011 5.843   1.00 24.95 ? 126 GLU A O   1 
ATOM   974  C CB  . GLU A 1 126 ? -17.386 -16.626 4.287   1.00 27.62 ? 126 GLU A CB  1 
ATOM   975  C CG  . GLU A 1 126 ? -18.287 -17.841 4.560   1.00 28.27 ? 126 GLU A CG  1 
ATOM   976  C CD  . GLU A 1 126 ? -17.869 -19.090 3.802   1.00 30.91 ? 126 GLU A CD  1 
ATOM   977  O OE1 . GLU A 1 126 ? -17.571 -18.997 2.611   1.00 30.43 ? 126 GLU A OE1 1 
ATOM   978  O OE2 . GLU A 1 126 ? -17.839 -20.194 4.400   1.00 36.69 ? 126 GLU A OE2 1 
ATOM   979  N N   . VAL A 1 127 ? -16.701 -13.584 3.724   1.00 26.44 ? 127 VAL A N   1 
ATOM   980  C CA  . VAL A 1 127 ? -15.767 -12.456 3.567   1.00 26.59 ? 127 VAL A CA  1 
ATOM   981  C C   . VAL A 1 127 ? -16.036 -11.399 4.628   1.00 27.04 ? 127 VAL A C   1 
ATOM   982  O O   . VAL A 1 127 ? -15.110 -10.869 5.248   1.00 26.14 ? 127 VAL A O   1 
ATOM   983  C CB  . VAL A 1 127 ? -15.880 -11.845 2.138   1.00 26.55 ? 127 VAL A CB  1 
ATOM   984  C CG1 . VAL A 1 127 ? -15.457 -10.415 2.101   1.00 26.97 ? 127 VAL A CG1 1 
ATOM   985  C CG2 . VAL A 1 127 ? -15.063 -12.667 1.152   1.00 28.09 ? 127 VAL A CG2 1 
ATOM   986  N N   . ILE A 1 128 ? -17.308 -11.100 4.852   1.00 27.46 ? 128 ILE A N   1 
ATOM   987  C CA  . ILE A 1 128 ? -17.664 -10.071 5.825   1.00 28.00 ? 128 ILE A CA  1 
ATOM   988  C C   . ILE A 1 128 ? -17.343 -10.506 7.268   1.00 28.17 ? 128 ILE A C   1 
ATOM   989  O O   . ILE A 1 128 ? -16.857 -9.698  8.052   1.00 26.16 ? 128 ILE A O   1 
ATOM   990  C CB  . ILE A 1 128 ? -19.148 -9.658  5.657   1.00 29.11 ? 128 ILE A CB  1 
ATOM   991  C CG1 . ILE A 1 128 ? -19.274 -8.667  4.498   1.00 31.85 ? 128 ILE A CG1 1 
ATOM   992  C CG2 . ILE A 1 128 ? -19.678 -9.052  6.926   1.00 29.37 ? 128 ILE A CG2 1 
ATOM   993  C CD1 . ILE A 1 128 ? -20.721 -8.345  4.082   1.00 35.17 ? 128 ILE A CD1 1 
ATOM   994  N N   . LEU A 1 129 ? -17.597 -11.767 7.588   1.00 28.25 ? 129 LEU A N   1 
ATOM   995  C CA  . LEU A 1 129 ? -17.302 -12.312 8.908   1.00 29.13 ? 129 LEU A CA  1 
ATOM   996  C C   . LEU A 1 129 ? -15.812 -12.231 9.214   1.00 29.07 ? 129 LEU A C   1 
ATOM   997  O O   . LEU A 1 129 ? -15.416 -11.802 10.285  1.00 29.56 ? 129 LEU A O   1 
ATOM   998  C CB  . LEU A 1 129 ? -17.762 -13.759 8.981   1.00 29.46 ? 129 LEU A CB  1 
ATOM   999  C CG  . LEU A 1 129 ? -19.265 -13.981 9.162   1.00 32.65 ? 129 LEU A CG  1 
ATOM   1000 C CD1 . LEU A 1 129 ? -19.648 -15.446 8.810   1.00 33.19 ? 129 LEU A CD1 1 
ATOM   1001 C CD2 . LEU A 1 129 ? -19.691 -13.610 10.587  1.00 33.77 ? 129 LEU A CD2 1 
ATOM   1002 N N   . VAL A 1 130 ? -15.001 -12.588 8.231   1.00 28.36 ? 130 VAL A N   1 
ATOM   1003 C CA  . VAL A 1 130 ? -13.540 -12.548 8.379   1.00 27.71 ? 130 VAL A CA  1 
ATOM   1004 C C   . VAL A 1 130 ? -13.044 -11.122 8.540   1.00 27.17 ? 130 VAL A C   1 
ATOM   1005 O O   . VAL A 1 130 ? -12.238 -10.808 9.430   1.00 27.06 ? 130 VAL A O   1 
ATOM   1006 C CB  . VAL A 1 130 ? -12.879 -13.193 7.167   1.00 28.02 ? 130 VAL A CB  1 
ATOM   1007 C CG1 . VAL A 1 130 ? -11.366 -12.838 7.072   1.00 30.69 ? 130 VAL A CG1 1 
ATOM   1008 C CG2 . VAL A 1 130 ? -13.075 -14.677 7.209   1.00 28.51 ? 130 VAL A CG2 1 
ATOM   1009 N N   . LEU A 1 131 ? -13.497 -10.240 7.658   1.00 26.46 ? 131 LEU A N   1 
ATOM   1010 C CA  . LEU A 1 131 ? -13.043 -8.860  7.692   1.00 25.50 ? 131 LEU A CA  1 
ATOM   1011 C C   . LEU A 1 131 ? -13.296 -8.143  9.017   1.00 26.66 ? 131 LEU A C   1 
ATOM   1012 O O   . LEU A 1 131 ? -12.428 -7.435  9.515   1.00 26.35 ? 131 LEU A O   1 
ATOM   1013 C CB  . LEU A 1 131 ? -13.653 -8.066  6.532   1.00 25.61 ? 131 LEU A CB  1 
ATOM   1014 C CG  . LEU A 1 131 ? -13.303 -6.582  6.480   1.00 24.24 ? 131 LEU A CG  1 
ATOM   1015 C CD1 . LEU A 1 131 ? -11.797 -6.356  6.275   1.00 24.65 ? 131 LEU A CD1 1 
ATOM   1016 C CD2 . LEU A 1 131 ? -14.101 -5.939  5.341   1.00 27.20 ? 131 LEU A CD2 1 
ATOM   1017 N N   . ASP A 1 132 ? -14.484 -8.295  9.611   1.00 27.27 ? 132 ASP A N   1 
ATOM   1018 C CA  . ASP A 1 132 ? -14.783 -7.538  10.834  1.00 27.12 ? 132 ASP A CA  1 
ATOM   1019 C C   . ASP A 1 132 ? -13.911 -7.999  12.022  1.00 27.23 ? 132 ASP A C   1 
ATOM   1020 O O   . ASP A 1 132 ? -13.498 -7.200  12.873  1.00 27.98 ? 132 ASP A O   1 
ATOM   1021 C CB  . ASP A 1 132 ? -16.272 -7.657  11.203  1.00 27.95 ? 132 ASP A CB  1 
ATOM   1022 C CG  . ASP A 1 132 ? -17.201 -7.075  10.152  1.00 30.15 ? 132 ASP A CG  1 
ATOM   1023 O OD1 . ASP A 1 132 ? -16.762 -6.258  9.300   1.00 32.51 ? 132 ASP A OD1 1 
ATOM   1024 O OD2 . ASP A 1 132 ? -18.419 -7.389  10.127  1.00 31.83 ? 132 ASP A OD2 1 
ATOM   1025 N N   . LYS A 1 133 ? -13.637 -9.288  12.061  1.00 26.18 ? 133 LYS A N   1 
ATOM   1026 C CA  . LYS A 1 133 ? -12.835 -9.828  13.160  1.00 26.67 ? 133 LYS A CA  1 
ATOM   1027 C C   . LYS A 1 133 ? -11.354 -9.435  13.013  1.00 25.24 ? 133 LYS A C   1 
ATOM   1028 O O   . LYS A 1 133 ? -10.724 -9.010  13.983  1.00 24.99 ? 133 LYS A O   1 
ATOM   1029 C CB  . LYS A 1 133 ? -12.970 -11.342 13.236  1.00 26.80 ? 133 LYS A CB  1 
ATOM   1030 C CG  . LYS A 1 133 ? -14.306 -11.818 13.846  1.00 29.47 ? 133 LYS A CG  1 
ATOM   1031 C CD  . LYS A 1 133 ? -14.605 -13.280 13.482  1.00 33.33 ? 133 LYS A CD  1 
ATOM   1032 C CE  . LYS A 1 133 ? -16.101 -13.635 13.527  1.00 35.11 ? 133 LYS A CE  1 
ATOM   1033 N NZ  . LYS A 1 133 ? -16.909 -12.720 14.383  1.00 36.44 ? 133 LYS A NZ  1 
ATOM   1034 N N   . ILE A 1 134 ? -10.781 -9.578  11.804  1.00 23.81 ? 134 ILE A N   1 
ATOM   1035 C CA  . ILE A 1 134 ? -9.351  -9.178  11.644  1.00 22.45 ? 134 ILE A CA  1 
ATOM   1036 C C   . ILE A 1 134 ? -9.092  -7.682  11.773  1.00 22.24 ? 134 ILE A C   1 
ATOM   1037 O O   . ILE A 1 134 ? -8.011  -7.218  12.145  1.00 21.62 ? 134 ILE A O   1 
ATOM   1038 C CB  . ILE A 1 134 ? -8.682  -9.764  10.361  1.00 21.98 ? 134 ILE A CB  1 
ATOM   1039 C CG1 . ILE A 1 134 ? -9.248  -9.205  9.032   1.00 22.55 ? 134 ILE A CG1 1 
ATOM   1040 C CG2 . ILE A 1 134 ? -8.753  -11.248 10.338  1.00 21.17 ? 134 ILE A CG2 1 
ATOM   1041 C CD1 . ILE A 1 134 ? -8.361  -9.569  7.828   1.00 23.18 ? 134 ILE A CD1 1 
ATOM   1042 N N   . SER A 1 135 ? -10.130 -6.885  11.576  1.00 22.12 ? 135 SER A N   1 
ATOM   1043 C CA  . SER A 1 135 ? -10.019 -5.482  11.856  1.00 23.11 ? 135 SER A CA  1 
ATOM   1044 C C   . SER A 1 135 ? -9.713  -5.184  13.344  1.00 21.92 ? 135 SER A C   1 
ATOM   1045 O O   . SER A 1 135 ? -9.042  -4.218  13.698  1.00 23.59 ? 135 SER A O   1 
ATOM   1046 C CB  . SER A 1 135 ? -11.298 -4.770  11.377  1.00 23.49 ? 135 SER A CB  1 
ATOM   1047 O OG  . SER A 1 135 ? -11.409 -4.902  9.958   1.00 27.52 ? 135 SER A OG  1 
ATOM   1048 N N   . LYS A 1 136 ? -10.225 -6.029  14.231  1.00 23.56 ? 136 LYS A N   1 
ATOM   1049 C CA  . LYS A 1 136 ? -9.949  -5.889  15.660  1.00 22.86 ? 136 LYS A CA  1 
ATOM   1050 C C   . LYS A 1 136 ? -8.501  -6.270  16.033  1.00 20.91 ? 136 LYS A C   1 
ATOM   1051 O O   . LYS A 1 136 ? -7.877  -5.628  16.866  1.00 21.30 ? 136 LYS A O   1 
ATOM   1052 C CB  . LYS A 1 136 ? -10.906 -6.762  16.484  1.00 23.66 ? 136 LYS A CB  1 
ATOM   1053 C CG  . LYS A 1 136 ? -12.390 -6.412  16.319  1.00 24.39 ? 136 LYS A CG  1 
ATOM   1054 C CD  . LYS A 1 136 ? -13.265 -7.331  17.157  1.00 26.74 ? 136 LYS A CD  1 
ATOM   1055 C CE  . LYS A 1 136 ? -14.746 -6.965  16.991  1.00 29.50 ? 136 LYS A CE  1 
ATOM   1056 N NZ  . LYS A 1 136 ? -15.576 -7.577  18.086  1.00 30.85 ? 136 LYS A NZ  1 
ATOM   1057 N N   . ILE A 1 137 ? -7.986  -7.283  15.340  1.00 20.93 ? 137 ILE A N   1 
ATOM   1058 C CA  . ILE A 1 137 ? -6.573  -7.677  15.470  1.00 19.83 ? 137 ILE A CA  1 
ATOM   1059 C C   . ILE A 1 137 ? -5.681  -6.527  15.023  1.00 19.39 ? 137 ILE A C   1 
ATOM   1060 O O   . ILE A 1 137 ? -4.764  -6.128  15.718  1.00 19.99 ? 137 ILE A O   1 
ATOM   1061 C CB  . ILE A 1 137 ? -6.270  -8.899  14.661  1.00 18.11 ? 137 ILE A CB  1 
ATOM   1062 C CG1 . ILE A 1 137 ? -7.060  -10.125 15.140  1.00 20.50 ? 137 ILE A CG1 1 
ATOM   1063 C CG2 . ILE A 1 137 ? -4.744  -9.185  14.701  1.00 18.99 ? 137 ILE A CG2 1 
ATOM   1064 C CD1 . ILE A 1 137 ? -6.856  -11.345 14.345  1.00 19.95 ? 137 ILE A CD1 1 
ATOM   1065 N N   . LEU A 1 138 ? -6.005  -5.928  13.869  1.00 18.42 ? 138 LEU A N   1 
ATOM   1066 C CA  . LEU A 1 138 ? -5.256  -4.757  13.429  1.00 19.12 ? 138 LEU A CA  1 
ATOM   1067 C C   . LEU A 1 138 ? -5.233  -3.632  14.457  1.00 19.08 ? 138 LEU A C   1 
ATOM   1068 O O   . LEU A 1 138 ? -4.219  -3.027  14.761  1.00 19.87 ? 138 LEU A O   1 
ATOM   1069 C CB  . LEU A 1 138 ? -5.785  -4.235  12.086  1.00 18.23 ? 138 LEU A CB  1 
ATOM   1070 C CG  . LEU A 1 138 ? -5.068  -3.063  11.464  1.00 20.43 ? 138 LEU A CG  1 
ATOM   1071 C CD1 . LEU A 1 138 ? -3.545  -3.311  11.312  1.00 18.79 ? 138 LEU A CD1 1 
ATOM   1072 C CD2 . LEU A 1 138 ? -5.700  -2.687  10.126  1.00 20.29 ? 138 LEU A CD2 1 
ATOM   1073 N N   . LYS A 1 139 ? -6.413  -3.312  15.009  1.00 20.44 ? 139 LYS A N   1 
ATOM   1074 C CA  . LYS A 1 139 ? -6.472  -2.211  15.953  1.00 21.38 ? 139 LYS A CA  1 
ATOM   1075 C C   . LYS A 1 139 ? -5.532  -2.465  17.141  1.00 20.38 ? 139 LYS A C   1 
ATOM   1076 O O   . LYS A 1 139 ? -4.853  -1.585  17.598  1.00 20.39 ? 139 LYS A O   1 
ATOM   1077 C CB  . LYS A 1 139 ? -7.917  -1.964  16.424  1.00 22.51 ? 139 LYS A CB  1 
ATOM   1078 C CG  . LYS A 1 139 ? -8.082  -0.701  17.251  1.00 25.58 ? 139 LYS A CG  1 
ATOM   1079 C CD  . LYS A 1 139 ? -9.546  -0.492  17.749  1.00 27.37 ? 139 LYS A CD  1 
ATOM   1080 C CE  . LYS A 1 139 ? -9.627  0.419   19.008  1.00 30.94 ? 139 LYS A CE  1 
ATOM   1081 N NZ  . LYS A 1 139 ? -9.630  1.849   18.637  1.00 35.92 ? 139 LYS A NZ  1 
ATOM   1082 N N   . ARG A 1 140 ? -5.526  -3.695  17.628  1.00 20.58 ? 140 ARG A N   1 
ATOM   1083 C CA  . ARG A 1 140 ? -4.717  -4.025  18.797  1.00 21.06 ? 140 ARG A CA  1 
ATOM   1084 C C   . ARG A 1 140 ? -3.210  -4.020  18.535  1.00 20.19 ? 140 ARG A C   1 
ATOM   1085 O O   . ARG A 1 140 ? -2.431  -3.413  19.285  1.00 21.05 ? 140 ARG A O   1 
ATOM   1086 C CB  . ARG A 1 140 ? -5.121  -5.385  19.332  1.00 20.52 ? 140 ARG A CB  1 
ATOM   1087 C CG  . ARG A 1 140 ? -6.466  -5.388  20.058  1.00 25.47 ? 140 ARG A CG  1 
ATOM   1088 C CD  . ARG A 1 140 ? -6.677  -4.253  21.039  1.00 28.96 ? 140 ARG A CD  1 
ATOM   1089 N NE  . ARG A 1 140 ? -8.008  -4.346  21.646  1.00 30.80 ? 140 ARG A NE  1 
ATOM   1090 C CZ  . ARG A 1 140 ? -8.586  -3.385  22.368  1.00 35.27 ? 140 ARG A CZ  1 
ATOM   1091 N NH1 . ARG A 1 140 ? -7.956  -2.248  22.616  1.00 37.16 ? 140 ARG A NH1 1 
ATOM   1092 N NH2 . ARG A 1 140 ? -9.806  -3.570  22.862  1.00 37.18 ? 140 ARG A NH2 1 
ATOM   1093 N N   . ILE A 1 141 ? -2.796  -4.647  17.430  1.00 19.72 ? 141 ILE A N   1 
ATOM   1094 C CA  . ILE A 1 141 ? -1.361  -4.619  17.154  1.00 19.64 ? 141 ILE A CA  1 
ATOM   1095 C C   . ILE A 1 141 ? -0.850  -3.229  16.873  1.00 19.81 ? 141 ILE A C   1 
ATOM   1096 O O   . ILE A 1 141 ? 0.230   -2.899  17.279  1.00 20.78 ? 141 ILE A O   1 
ATOM   1097 C CB  . ILE A 1 141 ? -0.936  -5.628  16.067  1.00 18.56 ? 141 ILE A CB  1 
ATOM   1098 C CG1 . ILE A 1 141 ? 0.602   -5.700  15.953  1.00 19.58 ? 141 ILE A CG1 1 
ATOM   1099 C CG2 . ILE A 1 141 ? -1.574  -5.308  14.661  1.00 18.79 ? 141 ILE A CG2 1 
ATOM   1100 C CD1 . ILE A 1 141 ? 1.361   -6.005  17.258  1.00 17.81 ? 141 ILE A CD1 1 
ATOM   1101 N N   . GLU A 1 142 ? -1.669  -2.360  16.262  1.00 20.37 ? 142 GLU A N   1 
ATOM   1102 C CA  . GLU A 1 142 ? -1.235  -0.993  16.013  1.00 21.32 ? 142 GLU A CA  1 
ATOM   1103 C C   . GLU A 1 142 ? -1.111  -0.187  17.306  1.00 21.18 ? 142 GLU A C   1 
ATOM   1104 O O   . GLU A 1 142 ? -0.247  0.700   17.427  1.00 23.94 ? 142 GLU A O   1 
ATOM   1105 C CB  . GLU A 1 142 ? -2.200  -0.312  15.042  1.00 20.91 ? 142 GLU A CB  1 
ATOM   1106 C CG  . GLU A 1 142 ? -1.857  -0.769  13.630  1.00 22.54 ? 142 GLU A CG  1 
ATOM   1107 C CD  . GLU A 1 142 ? -2.418  0.044   12.493  1.00 24.49 ? 142 GLU A CD  1 
ATOM   1108 O OE1 . GLU A 1 142 ? -3.266  0.920   12.747  1.00 25.32 ? 142 GLU A OE1 1 
ATOM   1109 O OE2 . GLU A 1 142 ? -2.032  -0.211  11.322  1.00 22.14 ? 142 GLU A OE2 1 
ATOM   1110 N N   . GLU A 1 143 ? -1.972  -0.494  18.270  1.00 22.79 ? 143 GLU A N   1 
ATOM   1111 C CA  . GLU A 1 143 ? -1.874  0.045   19.635  1.00 24.62 ? 143 GLU A CA  1 
ATOM   1112 C C   . GLU A 1 143 ? -0.577  -0.371  20.341  1.00 25.85 ? 143 GLU A C   1 
ATOM   1113 O O   . GLU A 1 143 ? 0.117   0.459   20.928  1.00 27.44 ? 143 GLU A O   1 
ATOM   1114 C CB  . GLU A 1 143 ? -3.092  -0.401  20.467  1.00 24.96 ? 143 GLU A CB  1 
ATOM   1115 C CG  . GLU A 1 143 ? -4.372  0.403   20.207  1.00 25.73 ? 143 GLU A CG  1 
ATOM   1116 C CD  . GLU A 1 143 ? -5.607  -0.133  20.929  1.00 28.23 ? 143 GLU A CD  1 
ATOM   1117 O OE1 . GLU A 1 143 ? -5.537  -1.213  21.556  1.00 28.11 ? 143 GLU A OE1 1 
ATOM   1118 O OE2 . GLU A 1 143 ? -6.661  0.532   20.852  1.00 26.69 ? 143 GLU A OE2 1 
ATOM   1119 N N   . ILE A 1 144 ? -0.255  -1.665  20.261  1.00 27.70 ? 144 ILE A N   1 
ATOM   1120 C CA  . ILE A 1 144 ? 0.946   -2.226  20.864  1.00 29.33 ? 144 ILE A CA  1 
ATOM   1121 C C   . ILE A 1 144 ? 2.223   -1.716  20.178  1.00 29.97 ? 144 ILE A C   1 
ATOM   1122 O O   . ILE A 1 144 ? 3.181   -1.353  20.856  1.00 31.01 ? 144 ILE A O   1 
ATOM   1123 C CB  . ILE A 1 144 ? 0.861   -3.754  20.817  1.00 29.06 ? 144 ILE A CB  1 
ATOM   1124 C CG1 . ILE A 1 144 ? -0.233  -4.239  21.770  1.00 29.51 ? 144 ILE A CG1 1 
ATOM   1125 C CG2 . ILE A 1 144 ? 2.213   -4.386  21.178  1.00 29.62 ? 144 ILE A CG2 1 
ATOM   1126 C CD1 . ILE A 1 144 ? -0.722  -5.631  21.504  1.00 28.62 ? 144 ILE A CD1 1 
ATOM   1127 N N   . SER A 1 145 ? 2.211   -1.681  18.843  1.00 30.79 ? 145 SER A N   1 
ATOM   1128 C CA  . SER A 1 145 ? 3.333   -1.196  18.001  1.00 32.16 ? 145 SER A CA  1 
ATOM   1129 C C   . SER A 1 145 ? 3.925   0.112   18.479  1.00 31.90 ? 145 SER A C   1 
ATOM   1130 O O   . SER A 1 145 ? 3.185   1.091   18.613  1.00 33.08 ? 145 SER A O   1 
ATOM   1131 C CB  . SER A 1 145 ? 2.833   -0.924  16.581  1.00 32.40 ? 145 SER A CB  1 
ATOM   1132 O OG  . SER A 1 145 ? 2.357   -2.092  15.979  1.00 34.76 ? 145 SER A OG  1 
HETATM 1133 O O   . HOH B 2 .   ? -1.068  16.807  3.773   1.00 15.83 ? 147 HOH A O   1 
HETATM 1134 O O   . HOH B 2 .   ? 7.057   -5.031  -9.814  1.00 17.01 ? 148 HOH A O   1 
HETATM 1135 O O   . HOH B 2 .   ? -1.659  13.752  -3.165  1.00 15.88 ? 149 HOH A O   1 
HETATM 1136 O O   . HOH B 2 .   ? 5.144   -17.755 8.953   1.00 22.44 ? 150 HOH A O   1 
HETATM 1137 O O   . HOH B 2 .   ? -4.841  -9.131  -11.010 1.00 20.05 ? 151 HOH A O   1 
HETATM 1138 O O   . HOH B 2 .   ? -1.964  6.371   3.850   1.00 17.32 ? 152 HOH A O   1 
HETATM 1139 O O   . HOH B 2 .   ? 0.917   -0.766  7.439   1.00 21.16 ? 153 HOH A O   1 
HETATM 1140 O O   . HOH B 2 .   ? 15.022  5.808   -7.254  1.00 19.69 ? 154 HOH A O   1 
HETATM 1141 O O   . HOH B 2 .   ? -1.797  -3.793  0.833   1.00 19.98 ? 155 HOH A O   1 
HETATM 1142 O O   . HOH B 2 .   ? -2.929  13.551  3.346   1.00 18.85 ? 156 HOH A O   1 
HETATM 1143 O O   . HOH B 2 .   ? 7.938   -3.644  -3.039  1.00 22.92 ? 157 HOH A O   1 
HETATM 1144 O O   . HOH B 2 .   ? -8.737  7.063   1.078   1.00 21.78 ? 158 HOH A O   1 
HETATM 1145 O O   . HOH B 2 .   ? 3.486   -18.113 1.977   1.00 20.93 ? 159 HOH A O   1 
HETATM 1146 O O   . HOH B 2 .   ? -1.062  -7.217  -14.369 1.00 22.17 ? 160 HOH A O   1 
HETATM 1147 O O   . HOH B 2 .   ? 8.726   -1.942  -11.033 1.00 18.33 ? 161 HOH A O   1 
HETATM 1148 O O   . HOH B 2 .   ? -6.634  2.334   18.906  1.00 20.52 ? 162 HOH A O   1 
HETATM 1149 O O   . HOH B 2 .   ? -8.739  -1.669  12.556  1.00 30.22 ? 163 HOH A O   1 
HETATM 1150 O O   . HOH B 2 .   ? 13.280  11.699  -9.530  1.00 21.54 ? 164 HOH A O   1 
HETATM 1151 O O   . HOH B 2 .   ? -5.228  1.111   16.857  1.00 20.30 ? 165 HOH A O   1 
HETATM 1152 O O   . HOH B 2 .   ? -0.042  14.071  -14.791 1.00 20.01 ? 166 HOH A O   1 
HETATM 1153 O O   . HOH B 2 .   ? 8.168   15.125  3.310   1.00 27.79 ? 167 HOH A O   1 
HETATM 1154 O O   . HOH B 2 .   ? -3.868  7.579   2.552   1.00 18.66 ? 168 HOH A O   1 
HETATM 1155 O O   . HOH B 2 .   ? 9.165   -5.243  -8.014  1.00 23.51 ? 169 HOH A O   1 
HETATM 1156 O O   . HOH B 2 .   ? -4.933  0.733   10.633  1.00 25.37 ? 170 HOH A O   1 
HETATM 1157 O O   . HOH B 2 .   ? 2.440   5.225   -15.249 1.00 23.21 ? 171 HOH A O   1 
HETATM 1158 O O   . HOH B 2 .   ? -3.119  3.116   14.098  1.00 22.13 ? 172 HOH A O   1 
HETATM 1159 O O   . HOH B 2 .   ? 11.096  8.753   4.897   1.00 28.17 ? 173 HOH A O   1 
HETATM 1160 O O   . HOH B 2 .   ? 0.520   -20.894 9.598   1.00 28.87 ? 174 HOH A O   1 
HETATM 1161 O O   . HOH B 2 .   ? -5.591  0.961   14.194  1.00 21.70 ? 175 HOH A O   1 
HETATM 1162 O O   . HOH B 2 .   ? 11.442  -0.809  -8.560  1.00 25.42 ? 176 HOH A O   1 
HETATM 1163 O O   . HOH B 2 .   ? 6.715   14.233  -11.255 1.00 24.73 ? 177 HOH A O   1 
HETATM 1164 O O   . HOH B 2 .   ? 1.006   -11.778 11.273  1.00 23.52 ? 178 HOH A O   1 
HETATM 1165 O O   . HOH B 2 .   ? 4.020   -15.035 -7.657  1.00 25.62 ? 179 HOH A O   1 
HETATM 1166 O O   . HOH B 2 .   ? 3.969   7.256   -16.299 1.00 26.17 ? 180 HOH A O   1 
HETATM 1167 O O   . HOH B 2 .   ? 10.212  0.908   -6.296  1.00 27.52 ? 181 HOH A O   1 
HETATM 1168 O O   . HOH B 2 .   ? 12.393  1.603   -2.807  1.00 23.07 ? 182 HOH A O   1 
HETATM 1169 O O   . HOH B 2 .   ? -5.720  -2.560  -14.356 1.00 26.29 ? 183 HOH A O   1 
HETATM 1170 O O   . HOH B 2 .   ? -10.730 -5.658  -11.072 1.00 27.68 ? 184 HOH A O   1 
HETATM 1171 O O   . HOH B 2 .   ? -10.785 -12.282 -10.193 1.00 30.15 ? 185 HOH A O   1 
HETATM 1172 O O   . HOH B 2 .   ? 1.514   -0.392  -18.374 1.00 29.00 ? 186 HOH A O   1 
HETATM 1173 O O   . HOH B 2 .   ? 16.809  1.695   0.333   1.00 35.82 ? 187 HOH A O   1 
HETATM 1174 O O   . HOH B 2 .   ? 5.315   19.011  4.786   1.00 26.88 ? 188 HOH A O   1 
HETATM 1175 O O   . HOH B 2 .   ? -7.082  4.279   -14.624 1.00 25.79 ? 189 HOH A O   1 
HETATM 1176 O O   . HOH B 2 .   ? -6.427  10.999  -13.140 1.00 29.02 ? 190 HOH A O   1 
HETATM 1177 O O   . HOH B 2 .   ? 17.361  5.940   -1.426  1.00 29.99 ? 191 HOH A O   1 
HETATM 1178 O O   . HOH B 2 .   ? -9.257  12.758  0.703   1.00 29.41 ? 192 HOH A O   1 
HETATM 1179 O O   . HOH B 2 .   ? 7.295   -11.005 -7.815  1.00 31.03 ? 193 HOH A O   1 
HETATM 1180 O O   . HOH B 2 .   ? 14.706  12.104  -17.403 1.00 28.88 ? 194 HOH A O   1 
HETATM 1181 O O   . HOH B 2 .   ? 4.626   21.323  1.442   1.00 27.53 ? 195 HOH A O   1 
HETATM 1182 O O   . HOH B 2 .   ? -8.725  6.357   -13.737 1.00 30.57 ? 196 HOH A O   1 
HETATM 1183 O O   . HOH B 2 .   ? -10.433 -18.732 -1.129  1.00 23.68 ? 197 HOH A O   1 
HETATM 1184 O O   . HOH B 2 .   ? -14.784 -7.037  20.712  1.00 46.93 ? 198 HOH A O   1 
HETATM 1185 O O   . HOH B 2 .   ? -1.705  4.876   -16.221 1.00 28.31 ? 199 HOH A O   1 
HETATM 1186 O O   . HOH B 2 .   ? 1.053   2.420   19.049  1.00 35.65 ? 200 HOH A O   1 
HETATM 1187 O O   . HOH B 2 .   ? 8.587   16.964  -8.251  1.00 27.69 ? 201 HOH A O   1 
HETATM 1188 O O   . HOH B 2 .   ? 8.986   13.988  6.123   1.00 25.36 ? 202 HOH A O   1 
HETATM 1189 O O   . HOH B 2 .   ? 1.967   -3.671  -19.550 1.00 32.19 ? 203 HOH A O   1 
HETATM 1190 O O   . HOH B 2 .   ? -9.866  1.455   -9.838  1.00 32.97 ? 204 HOH A O   1 
HETATM 1191 O O   . HOH B 2 .   ? -12.564 -10.086 -10.625 1.00 32.80 ? 205 HOH A O   1 
HETATM 1192 O O   . HOH B 2 .   ? 12.631  13.088  -11.943 1.00 29.48 ? 206 HOH A O   1 
HETATM 1193 O O   . HOH B 2 .   ? 16.617  7.601   -5.841  1.00 31.07 ? 207 HOH A O   1 
HETATM 1194 O O   . HOH B 2 .   ? -1.611  -7.761  0.008   1.00 32.64 ? 208 HOH A O   1 
HETATM 1195 O O   . HOH B 2 .   ? -8.004  6.817   -2.193  1.00 35.06 ? 209 HOH A O   1 
HETATM 1196 O O   . HOH B 2 .   ? -5.571  -20.315 20.783  1.00 34.77 ? 210 HOH A O   1 
HETATM 1197 O O   . HOH B 2 .   ? 14.777  4.593   8.131   1.00 31.94 ? 211 HOH A O   1 
HETATM 1198 O O   . HOH B 2 .   ? 2.923   2.863   -15.731 1.00 27.55 ? 212 HOH A O   1 
HETATM 1199 O O   . HOH B 2 .   ? 17.146  4.630   5.551   1.00 29.84 ? 213 HOH A O   1 
HETATM 1200 O O   . HOH B 2 .   ? 6.641   -7.339  0.663   1.00 42.88 ? 214 HOH A O   1 
HETATM 1201 O O   . HOH B 2 .   ? 4.918   13.118  9.192   1.00 33.48 ? 215 HOH A O   1 
HETATM 1202 O O   . HOH B 2 .   ? 1.903   2.349   10.904  1.00 35.91 ? 216 HOH A O   1 
HETATM 1203 O O   . HOH B 2 .   ? 7.408   -5.860  -1.784  1.00 25.61 ? 217 HOH A O   1 
HETATM 1204 O O   . HOH B 2 .   ? 12.735  -0.827  3.619   1.00 32.85 ? 218 HOH A O   1 
HETATM 1205 O O   . HOH B 2 .   ? 15.614  13.081  -14.659 1.00 44.43 ? 219 HOH A O   1 
HETATM 1206 O O   . HOH B 2 .   ? -3.545  -22.077 8.474   1.00 41.43 ? 220 HOH A O   1 
HETATM 1207 O O   . HOH B 2 .   ? 3.699   -15.405 -4.697  1.00 33.42 ? 221 HOH A O   1 
HETATM 1208 O O   . HOH B 2 .   ? 0.245   -23.203 8.115   1.00 38.11 ? 222 HOH A O   1 
HETATM 1209 O O   . HOH B 2 .   ? 5.853   24.144  11.143  1.00 44.02 ? 223 HOH A O   1 
HETATM 1210 O O   . HOH B 2 .   ? -10.626 2.960   21.214  1.00 44.64 ? 224 HOH A O   1 
HETATM 1211 O O   . HOH B 2 .   ? -1.697  -19.825 20.232  1.00 33.16 ? 225 HOH A O   1 
HETATM 1212 O O   . HOH B 2 .   ? 9.670   -5.144  -5.246  1.00 36.74 ? 226 HOH A O   1 
HETATM 1213 O O   . HOH B 2 .   ? -11.853 -20.781 -5.334  1.00 40.59 ? 227 HOH A O   1 
HETATM 1214 O O   . HOH B 2 .   ? -15.230 -21.196 4.667   1.00 43.30 ? 228 HOH A O   1 
HETATM 1215 O O   . HOH B 2 .   ? 10.031  2.643   9.152   1.00 36.19 ? 229 HOH A O   1 
HETATM 1216 O O   . HOH B 2 .   ? -21.396 -15.295 -2.202  1.00 41.81 ? 230 HOH A O   1 
HETATM 1217 O O   . HOH B 2 .   ? 15.621  -0.706  2.951   1.00 50.50 ? 231 HOH A O   1 
HETATM 1218 O O   . HOH B 2 .   ? -15.624 -21.628 1.824   1.00 42.85 ? 232 HOH A O   1 
HETATM 1219 O O   . HOH B 2 .   ? 8.792   -5.263  -11.915 1.00 21.91 ? 233 HOH A O   1 
HETATM 1220 O O   . HOH B 2 .   ? -3.840  15.447  -3.764  1.00 26.71 ? 234 HOH A O   1 
HETATM 1221 O O   . HOH B 2 .   ? 10.717  -3.309  -9.461  1.00 25.19 ? 235 HOH A O   1 
HETATM 1222 O O   . HOH B 2 .   ? 1.680   -23.446 6.047   1.00 24.63 ? 236 HOH A O   1 
HETATM 1223 O O   . HOH B 2 .   ? -3.416  -8.494  -13.475 1.00 27.14 ? 237 HOH A O   1 
HETATM 1224 O O   . HOH B 2 .   ? -10.291 10.882  -1.344  1.00 30.78 ? 238 HOH A O   1 
HETATM 1225 O O   . HOH B 2 .   ? -2.050  -5.394  -16.276 1.00 36.14 ? 239 HOH A O   1 
HETATM 1226 O O   . HOH B 2 .   ? -3.658  -2.781  -16.155 1.00 34.90 ? 240 HOH A O   1 
HETATM 1227 O O   . HOH B 2 .   ? 14.183  15.165  -7.394  1.00 36.49 ? 241 HOH A O   1 
HETATM 1228 O O   . HOH B 2 .   ? 8.082   -9.136  -9.842  1.00 29.06 ? 242 HOH A O   1 
HETATM 1229 O O   . HOH B 2 .   ? -8.501  1.933   -14.021 1.00 29.13 ? 243 HOH A O   1 
HETATM 1230 O O   . HOH B 2 .   ? 10.052  -7.611  -8.315  1.00 33.37 ? 244 HOH A O   1 
HETATM 1231 O O   . HOH B 2 .   ? -7.827  -0.886  -14.970 1.00 40.29 ? 245 HOH A O   1 
HETATM 1232 O O   . HOH B 2 .   ? 14.112  11.953  -0.234  1.00 35.13 ? 246 HOH A O   1 
HETATM 1233 O O   . HOH B 2 .   ? -4.064  -2.546  23.302  1.00 37.65 ? 247 HOH A O   1 
HETATM 1234 O O   . HOH B 2 .   ? 17.495  12.320  -17.696 1.00 31.31 ? 248 HOH A O   1 
HETATM 1235 O O   . HOH B 2 .   ? -1.042  3.652   18.407  1.00 30.44 ? 249 HOH A O   1 
HETATM 1236 O O   . HOH B 2 .   ? 11.955  -0.993  -1.899  1.00 34.67 ? 250 HOH A O   1 
HETATM 1237 O O   . HOH B 2 .   ? 3.013   22.888  0.367   1.00 32.81 ? 251 HOH A O   1 
HETATM 1238 O O   . HOH B 2 .   ? -10.655 2.213   -12.461 1.00 36.39 ? 252 HOH A O   1 
HETATM 1239 O O   . HOH B 2 .   ? 3.899   7.351   -19.434 1.00 37.98 ? 253 HOH A O   1 
HETATM 1240 O O   . HOH B 2 .   ? -7.693  -25.329 15.051  1.00 38.34 ? 254 HOH A O   1 
HETATM 1241 O O   . HOH B 2 .   ? -0.421  3.838   13.826  1.00 33.59 ? 255 HOH A O   1 
HETATM 1242 O O   . HOH B 2 .   ? 0.404   2.368   -17.455 1.00 37.49 ? 256 HOH A O   1 
HETATM 1243 O O   . HOH B 2 .   ? -5.624  -2.966  -18.525 1.00 44.08 ? 257 HOH A O   1 
HETATM 1244 O O   . HOH B 2 .   ? 8.328   -8.098  -12.472 1.00 25.36 ? 258 HOH A O   1 
HETATM 1245 O O   . HOH B 2 .   ? 6.018   -8.239  -13.855 1.00 26.49 ? 259 HOH A O   1 
HETATM 1246 O O   . HOH B 2 .   ? 5.933   -8.592  -16.527 1.00 31.21 ? 260 HOH A O   1 
HETATM 1247 O O   . HOH B 2 .   ? 3.039   24.707  -1.563  1.00 39.24 ? 261 HOH A O   1 
HETATM 1248 O O   . HOH B 2 .   ? 5.883   23.394  -4.793  1.00 37.40 ? 262 HOH A O   1 
HETATM 1249 O O   . HOH B 2 .   ? 12.419  9.682   2.746   1.00 33.40 ? 263 HOH A O   1 
HETATM 1250 O O   . HOH B 2 .   ? -8.951  7.432   -7.305  1.00 39.26 ? 264 HOH A O   1 
HETATM 1251 O O   . HOH B 2 .   ? -8.807  9.672   -3.791  1.00 38.19 ? 265 HOH A O   1 
HETATM 1252 O O   . HOH B 2 .   ? 11.018  -6.418  -10.944 1.00 32.54 ? 266 HOH A O   1 
HETATM 1253 O O   . HOH B 2 .   ? 6.046   16.360  -12.693 1.00 27.48 ? 267 HOH A O   1 
HETATM 1254 O O   . HOH B 2 .   ? 9.381   -9.787  -6.174  1.00 36.78 ? 268 HOH A O   1 
HETATM 1255 O O   . HOH B 2 .   ? 2.965   -6.195  -19.807 1.00 34.77 ? 269 HOH A O   1 
HETATM 1256 O O   . HOH B 2 .   ? -9.577  3.036   -7.392  1.00 37.33 ? 270 HOH A O   1 
# 
